data_4Y0I
#
_entry.id   4Y0I
#
_cell.length_a   69.483
_cell.length_b   226.755
_cell.length_c   71.425
_cell.angle_alpha   90.00
_cell.angle_beta   108.79
_cell.angle_gamma   90.00
#
_symmetry.space_group_name_H-M   'P 1 21 1'
#
loop_
_entity.id
_entity.type
_entity.pdbx_description
1 polymer '4-aminobutyrate aminotransferase, mitochondrial'
2 non-polymer '4-[({3-HYDROXY-2-METHYL-5-[(PHOSPHONOOXY)METHYL]PYRIDIN-4-YL}METHYL)AMINO]THIOPHENE-2-CARBOXYLIC ACID'
3 non-polymer 'FE2/S2 (INORGANIC) CLUSTER'
4 non-polymer GLYCEROL
5 water water
#
_entity_poly.entity_id   1
_entity_poly.type   'polypeptide(L)'
_entity_poly.pdbx_seq_one_letter_code
;FDYDGPLMKTEVPGPRSRELMKQLNIIQNAEAVHFFCNYEESRGNYLVDVDGNRMLDLYSQISSIPIGYSHPALVKLVQQ
PQNVSTFINRPALGILPPENFVEKLRESLLSVAPKGMSQLITMACGSCSNENAFKTIFMWYRSKERGESAFSKEELETCM
INQAPGCPDYSILSFMGAFHGRTMGCLATTHSKAIHKIDIPSFDWPIAPFPRLKYPLEEFVKENQQEEARCLEEVEDLIV
KYRKKKKTVAGIIVEPIQSEGGDNHASDDFFRKLRDISRKHGCAFLVDEVQTGGGSTGKFWAHEHWGLDDPADVMTFSKK
MMTGGFFHKEEFRPNAPYRIFNTWLGDPSKNLLLAEVINIIKREDLLSNAAHAGKVLLTGLLDLQARYPQFISRVRGRGT
FCSFDTPDESIRNKLISIARNKGVMLGGCGDKSIRFRPTLVFRDHHAHLFLNIFSDILADF
;
_entity_poly.pdbx_strand_id   A,B,C,D
#
loop_
_chem_comp.id
_chem_comp.type
_chem_comp.name
_chem_comp.formula
FES non-polymer 'FE2/S2 (INORGANIC) CLUSTER' 'Fe2 S2'
GOL non-polymer GLYCEROL 'C3 H8 O3'
PSZ non-polymer '4-[({3-HYDROXY-2-METHYL-5-[(PHOSPHONOOXY)METHYL]PYRIDIN-4-YL}METHYL)AMINO]THIOPHENE-2-CARBOXYLIC ACID' 'C13 H15 N2 O7 P S'
#
# COMPACT_ATOMS: atom_id res chain seq x y z
N PHE A 1 -20.62 26.91 -8.70
CA PHE A 1 -21.08 26.62 -7.34
C PHE A 1 -22.54 27.01 -7.12
N ASP A 2 -23.03 27.98 -7.89
CA ASP A 2 -24.42 28.44 -7.80
C ASP A 2 -24.81 29.47 -8.88
N TYR A 3 -26.10 29.56 -9.19
CA TYR A 3 -26.62 30.64 -10.02
C TYR A 3 -26.81 31.87 -9.16
N ASP A 4 -27.26 32.96 -9.77
CA ASP A 4 -27.39 34.22 -9.04
C ASP A 4 -28.84 34.58 -8.72
N GLY A 5 -29.80 33.81 -9.22
CA GLY A 5 -31.19 34.05 -8.93
C GLY A 5 -32.09 33.12 -9.74
N PRO A 6 -33.36 33.00 -9.33
CA PRO A 6 -34.29 32.17 -10.14
C PRO A 6 -34.57 32.80 -11.50
N LEU A 7 -34.96 31.97 -12.46
CA LEU A 7 -35.32 32.44 -13.78
C LEU A 7 -36.47 31.58 -14.27
N MET A 8 -37.67 32.15 -14.37
CA MET A 8 -38.83 31.36 -14.78
C MET A 8 -39.17 31.56 -16.25
N LYS A 9 -39.46 30.45 -16.93
CA LYS A 9 -39.87 30.49 -18.32
C LYS A 9 -41.36 30.16 -18.50
N THR A 10 -41.86 29.21 -17.70
CA THR A 10 -43.24 28.79 -17.83
C THR A 10 -43.89 28.58 -16.46
N GLU A 11 -45.19 28.30 -16.49
CA GLU A 11 -45.90 27.82 -15.32
C GLU A 11 -45.31 26.48 -14.92
N VAL A 12 -45.45 26.11 -13.65
CA VAL A 12 -44.95 24.82 -13.23
C VAL A 12 -46.07 23.98 -12.64
N PRO A 13 -46.27 22.75 -13.16
CA PRO A 13 -45.46 22.11 -14.21
C PRO A 13 -45.74 22.64 -15.60
N GLY A 14 -44.70 22.77 -16.40
CA GLY A 14 -44.82 23.21 -17.77
C GLY A 14 -45.15 22.05 -18.69
N PRO A 15 -45.29 22.33 -19.99
CA PRO A 15 -45.77 21.33 -20.95
C PRO A 15 -44.92 20.05 -21.01
N ARG A 16 -43.60 20.18 -20.91
CA ARG A 16 -42.74 19.00 -20.97
C ARG A 16 -42.89 18.15 -19.71
N SER A 17 -42.99 18.77 -18.54
CA SER A 17 -43.29 18.03 -17.32
C SER A 17 -44.65 17.34 -17.41
N ARG A 18 -45.67 18.05 -17.90
CA ARG A 18 -47.01 17.46 -17.94
C ARG A 18 -47.02 16.24 -18.87
N GLU A 19 -46.27 16.30 -19.96
CA GLU A 19 -46.15 15.16 -20.87
C GLU A 19 -45.49 13.97 -20.16
N LEU A 20 -44.40 14.23 -19.45
CA LEU A 20 -43.69 13.15 -18.75
C LEU A 20 -44.54 12.59 -17.62
N MET A 21 -45.32 13.46 -16.97
CA MET A 21 -46.20 13.00 -15.89
C MET A 21 -47.31 12.09 -16.44
N LYS A 22 -47.81 12.41 -17.63
CA LYS A 22 -48.80 11.57 -18.29
C LYS A 22 -48.23 10.18 -18.59
N GLN A 23 -47.00 10.14 -19.10
CA GLN A 23 -46.31 8.87 -19.36
C GLN A 23 -46.13 8.03 -18.10
N LEU A 24 -45.66 8.67 -17.02
CA LEU A 24 -45.42 7.93 -15.79
C LEU A 24 -46.73 7.42 -15.19
N ASN A 25 -47.79 8.20 -15.33
CA ASN A 25 -49.07 7.84 -14.74
C ASN A 25 -49.66 6.53 -15.33
N ILE A 26 -49.16 6.13 -16.50
CA ILE A 26 -49.55 4.84 -17.06
C ILE A 26 -49.07 3.67 -16.17
N ILE A 27 -47.84 3.77 -15.66
CA ILE A 27 -47.26 2.62 -14.95
C ILE A 27 -47.43 2.69 -13.43
N GLN A 28 -47.83 3.84 -12.91
CA GLN A 28 -48.02 3.99 -11.47
C GLN A 28 -48.82 5.26 -11.18
N ASN A 29 -49.37 5.37 -9.98
CA ASN A 29 -50.02 6.60 -9.57
C ASN A 29 -48.96 7.69 -9.47
N ALA A 30 -49.07 8.69 -10.33
CA ALA A 30 -48.07 9.74 -10.42
C ALA A 30 -48.61 11.09 -9.96
N GLU A 31 -49.69 11.06 -9.18
CA GLU A 31 -50.34 12.30 -8.75
C GLU A 31 -49.50 13.14 -7.77
N ALA A 32 -48.56 12.51 -7.07
CA ALA A 32 -47.69 13.25 -6.15
C ALA A 32 -46.60 14.04 -6.87
N VAL A 33 -46.32 13.68 -8.13
CA VAL A 33 -45.22 14.33 -8.85
C VAL A 33 -45.45 15.83 -8.99
N HIS A 34 -44.47 16.62 -8.53
CA HIS A 34 -44.51 18.07 -8.66
C HIS A 34 -44.20 18.50 -10.08
N PHE A 35 -43.02 18.08 -10.55
CA PHE A 35 -42.57 18.29 -11.91
C PHE A 35 -41.37 17.38 -12.17
N PHE A 36 -40.94 17.29 -13.42
CA PHE A 36 -39.74 16.53 -13.78
C PHE A 36 -38.55 17.46 -13.85
N CYS A 37 -37.38 16.95 -13.47
CA CYS A 37 -36.20 17.79 -13.27
C CYS A 37 -35.02 17.49 -14.19
N ASN A 38 -34.29 18.54 -14.52
CA ASN A 38 -33.00 18.45 -15.19
C ASN A 38 -31.89 18.59 -14.14
N TYR A 39 -31.48 17.49 -13.54
CA TYR A 39 -30.50 17.57 -12.47
C TYR A 39 -29.13 17.95 -13.00
N GLU A 40 -28.86 17.63 -14.25
CA GLU A 40 -27.58 17.96 -14.87
C GLU A 40 -27.34 19.48 -14.90
N GLU A 41 -28.41 20.26 -15.02
CA GLU A 41 -28.30 21.72 -15.08
C GLU A 41 -28.53 22.37 -13.72
N SER A 42 -28.99 21.59 -12.76
CA SER A 42 -29.22 22.10 -11.42
C SER A 42 -27.88 22.36 -10.73
N ARG A 43 -27.82 23.39 -9.90
CA ARG A 43 -26.57 23.78 -9.28
C ARG A 43 -26.81 24.50 -7.96
N GLY A 44 -26.09 24.09 -6.92
CA GLY A 44 -26.18 24.75 -5.64
C GLY A 44 -27.59 24.73 -5.10
N ASN A 45 -28.14 25.92 -4.86
CA ASN A 45 -29.49 26.06 -4.31
C ASN A 45 -30.59 26.00 -5.37
N TYR A 46 -30.22 25.81 -6.63
CA TYR A 46 -31.19 25.94 -7.72
C TYR A 46 -31.52 24.63 -8.44
N LEU A 47 -32.80 24.35 -8.53
CA LEU A 47 -33.32 23.19 -9.23
C LEU A 47 -33.86 23.62 -10.58
N VAL A 48 -33.41 22.96 -11.63
CA VAL A 48 -33.86 23.30 -12.97
C VAL A 48 -34.83 22.21 -13.45
N ASP A 49 -35.96 22.61 -14.02
CA ASP A 49 -36.90 21.57 -14.51
C ASP A 49 -36.77 21.36 -16.02
N VAL A 50 -37.57 20.45 -16.54
CA VAL A 50 -37.42 20.03 -17.93
C VAL A 50 -37.99 21.07 -18.90
N ASP A 51 -38.63 22.09 -18.35
CA ASP A 51 -39.16 23.19 -19.16
C ASP A 51 -38.25 24.40 -19.07
N GLY A 52 -37.07 24.21 -18.48
CA GLY A 52 -36.07 25.27 -18.40
C GLY A 52 -36.24 26.25 -17.25
N ASN A 53 -37.25 26.02 -16.40
CA ASN A 53 -37.42 26.88 -15.22
C ASN A 53 -36.34 26.63 -14.18
N ARG A 54 -35.82 27.70 -13.61
CA ARG A 54 -34.79 27.60 -12.58
C ARG A 54 -35.31 28.14 -11.26
N MET A 55 -35.49 27.26 -10.27
CA MET A 55 -36.12 27.64 -9.04
C MET A 55 -35.15 27.59 -7.87
N LEU A 56 -35.27 28.58 -6.98
CA LEU A 56 -34.59 28.54 -5.70
C LEU A 56 -35.24 27.42 -4.86
N ASP A 57 -34.48 26.38 -4.54
CA ASP A 57 -35.05 25.21 -3.90
C ASP A 57 -34.89 25.26 -2.38
N LEU A 58 -35.98 25.56 -1.67
CA LEU A 58 -35.94 25.60 -0.22
C LEU A 58 -36.60 24.37 0.41
N TYR A 59 -36.70 23.29 -0.36
CA TYR A 59 -37.32 22.06 0.12
C TYR A 59 -36.31 20.91 0.06
N SER A 60 -35.33 21.07 -0.83
CA SER A 60 -34.18 20.18 -1.04
C SER A 60 -34.47 18.66 -1.02
N GLN A 61 -35.45 18.23 -1.82
CA GLN A 61 -35.79 16.80 -1.97
C GLN A 61 -36.21 16.20 -0.63
N ILE A 62 -37.13 16.88 0.06
CA ILE A 62 -37.60 16.51 1.39
C ILE A 62 -36.40 16.47 2.37
N SER A 63 -35.62 17.55 2.33
CA SER A 63 -34.54 17.79 3.29
C SER A 63 -33.43 16.73 3.20
N SER A 64 -33.07 16.30 1.99
CA SER A 64 -32.10 15.22 1.85
C SER A 64 -30.84 15.58 1.03
N ILE A 65 -30.80 16.76 0.44
CA ILE A 65 -29.62 17.21 -0.33
C ILE A 65 -28.75 18.09 0.58
N PRO A 66 -27.55 17.61 0.95
CA PRO A 66 -26.82 18.34 1.99
C PRO A 66 -26.08 19.59 1.51
N ILE A 67 -25.33 19.52 0.40
CA ILE A 67 -24.54 20.68 -0.02
C ILE A 67 -24.87 21.12 -1.45
N GLY A 68 -26.15 21.04 -1.79
CA GLY A 68 -26.64 21.55 -3.04
C GLY A 68 -26.48 20.60 -4.21
N TYR A 69 -27.03 20.99 -5.36
CA TYR A 69 -26.98 20.18 -6.57
C TYR A 69 -25.66 20.29 -7.29
N SER A 70 -25.22 19.19 -7.86
CA SER A 70 -24.02 19.17 -8.72
C SER A 70 -22.82 19.82 -8.05
N HIS A 71 -22.55 19.47 -6.80
CA HIS A 71 -21.43 20.08 -6.10
C HIS A 71 -20.13 19.63 -6.74
N PRO A 72 -19.25 20.59 -7.07
CA PRO A 72 -18.00 20.28 -7.78
C PRO A 72 -17.11 19.30 -7.03
N ALA A 73 -17.17 19.27 -5.71
CA ALA A 73 -16.36 18.33 -4.95
C ALA A 73 -16.88 16.90 -5.12
N LEU A 74 -18.19 16.76 -5.26
CA LEU A 74 -18.78 15.43 -5.46
C LEU A 74 -18.57 14.97 -6.89
N VAL A 75 -18.67 15.92 -7.83
CA VAL A 75 -18.31 15.69 -9.23
C VAL A 75 -16.92 15.06 -9.32
N LYS A 76 -15.95 15.65 -8.64
CA LYS A 76 -14.58 15.19 -8.77
C LYS A 76 -14.41 13.77 -8.19
N LEU A 77 -15.16 13.42 -7.14
CA LEU A 77 -15.15 12.06 -6.60
C LEU A 77 -15.53 11.01 -7.64
N VAL A 78 -16.62 11.28 -8.37
CA VAL A 78 -17.13 10.33 -9.34
C VAL A 78 -16.19 10.23 -10.54
N GLN A 79 -15.40 11.29 -10.76
CA GLN A 79 -14.51 11.32 -11.91
C GLN A 79 -13.22 10.54 -11.64
N GLN A 80 -12.92 10.27 -10.36
CA GLN A 80 -11.69 9.56 -10.01
C GLN A 80 -11.77 8.09 -10.42
N PRO A 81 -10.81 7.61 -11.24
CA PRO A 81 -10.77 6.21 -11.65
C PRO A 81 -10.77 5.22 -10.48
N GLN A 82 -10.13 5.60 -9.37
CA GLN A 82 -10.01 4.67 -8.26
C GLN A 82 -11.34 4.46 -7.54
N ASN A 83 -12.34 5.28 -7.83
CA ASN A 83 -13.64 5.16 -7.15
C ASN A 83 -14.68 4.39 -7.96
N VAL A 84 -14.33 4.00 -9.19
CA VAL A 84 -15.26 3.27 -10.05
C VAL A 84 -15.81 1.98 -9.41
N SER A 85 -14.93 1.18 -8.81
CA SER A 85 -15.38 -0.08 -8.17
C SER A 85 -16.43 0.15 -7.08
N THR A 86 -16.30 1.26 -6.35
CA THR A 86 -17.23 1.54 -5.26
C THR A 86 -18.66 1.70 -5.79
N PHE A 87 -18.79 2.18 -7.02
CA PHE A 87 -20.12 2.40 -7.60
C PHE A 87 -20.71 1.18 -8.29
N ILE A 88 -19.88 0.20 -8.67
CA ILE A 88 -20.38 -0.94 -9.46
C ILE A 88 -20.22 -2.31 -8.79
N ASN A 89 -19.53 -2.32 -7.65
CA ASN A 89 -19.37 -3.56 -6.90
C ASN A 89 -19.97 -3.41 -5.52
N ARG A 90 -21.28 -3.57 -5.39
CA ARG A 90 -21.89 -3.34 -4.09
C ARG A 90 -21.87 -4.58 -3.20
N PRO A 91 -21.28 -4.44 -2.01
CA PRO A 91 -21.08 -5.60 -1.14
C PRO A 91 -22.25 -5.90 -0.18
N ALA A 92 -22.35 -7.16 0.20
CA ALA A 92 -23.12 -7.52 1.37
C ALA A 92 -22.29 -7.14 2.59
N LEU A 93 -22.49 -5.90 3.05
CA LEU A 93 -21.59 -5.26 4.01
C LEU A 93 -21.45 -6.03 5.32
N GLY A 94 -22.51 -6.71 5.75
CA GLY A 94 -22.49 -7.45 7.01
C GLY A 94 -21.53 -8.62 7.01
N ILE A 95 -21.20 -9.13 5.82
CA ILE A 95 -20.31 -10.29 5.74
C ILE A 95 -19.02 -10.04 4.97
N LEU A 96 -19.06 -9.16 3.98
CA LEU A 96 -17.91 -8.98 3.09
C LEU A 96 -17.59 -7.51 2.81
N PRO A 97 -17.21 -6.76 3.86
CA PRO A 97 -16.93 -5.33 3.73
C PRO A 97 -15.68 -5.08 2.90
N PRO A 98 -15.62 -3.93 2.21
CA PRO A 98 -14.43 -3.55 1.44
C PRO A 98 -13.31 -3.17 2.37
N GLU A 99 -12.08 -3.24 1.87
CA GLU A 99 -10.88 -2.95 2.67
C GLU A 99 -10.96 -1.62 3.42
N ASN A 100 -11.51 -0.60 2.78
CA ASN A 100 -11.50 0.75 3.33
C ASN A 100 -12.73 1.06 4.20
N PHE A 101 -13.49 0.03 4.57
CA PHE A 101 -14.78 0.24 5.26
C PHE A 101 -14.63 1.05 6.55
N VAL A 102 -13.73 0.62 7.42
CA VAL A 102 -13.57 1.28 8.71
C VAL A 102 -12.99 2.69 8.55
N GLU A 103 -12.00 2.83 7.68
CA GLU A 103 -11.37 4.13 7.49
C GLU A 103 -12.35 5.15 6.92
N LYS A 104 -13.18 4.74 5.97
CA LYS A 104 -14.15 5.65 5.38
C LYS A 104 -15.21 6.03 6.41
N LEU A 105 -15.51 5.12 7.33
CA LEU A 105 -16.38 5.43 8.45
C LEU A 105 -15.70 6.44 9.39
N ARG A 106 -14.39 6.30 9.61
CA ARG A 106 -13.66 7.27 10.44
C ARG A 106 -13.69 8.67 9.80
N GLU A 107 -13.59 8.72 8.47
CA GLU A 107 -13.63 9.98 7.76
C GLU A 107 -15.02 10.59 7.75
N SER A 108 -16.04 9.77 8.00
CA SER A 108 -17.40 10.27 7.86
C SER A 108 -18.18 10.17 9.17
N LEU A 109 -19.03 9.15 9.28
CA LEU A 109 -19.96 9.03 10.41
C LEU A 109 -19.32 9.06 11.80
N LEU A 110 -18.22 8.34 11.98
CA LEU A 110 -17.58 8.31 13.30
C LEU A 110 -17.02 9.68 13.70
N SER A 111 -16.74 10.53 12.72
CA SER A 111 -16.18 11.84 13.03
C SER A 111 -17.25 12.80 13.57
N VAL A 112 -18.51 12.36 13.54
CA VAL A 112 -19.61 13.17 14.08
C VAL A 112 -20.50 12.36 15.01
N ALA A 113 -19.93 11.37 15.67
CA ALA A 113 -20.70 10.55 16.59
C ALA A 113 -21.25 11.42 17.71
N PRO A 114 -22.52 11.17 18.11
CA PRO A 114 -23.13 11.85 19.25
C PRO A 114 -22.40 11.49 20.54
N LYS A 115 -22.51 12.34 21.56
CA LYS A 115 -21.84 12.08 22.83
C LYS A 115 -22.36 10.80 23.45
N GLY A 116 -21.43 9.98 23.96
CA GLY A 116 -21.80 8.78 24.67
C GLY A 116 -22.14 7.56 23.82
N MET A 117 -22.07 7.71 22.50
CA MET A 117 -22.44 6.61 21.61
C MET A 117 -21.26 6.09 20.81
N SER A 118 -20.68 4.98 21.26
CA SER A 118 -19.49 4.43 20.61
C SER A 118 -19.82 3.47 19.48
N GLN A 119 -21.09 3.06 19.38
CA GLN A 119 -21.49 2.05 18.41
C GLN A 119 -22.14 2.68 17.18
N LEU A 120 -21.98 2.04 16.04
CA LEU A 120 -22.61 2.50 14.81
C LEU A 120 -22.92 1.32 13.91
N ILE A 121 -24.17 1.27 13.45
CA ILE A 121 -24.59 0.33 12.41
C ILE A 121 -25.19 1.15 11.26
N THR A 122 -24.85 0.80 10.02
CA THR A 122 -25.36 1.53 8.87
C THR A 122 -26.59 0.84 8.26
N MET A 123 -27.48 1.65 7.70
CA MET A 123 -28.72 1.19 7.06
C MET A 123 -28.96 2.05 5.82
N ALA A 124 -29.81 1.61 4.90
CA ALA A 124 -29.95 2.33 3.63
C ALA A 124 -30.98 3.46 3.64
N CYS A 125 -31.87 3.51 4.63
CA CYS A 125 -32.86 4.59 4.71
C CYS A 125 -33.34 4.84 6.13
N GLY A 126 -34.17 5.86 6.28
CA GLY A 126 -34.67 6.22 7.60
C GLY A 126 -35.56 5.17 8.23
N SER A 127 -36.41 4.54 7.42
CA SER A 127 -37.33 3.54 7.92
C SER A 127 -36.60 2.32 8.51
N CYS A 128 -35.64 1.75 7.78
CA CYS A 128 -34.97 0.55 8.33
C CYS A 128 -33.99 0.95 9.44
N SER A 129 -33.58 2.20 9.46
CA SER A 129 -32.82 2.70 10.61
C SER A 129 -33.67 2.62 11.86
N ASN A 130 -34.88 3.17 11.79
CA ASN A 130 -35.76 3.18 12.93
C ASN A 130 -36.22 1.77 13.29
N GLU A 131 -36.54 0.97 12.26
CA GLU A 131 -36.95 -0.42 12.52
C GLU A 131 -35.88 -1.18 13.28
N ASN A 132 -34.63 -1.05 12.84
CA ASN A 132 -33.59 -1.80 13.50
C ASN A 132 -33.20 -1.22 14.85
N ALA A 133 -33.44 0.08 15.04
CA ALA A 133 -33.30 0.66 16.37
C ALA A 133 -34.33 0.06 17.31
N PHE A 134 -35.58 -0.08 16.87
CA PHE A 134 -36.60 -0.73 17.68
C PHE A 134 -36.15 -2.12 18.08
N LYS A 135 -35.61 -2.86 17.12
CA LYS A 135 -35.23 -4.25 17.36
C LYS A 135 -34.03 -4.34 18.31
N THR A 136 -33.06 -3.46 18.11
CA THR A 136 -31.93 -3.36 19.04
C THR A 136 -32.42 -3.12 20.46
N ILE A 137 -33.42 -2.25 20.58
CA ILE A 137 -33.98 -1.90 21.87
C ILE A 137 -34.75 -3.06 22.51
N PHE A 138 -35.53 -3.77 21.70
CA PHE A 138 -36.28 -4.93 22.21
C PHE A 138 -35.34 -6.01 22.73
N MET A 139 -34.29 -6.31 21.98
CA MET A 139 -33.30 -7.32 22.35
CA MET A 139 -33.39 -7.37 22.41
C MET A 139 -32.56 -6.93 23.62
N TRP A 140 -32.27 -5.63 23.72
CA TRP A 140 -31.61 -5.08 24.91
C TRP A 140 -32.49 -5.25 26.14
N TYR A 141 -33.75 -4.87 26.01
CA TYR A 141 -34.70 -4.99 27.11
C TYR A 141 -34.89 -6.44 27.57
N ARG A 142 -35.03 -7.36 26.61
CA ARG A 142 -35.14 -8.79 26.92
CA ARG A 142 -35.15 -8.79 26.94
C ARG A 142 -33.89 -9.26 27.64
N SER A 143 -32.74 -8.77 27.20
CA SER A 143 -31.46 -9.15 27.77
C SER A 143 -31.36 -8.69 29.22
N LYS A 144 -31.93 -7.52 29.50
CA LYS A 144 -32.05 -7.04 30.87
C LYS A 144 -32.84 -8.02 31.74
N GLU A 145 -33.95 -8.51 31.20
CA GLU A 145 -34.88 -9.33 31.98
C GLU A 145 -34.41 -10.76 32.19
N ARG A 146 -33.67 -11.32 31.25
CA ARG A 146 -33.23 -12.70 31.39
C ARG A 146 -31.82 -12.79 31.98
N GLY A 147 -31.21 -11.64 32.25
CA GLY A 147 -29.87 -11.58 32.81
C GLY A 147 -28.86 -12.37 32.01
N GLU A 148 -28.18 -13.31 32.67
CA GLU A 148 -27.19 -14.16 32.00
C GLU A 148 -27.75 -15.51 31.60
N SER A 149 -29.05 -15.71 31.82
CA SER A 149 -29.72 -16.92 31.34
C SER A 149 -29.70 -16.94 29.81
N ALA A 150 -29.65 -18.14 29.25
CA ALA A 150 -29.66 -18.28 27.79
C ALA A 150 -31.08 -18.21 27.26
N PHE A 151 -31.22 -18.27 25.93
CA PHE A 151 -32.53 -18.39 25.30
C PHE A 151 -33.22 -19.64 25.79
N SER A 152 -34.42 -19.49 26.36
CA SER A 152 -35.17 -20.65 26.84
C SER A 152 -35.69 -21.44 25.64
N LYS A 153 -35.87 -22.74 25.84
CA LYS A 153 -36.30 -23.62 24.75
C LYS A 153 -37.68 -23.22 24.27
N GLU A 154 -38.50 -22.72 25.18
CA GLU A 154 -39.85 -22.30 24.86
C GLU A 154 -39.82 -21.06 23.97
N GLU A 155 -38.96 -20.10 24.33
CA GLU A 155 -38.82 -18.87 23.57
C GLU A 155 -38.33 -19.15 22.15
N LEU A 156 -37.35 -20.04 22.04
CA LEU A 156 -36.81 -20.41 20.72
C LEU A 156 -37.86 -21.10 19.85
N GLU A 157 -38.80 -21.78 20.49
CA GLU A 157 -39.88 -22.45 19.78
C GLU A 157 -40.96 -21.47 19.32
N THR A 158 -41.47 -20.70 20.26
CA THR A 158 -42.59 -19.81 20.03
C THR A 158 -42.24 -18.63 19.10
N CYS A 159 -40.99 -18.22 19.11
CA CYS A 159 -40.60 -17.07 18.30
C CYS A 159 -40.73 -17.40 16.82
N MET A 160 -40.51 -18.66 16.46
CA MET A 160 -40.63 -19.09 15.07
C MET A 160 -42.07 -19.01 14.55
N ILE A 161 -43.03 -19.10 15.45
CA ILE A 161 -44.44 -19.06 15.03
C ILE A 161 -45.17 -17.83 15.59
N ASN A 162 -44.44 -16.73 15.73
CA ASN A 162 -45.03 -15.43 16.05
C ASN A 162 -45.74 -15.40 17.40
N GLN A 163 -45.28 -16.22 18.35
CA GLN A 163 -45.93 -16.32 19.64
C GLN A 163 -45.02 -15.96 20.82
N ALA A 164 -45.63 -15.40 21.85
CA ALA A 164 -44.98 -15.25 23.14
C ALA A 164 -44.67 -16.63 23.72
N PRO A 165 -43.61 -16.73 24.54
CA PRO A 165 -42.72 -15.66 25.01
C PRO A 165 -41.59 -15.32 24.04
N GLY A 166 -41.45 -16.09 22.97
CA GLY A 166 -40.37 -15.85 22.01
C GLY A 166 -40.52 -14.50 21.35
N CYS A 167 -41.76 -14.15 21.03
CA CYS A 167 -42.11 -12.81 20.54
C CYS A 167 -42.80 -12.05 21.66
N PRO A 168 -42.07 -11.16 22.36
CA PRO A 168 -42.66 -10.45 23.50
C PRO A 168 -43.67 -9.40 23.05
N ASP A 169 -44.49 -8.94 23.99
CA ASP A 169 -45.49 -7.94 23.68
C ASP A 169 -45.02 -6.55 24.11
N TYR A 170 -43.73 -6.30 23.91
CA TYR A 170 -43.14 -4.99 24.17
C TYR A 170 -43.68 -3.89 23.27
N SER A 171 -43.62 -2.67 23.76
CA SER A 171 -44.11 -1.53 23.00
C SER A 171 -43.03 -0.45 22.88
N ILE A 172 -43.15 0.38 21.85
CA ILE A 172 -42.38 1.61 21.73
C ILE A 172 -43.35 2.76 21.91
N LEU A 173 -43.05 3.69 22.83
CA LEU A 173 -43.90 4.86 23.01
C LEU A 173 -43.53 5.93 21.98
N SER A 174 -44.55 6.50 21.34
CA SER A 174 -44.35 7.56 20.33
C SER A 174 -45.31 8.71 20.59
N PHE A 175 -45.15 9.82 19.85
CA PHE A 175 -45.94 11.02 20.11
C PHE A 175 -46.91 11.33 19.00
N MET A 176 -48.07 11.88 19.36
CA MET A 176 -48.98 12.43 18.36
C MET A 176 -48.23 13.47 17.56
N GLY A 177 -48.46 13.49 16.24
CA GLY A 177 -47.74 14.39 15.35
C GLY A 177 -46.43 13.84 14.80
N ALA A 178 -46.00 12.68 15.30
CA ALA A 178 -44.70 12.13 14.89
C ALA A 178 -44.69 11.57 13.48
N PHE A 179 -43.50 11.53 12.87
CA PHE A 179 -43.30 10.76 11.66
C PHE A 179 -41.97 10.04 11.73
N HIS A 180 -42.01 8.72 11.67
CA HIS A 180 -40.80 7.92 11.81
C HIS A 180 -40.58 6.91 10.69
N GLY A 181 -41.44 6.97 9.66
CA GLY A 181 -41.27 6.11 8.52
C GLY A 181 -42.52 5.31 8.21
N ARG A 182 -42.45 4.49 7.17
CA ARG A 182 -43.62 3.89 6.52
C ARG A 182 -43.73 2.37 6.63
N THR A 183 -42.65 1.68 6.97
CA THR A 183 -42.72 0.23 7.14
C THR A 183 -43.56 -0.03 8.40
N MET A 184 -44.05 -1.25 8.59
CA MET A 184 -45.15 -1.42 9.55
C MET A 184 -44.80 -1.17 11.01
N GLY A 185 -43.55 -1.41 11.42
CA GLY A 185 -43.10 -1.05 12.76
C GLY A 185 -42.99 0.47 12.94
N CYS A 186 -42.22 1.11 12.07
CA CYS A 186 -42.17 2.58 11.98
C CYS A 186 -43.52 3.23 11.97
N LEU A 187 -44.39 2.68 11.12
CA LEU A 187 -45.68 3.29 10.90
C LEU A 187 -46.51 3.34 12.17
N ALA A 188 -46.39 2.32 13.03
CA ALA A 188 -47.11 2.30 14.29
C ALA A 188 -46.70 3.47 15.18
N THR A 189 -45.48 3.98 15.00
CA THR A 189 -45.02 5.12 15.78
C THR A 189 -45.25 6.44 15.05
N THR A 190 -45.81 6.35 13.83
CA THR A 190 -46.08 7.55 13.03
C THR A 190 -47.51 8.03 13.25
N HIS A 191 -47.71 9.32 13.49
CA HIS A 191 -49.05 9.88 13.76
C HIS A 191 -49.16 11.27 13.15
N SER A 192 -48.83 11.34 11.87
CA SER A 192 -48.71 12.59 11.12
C SER A 192 -49.98 13.00 10.39
N LYS A 193 -50.39 12.18 9.43
CA LYS A 193 -51.59 12.41 8.61
C LYS A 193 -52.34 11.10 8.46
N ALA A 194 -53.67 11.18 8.36
CA ALA A 194 -54.46 9.96 8.23
C ALA A 194 -54.13 9.19 6.95
N ILE A 195 -53.78 9.91 5.89
CA ILE A 195 -53.53 9.25 4.61
C ILE A 195 -52.30 8.31 4.70
N HIS A 196 -51.42 8.58 5.67
CA HIS A 196 -50.26 7.72 5.93
C HIS A 196 -50.62 6.43 6.68
N LYS A 197 -51.76 6.44 7.37
CA LYS A 197 -52.08 5.38 8.34
C LYS A 197 -53.26 4.51 7.93
N ILE A 198 -54.18 5.08 7.17
CA ILE A 198 -55.46 4.43 6.97
C ILE A 198 -55.36 3.12 6.19
N ASP A 199 -56.07 2.11 6.68
CA ASP A 199 -56.21 0.77 6.09
C ASP A 199 -54.99 -0.14 6.33
N ILE A 200 -54.05 0.31 7.17
CA ILE A 200 -52.87 -0.50 7.47
C ILE A 200 -52.91 -1.04 8.90
N PRO A 201 -52.73 -2.36 9.07
CA PRO A 201 -52.69 -2.94 10.43
C PRO A 201 -51.59 -2.30 11.26
N SER A 202 -51.80 -2.22 12.57
CA SER A 202 -50.86 -1.50 13.46
C SER A 202 -50.55 -2.26 14.74
N PHE A 203 -49.89 -1.59 15.67
CA PHE A 203 -49.59 -2.12 16.99
C PHE A 203 -50.30 -1.29 18.04
N ASP A 204 -50.81 -1.92 19.09
CA ASP A 204 -51.36 -1.20 20.24
C ASP A 204 -50.20 -0.74 21.14
N TRP A 205 -49.57 0.36 20.76
CA TRP A 205 -48.47 0.93 21.54
C TRP A 205 -48.91 2.29 22.08
N PRO A 206 -48.30 2.77 23.18
CA PRO A 206 -48.76 4.03 23.78
C PRO A 206 -48.43 5.25 22.95
N ILE A 207 -49.36 6.19 22.87
CA ILE A 207 -49.18 7.42 22.12
C ILE A 207 -49.39 8.63 23.02
N ALA A 208 -48.32 9.40 23.19
CA ALA A 208 -48.32 10.57 24.06
C ALA A 208 -48.53 11.86 23.29
N PRO A 209 -49.08 12.88 23.95
CA PRO A 209 -49.20 14.19 23.30
C PRO A 209 -47.84 14.88 23.22
N PHE A 210 -47.56 15.50 22.08
CA PHE A 210 -46.38 16.33 21.94
C PHE A 210 -46.80 17.77 22.25
N PRO A 211 -45.97 18.50 23.01
CA PRO A 211 -46.29 19.89 23.37
C PRO A 211 -46.71 20.73 22.17
N ARG A 212 -47.77 21.51 22.32
CA ARG A 212 -48.10 22.52 21.32
C ARG A 212 -47.81 23.89 21.90
N LEU A 213 -46.66 24.45 21.50
CA LEU A 213 -46.24 25.75 21.99
C LEU A 213 -47.14 26.87 21.48
N LYS A 214 -47.24 27.94 22.27
CA LYS A 214 -48.00 29.12 21.89
C LYS A 214 -47.04 30.28 21.59
N TYR A 215 -47.35 31.04 20.56
CA TYR A 215 -46.48 32.10 20.08
C TYR A 215 -47.17 33.46 20.13
N PRO A 216 -46.40 34.54 20.37
CA PRO A 216 -44.95 34.56 20.58
C PRO A 216 -44.52 33.89 21.88
N LEU A 217 -43.42 33.15 21.85
CA LEU A 217 -42.94 32.42 23.01
C LEU A 217 -42.79 33.32 24.23
N GLU A 218 -42.38 34.56 23.99
CA GLU A 218 -42.09 35.47 25.10
C GLU A 218 -43.35 35.91 25.85
N GLU A 219 -44.50 35.67 25.25
CA GLU A 219 -45.76 36.09 25.87
C GLU A 219 -46.51 34.90 26.47
N PHE A 220 -45.96 33.70 26.30
CA PHE A 220 -46.61 32.49 26.80
C PHE A 220 -45.63 31.64 27.62
N VAL A 221 -44.74 32.29 28.36
CA VAL A 221 -43.72 31.58 29.12
C VAL A 221 -44.32 30.58 30.11
N LYS A 222 -45.26 31.04 30.94
CA LYS A 222 -45.89 30.17 31.92
C LYS A 222 -46.73 29.08 31.26
N GLU A 223 -47.49 29.49 30.25
CA GLU A 223 -48.38 28.56 29.55
C GLU A 223 -47.60 27.43 28.88
N ASN A 224 -46.48 27.78 28.23
CA ASN A 224 -45.70 26.78 27.52
C ASN A 224 -45.03 25.80 28.50
N GLN A 225 -44.55 26.31 29.63
CA GLN A 225 -44.04 25.45 30.70
C GLN A 225 -45.09 24.44 31.18
N GLN A 226 -46.31 24.92 31.37
CA GLN A 226 -47.38 24.07 31.88
C GLN A 226 -47.81 23.04 30.84
N GLU A 227 -47.77 23.44 29.58
CA GLU A 227 -48.09 22.54 28.48
C GLU A 227 -47.07 21.42 28.42
N GLU A 228 -45.79 21.79 28.42
CA GLU A 228 -44.72 20.79 28.41
C GLU A 228 -44.80 19.88 29.63
N ALA A 229 -45.06 20.46 30.81
CA ALA A 229 -45.17 19.66 32.03
C ALA A 229 -46.31 18.66 31.94
N ARG A 230 -47.45 19.10 31.38
CA ARG A 230 -48.60 18.23 31.16
C ARG A 230 -48.24 17.03 30.28
N CYS A 231 -47.52 17.30 29.19
CA CYS A 231 -47.19 16.23 28.26
C CYS A 231 -46.25 15.22 28.88
N LEU A 232 -45.28 15.70 29.66
CA LEU A 232 -44.36 14.83 30.38
C LEU A 232 -45.07 13.90 31.36
N GLU A 233 -46.02 14.45 32.11
CA GLU A 233 -46.84 13.65 33.03
C GLU A 233 -47.57 12.54 32.30
N GLU A 234 -48.18 12.87 31.17
CA GLU A 234 -48.95 11.90 30.40
C GLU A 234 -48.06 10.81 29.83
N VAL A 235 -46.82 11.16 29.51
CA VAL A 235 -45.83 10.17 29.09
C VAL A 235 -45.57 9.15 30.21
N GLU A 236 -45.33 9.65 31.41
CA GLU A 236 -44.98 8.77 32.53
C GLU A 236 -46.17 7.88 32.90
N ASP A 237 -47.36 8.45 32.89
CA ASP A 237 -48.59 7.69 33.14
C ASP A 237 -48.81 6.59 32.12
N LEU A 238 -48.50 6.87 30.86
CA LEU A 238 -48.60 5.87 29.81
C LEU A 238 -47.65 4.71 30.04
N ILE A 239 -46.41 5.01 30.40
CA ILE A 239 -45.43 3.97 30.67
C ILE A 239 -45.94 3.03 31.77
N VAL A 240 -46.50 3.62 32.82
CA VAL A 240 -47.05 2.86 33.94
C VAL A 240 -48.27 2.06 33.49
N LYS A 241 -49.18 2.71 32.80
CA LYS A 241 -50.38 2.06 32.27
C LYS A 241 -50.06 0.85 31.40
N TYR A 242 -49.05 0.99 30.53
CA TYR A 242 -48.76 -0.10 29.60
C TYR A 242 -47.93 -1.20 30.23
N ARG A 243 -47.27 -0.89 31.34
CA ARG A 243 -46.60 -1.94 32.12
C ARG A 243 -47.67 -2.86 32.71
N LYS A 244 -48.73 -2.26 33.24
CA LYS A 244 -49.88 -3.00 33.76
C LYS A 244 -50.56 -3.86 32.69
N LYS A 245 -50.61 -3.35 31.46
CA LYS A 245 -51.23 -4.09 30.36
C LYS A 245 -50.36 -5.25 29.90
N LYS A 246 -49.23 -5.44 30.58
CA LYS A 246 -48.22 -6.41 30.18
C LYS A 246 -47.73 -6.12 28.77
N LYS A 247 -47.67 -4.82 28.45
CA LYS A 247 -47.13 -4.35 27.17
C LYS A 247 -46.03 -3.35 27.47
N THR A 248 -44.99 -3.84 28.15
CA THR A 248 -43.93 -3.00 28.70
C THR A 248 -43.25 -2.13 27.65
N VAL A 249 -43.19 -0.83 27.93
CA VAL A 249 -42.50 0.11 27.06
C VAL A 249 -40.99 -0.11 27.13
N ALA A 250 -40.41 -0.60 26.04
CA ALA A 250 -38.98 -0.88 26.02
C ALA A 250 -38.21 0.36 25.61
N GLY A 251 -38.86 1.25 24.87
CA GLY A 251 -38.22 2.47 24.39
C GLY A 251 -39.19 3.60 24.11
N ILE A 252 -38.65 4.82 24.04
CA ILE A 252 -39.41 6.01 23.67
C ILE A 252 -38.74 6.61 22.44
N ILE A 253 -39.51 6.86 21.38
CA ILE A 253 -38.94 7.51 20.20
C ILE A 253 -39.49 8.93 20.05
N VAL A 254 -38.62 9.86 19.67
CA VAL A 254 -39.04 11.24 19.46
C VAL A 254 -38.13 11.95 18.46
N GLU A 255 -38.70 12.89 17.72
CA GLU A 255 -37.94 13.84 16.88
C GLU A 255 -37.60 15.09 17.70
N PRO A 256 -36.37 15.61 17.54
CA PRO A 256 -36.08 16.88 18.24
C PRO A 256 -36.98 18.04 17.78
N ILE A 257 -37.45 17.99 16.55
CA ILE A 257 -38.47 18.89 16.01
C ILE A 257 -39.37 18.00 15.16
N GLN A 258 -40.66 17.97 15.44
CA GLN A 258 -41.58 17.16 14.62
C GLN A 258 -41.73 17.80 13.25
N SER A 259 -41.49 17.07 12.17
CA SER A 259 -41.51 17.67 10.85
C SER A 259 -42.85 17.51 10.11
N GLU A 260 -43.14 16.29 9.64
CA GLU A 260 -44.32 16.05 8.81
C GLU A 260 -45.61 16.46 9.49
N GLY A 261 -45.62 16.29 10.81
CA GLY A 261 -46.78 16.61 11.62
C GLY A 261 -47.00 18.10 11.84
N GLY A 262 -46.09 18.94 11.35
CA GLY A 262 -46.32 20.38 11.31
C GLY A 262 -45.28 21.27 11.98
N ASP A 263 -44.01 20.89 11.84
CA ASP A 263 -42.89 21.61 12.47
C ASP A 263 -43.21 22.03 13.89
N ASN A 264 -43.40 21.05 14.76
CA ASN A 264 -43.68 21.34 16.16
C ASN A 264 -42.42 21.30 17.00
N HIS A 265 -42.17 22.41 17.69
CA HIS A 265 -41.00 22.54 18.55
C HIS A 265 -41.35 22.32 20.02
N ALA A 266 -40.31 22.06 20.82
CA ALA A 266 -40.46 22.03 22.27
C ALA A 266 -39.15 22.53 22.87
N SER A 267 -39.18 22.95 24.12
CA SER A 267 -37.99 23.52 24.75
C SER A 267 -36.90 22.46 24.92
N ASP A 268 -35.66 22.91 25.03
CA ASP A 268 -34.57 22.01 25.35
C ASP A 268 -34.82 21.35 26.71
N ASP A 269 -35.41 22.11 27.64
CA ASP A 269 -35.76 21.62 28.97
C ASP A 269 -36.71 20.41 28.89
N PHE A 270 -37.72 20.50 28.03
CA PHE A 270 -38.65 19.39 27.81
C PHE A 270 -37.93 18.12 27.43
N PHE A 271 -37.01 18.21 26.47
CA PHE A 271 -36.33 17.00 26.03
C PHE A 271 -35.39 16.44 27.11
N ARG A 272 -34.71 17.32 27.84
CA ARG A 272 -33.86 16.86 28.93
C ARG A 272 -34.67 16.07 29.96
N LYS A 273 -35.85 16.56 30.29
CA LYS A 273 -36.72 15.90 31.27
C LYS A 273 -37.32 14.62 30.71
N LEU A 274 -37.59 14.61 29.40
CA LEU A 274 -38.10 13.41 28.74
C LEU A 274 -37.05 12.30 28.78
N ARG A 275 -35.79 12.67 28.53
CA ARG A 275 -34.66 11.76 28.65
C ARG A 275 -34.58 11.15 30.04
N ASP A 276 -34.79 11.99 31.05
CA ASP A 276 -34.74 11.55 32.43
C ASP A 276 -35.85 10.54 32.75
N ILE A 277 -37.05 10.81 32.23
CA ILE A 277 -38.18 9.90 32.40
C ILE A 277 -37.88 8.54 31.79
N SER A 278 -37.32 8.55 30.59
CA SER A 278 -36.95 7.33 29.90
C SER A 278 -36.01 6.45 30.73
N ARG A 279 -34.90 7.03 31.18
N ARG A 279 -34.90 7.03 31.18
CA ARG A 279 -33.92 6.32 31.99
CA ARG A 279 -33.92 6.33 32.00
C ARG A 279 -34.57 5.80 33.29
C ARG A 279 -34.56 5.81 33.30
N LYS A 280 -35.34 6.67 33.94
CA LYS A 280 -36.01 6.33 35.19
C LYS A 280 -36.84 5.05 35.10
N HIS A 281 -37.52 4.85 33.98
CA HIS A 281 -38.38 3.69 33.80
C HIS A 281 -37.71 2.57 33.00
N GLY A 282 -36.42 2.73 32.75
CA GLY A 282 -35.66 1.72 32.03
C GLY A 282 -36.04 1.60 30.57
N CYS A 283 -36.61 2.67 30.02
CA CYS A 283 -36.88 2.75 28.59
C CYS A 283 -35.66 3.29 27.88
N ALA A 284 -35.26 2.66 26.78
CA ALA A 284 -34.28 3.26 25.88
C ALA A 284 -34.82 4.57 25.31
N PHE A 285 -33.97 5.60 25.22
CA PHE A 285 -34.37 6.87 24.63
C PHE A 285 -33.81 6.95 23.21
N LEU A 286 -34.72 6.87 22.24
CA LEU A 286 -34.38 6.84 20.82
C LEU A 286 -34.72 8.18 20.16
N VAL A 287 -33.70 8.86 19.65
CA VAL A 287 -33.89 10.16 19.02
C VAL A 287 -33.79 10.01 17.51
N ASP A 288 -34.85 10.38 16.82
CA ASP A 288 -34.90 10.29 15.36
C ASP A 288 -34.42 11.61 14.78
N GLU A 289 -33.20 11.59 14.24
CA GLU A 289 -32.65 12.78 13.60
C GLU A 289 -32.55 12.60 12.09
N VAL A 290 -33.42 11.76 11.53
CA VAL A 290 -33.42 11.56 10.08
C VAL A 290 -33.65 12.88 9.34
N GLN A 291 -34.53 13.72 9.85
CA GLN A 291 -34.76 15.01 9.20
C GLN A 291 -34.05 16.18 9.90
N THR A 292 -33.87 16.13 11.22
CA THR A 292 -33.21 17.26 11.88
C THR A 292 -31.67 17.21 11.78
N GLY A 293 -31.14 16.02 11.49
CA GLY A 293 -29.70 15.82 11.51
C GLY A 293 -29.00 16.31 10.25
N GLY A 294 -27.71 16.65 10.39
CA GLY A 294 -26.92 17.09 9.25
C GLY A 294 -26.74 18.59 9.15
N GLY A 295 -27.01 19.32 10.24
CA GLY A 295 -26.56 20.70 10.33
C GLY A 295 -27.49 21.90 10.21
N SER A 296 -28.70 21.74 9.70
CA SER A 296 -29.50 22.91 9.39
CA SER A 296 -29.56 22.89 9.39
C SER A 296 -30.01 23.64 10.63
N THR A 297 -29.96 23.01 11.80
CA THR A 297 -30.37 23.76 12.99
C THR A 297 -29.22 24.56 13.61
N GLY A 298 -28.05 24.50 12.99
CA GLY A 298 -26.91 25.23 13.51
C GLY A 298 -25.92 24.34 14.26
N LYS A 299 -26.36 23.15 14.65
CA LYS A 299 -25.48 22.14 15.22
C LYS A 299 -25.64 20.89 14.37
N PHE A 300 -24.64 20.01 14.37
CA PHE A 300 -24.68 18.90 13.43
C PHE A 300 -25.92 18.03 13.69
N TRP A 301 -26.11 17.66 14.96
CA TRP A 301 -27.34 17.00 15.38
C TRP A 301 -28.18 17.97 16.21
N ALA A 302 -29.47 18.03 15.95
CA ALA A 302 -30.32 18.96 16.67
C ALA A 302 -30.32 18.74 18.19
N HIS A 303 -30.11 17.49 18.65
CA HIS A 303 -30.16 17.22 20.08
C HIS A 303 -28.97 17.87 20.82
N GLU A 304 -27.96 18.28 20.07
CA GLU A 304 -26.79 18.93 20.66
C GLU A 304 -27.19 20.21 21.38
N HIS A 305 -28.29 20.82 20.94
CA HIS A 305 -28.77 22.04 21.58
C HIS A 305 -29.17 21.81 23.03
N TRP A 306 -29.52 20.58 23.36
CA TRP A 306 -29.98 20.26 24.71
C TRP A 306 -28.84 20.38 25.74
N GLY A 307 -27.61 20.18 25.29
CA GLY A 307 -26.42 20.33 26.12
C GLY A 307 -26.12 19.18 27.06
N LEU A 308 -26.43 17.96 26.65
CA LEU A 308 -26.28 16.81 27.53
C LEU A 308 -25.07 15.95 27.16
N ASP A 309 -24.33 15.48 28.17
CA ASP A 309 -23.28 14.51 27.94
C ASP A 309 -23.88 13.13 27.64
N ASP A 310 -25.13 12.93 28.08
CA ASP A 310 -25.86 11.71 27.85
C ASP A 310 -27.22 12.03 27.22
N PRO A 311 -27.23 12.38 25.93
CA PRO A 311 -28.46 12.90 25.31
C PRO A 311 -29.47 11.81 24.94
N ALA A 312 -29.00 10.58 24.71
CA ALA A 312 -29.89 9.49 24.30
C ALA A 312 -29.17 8.15 24.29
N ASP A 313 -29.95 7.09 24.14
CA ASP A 313 -29.39 5.75 24.04
C ASP A 313 -29.13 5.36 22.59
N VAL A 314 -30.03 5.76 21.71
CA VAL A 314 -29.91 5.42 20.29
C VAL A 314 -30.31 6.65 19.47
N MET A 315 -29.64 6.88 18.35
CA MET A 315 -30.00 8.00 17.47
C MET A 315 -29.93 7.60 16.01
N THR A 316 -31.05 7.71 15.30
CA THR A 316 -31.10 7.31 13.90
C THR A 316 -30.91 8.52 12.98
N PHE A 317 -30.52 8.27 11.74
CA PHE A 317 -30.25 9.33 10.77
C PHE A 317 -30.43 8.81 9.37
N SER A 318 -30.56 9.72 8.41
CA SER A 318 -30.59 9.40 6.98
C SER A 318 -30.56 10.72 6.21
N LYS A 319 -31.21 10.74 5.05
CA LYS A 319 -31.39 11.98 4.26
C LYS A 319 -30.08 12.71 3.94
N LYS A 320 -29.82 13.84 4.61
CA LYS A 320 -28.58 14.59 4.37
C LYS A 320 -27.32 13.73 4.55
N MET A 321 -27.43 12.68 5.35
CA MET A 321 -26.29 11.82 5.67
C MET A 321 -26.00 10.82 4.55
N MET A 322 -26.82 10.90 3.50
CA MET A 322 -26.64 10.07 2.29
CA MET A 322 -26.70 10.09 2.29
C MET A 322 -26.96 8.60 2.56
N THR A 323 -26.37 8.08 3.62
CA THR A 323 -26.70 6.75 4.13
C THR A 323 -27.58 6.92 5.36
N GLY A 324 -28.27 5.84 5.75
CA GLY A 324 -28.96 5.80 7.02
C GLY A 324 -28.10 5.04 8.00
N GLY A 325 -28.65 4.77 9.18
CA GLY A 325 -27.99 4.01 10.21
C GLY A 325 -28.42 4.50 11.58
N PHE A 326 -27.79 3.99 12.63
CA PHE A 326 -28.00 4.55 13.95
C PHE A 326 -26.74 4.41 14.83
N PHE A 327 -26.50 5.44 15.63
CA PHE A 327 -25.47 5.39 16.66
C PHE A 327 -26.13 4.85 17.91
N HIS A 328 -25.37 4.20 18.80
CA HIS A 328 -25.98 3.79 20.06
C HIS A 328 -24.93 3.54 21.15
N LYS A 329 -25.39 3.52 22.40
CA LYS A 329 -24.51 3.26 23.52
C LYS A 329 -23.99 1.83 23.46
N GLU A 330 -22.79 1.62 24.00
CA GLU A 330 -22.17 0.29 24.02
C GLU A 330 -23.06 -0.79 24.62
N GLU A 331 -23.83 -0.44 25.65
CA GLU A 331 -24.64 -1.45 26.32
C GLU A 331 -25.77 -1.97 25.44
N PHE A 332 -26.06 -1.26 24.36
CA PHE A 332 -27.11 -1.69 23.43
C PHE A 332 -26.58 -2.56 22.30
N ARG A 333 -25.27 -2.77 22.28
CA ARG A 333 -24.65 -3.65 21.30
C ARG A 333 -25.27 -5.04 21.35
N PRO A 334 -25.78 -5.53 20.20
CA PRO A 334 -26.34 -6.89 20.13
C PRO A 334 -25.34 -7.95 20.61
N ASN A 335 -25.82 -8.92 21.37
CA ASN A 335 -24.96 -9.95 21.96
C ASN A 335 -24.40 -10.91 20.92
N ALA A 336 -25.23 -11.25 19.95
CA ALA A 336 -24.88 -12.23 18.91
C ALA A 336 -25.06 -11.61 17.53
N PRO A 337 -24.37 -12.17 16.50
CA PRO A 337 -24.54 -11.65 15.14
C PRO A 337 -25.82 -12.16 14.48
N TYR A 338 -26.15 -11.60 13.32
CA TYR A 338 -27.34 -11.97 12.52
C TYR A 338 -28.69 -11.65 13.19
N ARG A 339 -28.69 -10.75 14.17
CA ARG A 339 -29.96 -10.30 14.74
C ARG A 339 -30.33 -8.93 14.18
N ILE A 340 -29.31 -8.12 13.94
CA ILE A 340 -29.45 -6.84 13.24
C ILE A 340 -28.68 -7.01 11.94
N PHE A 341 -29.39 -7.17 10.83
CA PHE A 341 -28.77 -7.60 9.59
C PHE A 341 -29.74 -7.42 8.43
N ASN A 342 -29.21 -7.18 7.23
CA ASN A 342 -29.95 -7.34 5.98
C ASN A 342 -28.92 -7.44 4.85
N THR A 343 -29.36 -7.53 3.60
CA THR A 343 -28.45 -7.83 2.51
C THR A 343 -27.34 -6.79 2.40
N TRP A 344 -27.71 -5.51 2.42
CA TRP A 344 -26.78 -4.47 2.02
C TRP A 344 -26.29 -3.56 3.14
N LEU A 345 -27.13 -3.32 4.14
CA LEU A 345 -26.75 -2.51 5.32
C LEU A 345 -26.17 -1.15 4.91
N GLY A 346 -26.79 -0.53 3.91
CA GLY A 346 -26.30 0.72 3.35
C GLY A 346 -25.64 0.51 2.00
N ASP A 347 -24.61 1.30 1.72
CA ASP A 347 -23.94 1.29 0.42
C ASP A 347 -22.67 2.10 0.56
N PRO A 348 -21.51 1.46 0.32
CA PRO A 348 -20.23 2.19 0.46
C PRO A 348 -20.11 3.40 -0.45
N SER A 349 -20.90 3.47 -1.53
CA SER A 349 -20.82 4.63 -2.39
C SER A 349 -21.43 5.86 -1.71
N LYS A 350 -22.39 5.65 -0.81
CA LYS A 350 -22.94 6.76 -0.05
C LYS A 350 -21.94 7.24 1.01
N ASN A 351 -21.21 6.30 1.59
CA ASN A 351 -20.17 6.63 2.57
C ASN A 351 -19.05 7.45 1.89
N LEU A 352 -18.73 7.10 0.64
CA LEU A 352 -17.71 7.83 -0.10
C LEU A 352 -18.14 9.27 -0.25
N LEU A 353 -19.38 9.48 -0.69
CA LEU A 353 -19.89 10.83 -0.89
C LEU A 353 -19.99 11.57 0.44
N LEU A 354 -20.45 10.89 1.49
CA LEU A 354 -20.66 11.53 2.78
C LEU A 354 -19.36 12.04 3.41
N ALA A 355 -18.28 11.29 3.23
CA ALA A 355 -16.99 11.74 3.76
C ALA A 355 -16.61 13.11 3.18
N GLU A 356 -16.85 13.29 1.88
CA GLU A 356 -16.56 14.57 1.25
C GLU A 356 -17.56 15.64 1.70
N VAL A 357 -18.83 15.26 1.84
CA VAL A 357 -19.82 16.21 2.35
C VAL A 357 -19.44 16.74 3.73
N ILE A 358 -19.02 15.84 4.63
CA ILE A 358 -18.66 16.26 5.99
C ILE A 358 -17.41 17.15 5.97
N ASN A 359 -16.48 16.84 5.07
CA ASN A 359 -15.29 17.67 4.87
C ASN A 359 -15.66 19.10 4.46
N ILE A 360 -16.59 19.21 3.50
CA ILE A 360 -17.05 20.50 3.05
C ILE A 360 -17.78 21.23 4.18
N ILE A 361 -18.63 20.52 4.92
CA ILE A 361 -19.39 21.15 6.01
C ILE A 361 -18.44 21.78 7.03
N LYS A 362 -17.32 21.10 7.30
CA LYS A 362 -16.34 21.58 8.27
C LYS A 362 -15.50 22.71 7.70
N ARG A 363 -14.97 22.53 6.50
CA ARG A 363 -14.07 23.51 5.91
C ARG A 363 -14.76 24.84 5.57
N GLU A 364 -16.03 24.75 5.19
CA GLU A 364 -16.79 25.93 4.80
C GLU A 364 -17.64 26.47 5.96
N ASP A 365 -17.46 25.89 7.15
CA ASP A 365 -18.08 26.39 8.37
C ASP A 365 -19.60 26.44 8.21
N LEU A 366 -20.18 25.36 7.71
CA LEU A 366 -21.60 25.43 7.30
C LEU A 366 -22.60 25.28 8.44
N LEU A 367 -22.18 24.75 9.58
CA LEU A 367 -23.05 24.73 10.76
C LEU A 367 -23.32 26.15 11.21
N SER A 368 -22.25 26.93 11.38
CA SER A 368 -22.40 28.33 11.76
C SER A 368 -23.14 29.10 10.68
N ASN A 369 -22.86 28.79 9.42
CA ASN A 369 -23.57 29.45 8.35
C ASN A 369 -25.08 29.22 8.43
N ALA A 370 -25.49 28.00 8.78
CA ALA A 370 -26.92 27.71 8.84
C ALA A 370 -27.57 28.50 9.98
N ALA A 371 -26.83 28.65 11.09
CA ALA A 371 -27.36 29.44 12.19
C ALA A 371 -27.56 30.90 11.77
N HIS A 372 -26.61 31.44 11.01
CA HIS A 372 -26.70 32.82 10.53
C HIS A 372 -27.77 33.01 9.46
N ALA A 373 -27.74 32.16 8.43
CA ALA A 373 -28.66 32.30 7.32
C ALA A 373 -30.07 32.08 7.84
N GLY A 374 -30.19 31.19 8.81
CA GLY A 374 -31.45 30.91 9.48
C GLY A 374 -31.98 32.07 10.29
N LYS A 375 -31.10 32.77 11.00
CA LYS A 375 -31.54 33.97 11.74
C LYS A 375 -32.02 35.07 10.80
N VAL A 376 -31.33 35.24 9.68
CA VAL A 376 -31.73 36.23 8.70
C VAL A 376 -33.11 35.85 8.14
N LEU A 377 -33.29 34.57 7.84
CA LEU A 377 -34.57 34.10 7.31
C LEU A 377 -35.68 34.30 8.34
N LEU A 378 -35.43 33.92 9.59
CA LEU A 378 -36.46 34.02 10.62
C LEU A 378 -36.81 35.48 10.86
N THR A 379 -35.81 36.34 10.87
CA THR A 379 -36.08 37.77 11.06
C THR A 379 -37.01 38.32 9.98
N GLY A 380 -36.80 37.91 8.74
CA GLY A 380 -37.65 38.34 7.65
C GLY A 380 -39.04 37.75 7.70
N LEU A 381 -39.16 36.51 8.16
CA LEU A 381 -40.48 35.90 8.33
C LEU A 381 -41.28 36.65 9.41
N LEU A 382 -40.60 37.05 10.47
CA LEU A 382 -41.25 37.79 11.54
C LEU A 382 -41.73 39.15 11.03
N ASP A 383 -40.97 39.73 10.12
CA ASP A 383 -41.37 41.00 9.51
C ASP A 383 -42.64 40.79 8.69
N LEU A 384 -42.65 39.73 7.88
CA LEU A 384 -43.81 39.42 7.06
C LEU A 384 -45.02 39.07 7.94
N GLN A 385 -44.77 38.44 9.08
CA GLN A 385 -45.84 38.12 10.02
C GLN A 385 -46.50 39.41 10.55
N ALA A 386 -45.66 40.40 10.86
CA ALA A 386 -46.18 41.65 11.40
C ALA A 386 -46.99 42.41 10.34
N ARG A 387 -46.55 42.35 9.09
CA ARG A 387 -47.18 43.08 8.00
C ARG A 387 -48.42 42.36 7.42
N TYR A 388 -48.48 41.04 7.57
CA TYR A 388 -49.59 40.26 7.00
C TYR A 388 -50.20 39.26 7.97
N PRO A 389 -50.78 39.75 9.08
CA PRO A 389 -51.37 38.86 10.08
C PRO A 389 -52.62 38.14 9.58
N GLN A 390 -53.16 38.54 8.44
CA GLN A 390 -54.29 37.83 7.88
C GLN A 390 -53.87 36.50 7.24
N PHE A 391 -52.58 36.33 7.00
CA PHE A 391 -52.09 35.13 6.32
C PHE A 391 -51.03 34.36 7.10
N ILE A 392 -50.19 35.08 7.84
CA ILE A 392 -49.02 34.47 8.50
C ILE A 392 -49.13 34.46 10.02
N SER A 393 -48.97 33.28 10.62
CA SER A 393 -48.90 33.20 12.06
C SER A 393 -47.91 32.13 12.51
N ARG A 394 -47.58 32.18 13.79
CA ARG A 394 -46.77 31.16 14.46
C ARG A 394 -45.41 30.92 13.81
N VAL A 395 -44.82 31.97 13.27
CA VAL A 395 -43.46 31.93 12.75
C VAL A 395 -42.52 31.35 13.82
N ARG A 396 -41.73 30.36 13.41
CA ARG A 396 -40.90 29.61 14.34
C ARG A 396 -39.76 28.95 13.58
N GLY A 397 -38.69 28.63 14.31
CA GLY A 397 -37.58 27.97 13.66
C GLY A 397 -36.39 27.83 14.57
N ARG A 398 -35.45 27.02 14.11
CA ARG A 398 -34.14 26.93 14.72
C ARG A 398 -33.18 26.73 13.57
N GLY A 399 -32.19 27.60 13.44
CA GLY A 399 -31.36 27.60 12.25
C GLY A 399 -32.25 27.83 11.02
N THR A 400 -32.02 27.08 9.95
CA THR A 400 -32.84 27.26 8.73
C THR A 400 -34.09 26.37 8.76
N PHE A 401 -34.20 25.58 9.82
CA PHE A 401 -35.35 24.69 10.06
C PHE A 401 -36.52 25.54 10.52
N CYS A 402 -37.10 26.30 9.61
CA CYS A 402 -38.14 27.28 9.95
C CYS A 402 -39.50 26.94 9.37
N SER A 403 -40.56 27.58 9.88
CA SER A 403 -41.90 27.34 9.39
CA SER A 403 -41.92 27.30 9.43
C SER A 403 -42.87 28.42 9.85
N PHE A 404 -44.06 28.42 9.28
CA PHE A 404 -45.11 29.30 9.75
C PHE A 404 -46.46 28.72 9.34
N ASP A 405 -47.52 29.22 9.96
CA ASP A 405 -48.87 28.75 9.66
C ASP A 405 -49.64 29.71 8.76
N THR A 406 -50.54 29.13 7.96
CA THR A 406 -51.47 29.89 7.12
C THR A 406 -52.89 29.61 7.63
N PRO A 407 -53.88 30.36 7.13
CA PRO A 407 -55.20 30.21 7.77
C PRO A 407 -55.90 28.88 7.51
N ASP A 408 -55.63 28.27 6.36
CA ASP A 408 -56.21 26.96 6.06
C ASP A 408 -55.43 26.26 4.97
N GLU A 409 -55.70 24.98 4.80
CA GLU A 409 -54.97 24.16 3.82
C GLU A 409 -55.06 24.72 2.39
N SER A 410 -56.22 25.29 2.05
CA SER A 410 -56.44 25.85 0.71
C SER A 410 -55.48 27.00 0.41
N ILE A 411 -55.34 27.92 1.36
CA ILE A 411 -54.44 29.06 1.21
C ILE A 411 -53.00 28.59 1.23
N ARG A 412 -52.70 27.67 2.15
CA ARG A 412 -51.37 27.06 2.24
C ARG A 412 -50.94 26.58 0.86
N ASN A 413 -51.79 25.81 0.21
CA ASN A 413 -51.43 25.24 -1.08
C ASN A 413 -51.33 26.29 -2.17
N LYS A 414 -52.18 27.32 -2.10
CA LYS A 414 -52.15 28.37 -3.10
C LYS A 414 -50.83 29.14 -3.04
N LEU A 415 -50.41 29.50 -1.83
CA LEU A 415 -49.15 30.22 -1.63
C LEU A 415 -47.96 29.42 -2.14
N ILE A 416 -47.94 28.12 -1.87
CA ILE A 416 -46.86 27.27 -2.38
C ILE A 416 -46.87 27.24 -3.90
N SER A 417 -48.05 27.14 -4.49
CA SER A 417 -48.17 27.10 -5.94
C SER A 417 -47.72 28.40 -6.59
N ILE A 418 -48.09 29.53 -5.98
CA ILE A 418 -47.71 30.83 -6.52
C ILE A 418 -46.19 31.06 -6.36
N ALA A 419 -45.66 30.72 -5.19
CA ALA A 419 -44.22 30.88 -4.94
C ALA A 419 -43.43 30.11 -5.98
N ARG A 420 -43.87 28.89 -6.29
CA ARG A 420 -43.18 28.06 -7.25
C ARG A 420 -43.15 28.71 -8.64
N ASN A 421 -44.29 29.24 -9.08
CA ASN A 421 -44.33 29.92 -10.37
C ASN A 421 -43.50 31.20 -10.36
N LYS A 422 -43.29 31.76 -9.17
CA LYS A 422 -42.43 32.93 -9.00
C LYS A 422 -40.98 32.55 -8.71
N GLY A 423 -40.64 31.27 -8.81
CA GLY A 423 -39.25 30.85 -8.74
C GLY A 423 -38.73 30.35 -7.40
N VAL A 424 -39.62 30.02 -6.46
CA VAL A 424 -39.18 29.47 -5.17
C VAL A 424 -39.96 28.21 -4.78
N MET A 425 -39.24 27.12 -4.54
CA MET A 425 -39.87 25.87 -4.13
CA MET A 425 -39.87 25.87 -4.13
C MET A 425 -39.94 25.77 -2.61
N LEU A 426 -41.16 25.72 -2.09
CA LEU A 426 -41.43 25.59 -0.67
C LEU A 426 -42.11 24.26 -0.40
N GLY A 427 -41.97 23.74 0.82
CA GLY A 427 -42.69 22.54 1.20
C GLY A 427 -43.79 22.88 2.18
N GLY A 428 -44.76 21.99 2.30
CA GLY A 428 -45.80 22.14 3.30
C GLY A 428 -45.59 21.10 4.38
N CYS A 429 -46.24 21.28 5.52
CA CYS A 429 -46.28 20.26 6.55
C CYS A 429 -47.53 20.49 7.40
N GLY A 430 -47.99 19.44 8.05
CA GLY A 430 -49.24 19.52 8.79
C GLY A 430 -50.39 19.90 7.88
N ASP A 431 -51.42 20.47 8.47
CA ASP A 431 -52.63 20.83 7.73
C ASP A 431 -52.45 22.13 6.96
N LYS A 432 -51.71 23.08 7.52
CA LYS A 432 -51.69 24.40 6.93
C LYS A 432 -50.40 25.16 7.13
N SER A 433 -49.31 24.43 7.39
CA SER A 433 -48.01 25.08 7.59
C SER A 433 -47.17 25.06 6.33
N ILE A 434 -46.26 26.02 6.23
CA ILE A 434 -45.29 26.07 5.15
C ILE A 434 -43.94 25.95 5.84
N ARG A 435 -43.06 25.09 5.32
CA ARG A 435 -41.76 24.87 5.97
C ARG A 435 -40.60 25.20 5.05
N PHE A 436 -39.43 25.34 5.67
CA PHE A 436 -38.19 25.56 4.95
C PHE A 436 -37.21 24.45 5.31
N ARG A 437 -36.63 23.86 4.28
CA ARG A 437 -35.53 22.91 4.43
C ARG A 437 -34.46 23.24 3.41
N PRO A 438 -33.76 24.37 3.62
CA PRO A 438 -32.76 24.72 2.61
C PRO A 438 -31.54 23.82 2.70
N THR A 439 -30.83 23.62 1.58
CA THR A 439 -29.55 22.90 1.57
CA THR A 439 -29.60 22.85 1.64
C THR A 439 -28.55 23.67 2.41
N LEU A 440 -27.44 23.03 2.80
CA LEU A 440 -26.46 23.73 3.64
C LEU A 440 -25.65 24.81 2.93
N VAL A 441 -25.83 24.97 1.63
CA VAL A 441 -25.16 26.10 0.95
C VAL A 441 -26.12 27.28 0.75
N PHE A 442 -27.26 27.21 1.44
CA PHE A 442 -28.21 28.33 1.53
C PHE A 442 -27.57 29.45 2.38
N ARG A 443 -27.49 30.65 1.81
CA ARG A 443 -26.83 31.79 2.46
C ARG A 443 -27.82 32.90 2.81
N ASP A 444 -27.37 33.86 3.61
CA ASP A 444 -28.21 35.02 3.91
C ASP A 444 -28.76 35.72 2.65
N HIS A 445 -28.00 35.77 1.55
CA HIS A 445 -28.55 36.44 0.38
C HIS A 445 -29.66 35.61 -0.27
N HIS A 446 -29.62 34.29 -0.12
CA HIS A 446 -30.73 33.47 -0.62
C HIS A 446 -31.99 33.70 0.23
N ALA A 447 -31.79 33.92 1.52
CA ALA A 447 -32.91 34.27 2.39
C ALA A 447 -33.57 35.53 1.87
N HIS A 448 -32.78 36.55 1.57
CA HIS A 448 -33.37 37.80 1.08
C HIS A 448 -34.00 37.63 -0.30
N LEU A 449 -33.42 36.80 -1.18
CA LEU A 449 -34.06 36.51 -2.47
C LEU A 449 -35.47 35.99 -2.25
N PHE A 450 -35.60 34.98 -1.38
CA PHE A 450 -36.91 34.45 -1.06
C PHE A 450 -37.85 35.50 -0.47
N LEU A 451 -37.34 36.25 0.49
CA LEU A 451 -38.17 37.16 1.28
C LEU A 451 -38.77 38.25 0.39
N ASN A 452 -37.98 38.76 -0.54
CA ASN A 452 -38.46 39.77 -1.47
C ASN A 452 -39.49 39.23 -2.45
N ILE A 453 -39.28 38.00 -2.92
CA ILE A 453 -40.26 37.36 -3.79
C ILE A 453 -41.57 37.13 -3.03
N PHE A 454 -41.48 36.64 -1.80
CA PHE A 454 -42.68 36.31 -1.05
C PHE A 454 -43.40 37.56 -0.55
N SER A 455 -42.63 38.62 -0.32
CA SER A 455 -43.22 39.90 0.06
C SER A 455 -44.15 40.39 -1.05
N ASP A 456 -43.69 40.31 -2.29
CA ASP A 456 -44.49 40.72 -3.42
C ASP A 456 -45.73 39.83 -3.57
N ILE A 457 -45.56 38.53 -3.37
CA ILE A 457 -46.69 37.61 -3.44
C ILE A 457 -47.77 37.96 -2.43
N LEU A 458 -47.37 38.24 -1.18
CA LEU A 458 -48.32 38.56 -0.14
C LEU A 458 -49.04 39.88 -0.41
N ALA A 459 -48.35 40.82 -1.02
CA ALA A 459 -48.94 42.13 -1.33
C ALA A 459 -50.05 42.00 -2.37
N ASP A 460 -49.92 41.01 -3.25
CA ASP A 460 -50.91 40.80 -4.32
C ASP A 460 -51.93 39.70 -4.01
N PHE A 461 -51.81 39.08 -2.85
CA PHE A 461 -52.67 37.95 -2.52
C PHE A 461 -54.06 38.42 -2.06
N PHE B 1 -14.40 -12.03 -19.37
CA PHE B 1 -13.64 -11.03 -18.64
C PHE B 1 -13.33 -11.50 -17.21
N ASP B 2 -12.23 -12.23 -17.03
CA ASP B 2 -11.88 -12.77 -15.72
C ASP B 2 -10.51 -13.43 -15.66
N TYR B 3 -10.26 -14.12 -14.55
CA TYR B 3 -8.99 -14.77 -14.28
C TYR B 3 -8.98 -16.21 -14.76
N ASP B 4 -7.80 -16.83 -14.70
CA ASP B 4 -7.59 -18.21 -15.15
C ASP B 4 -8.18 -19.23 -14.18
N GLY B 5 -8.26 -18.86 -12.90
CA GLY B 5 -8.71 -19.75 -11.84
C GLY B 5 -8.39 -19.15 -10.48
N PRO B 6 -8.70 -19.89 -9.40
CA PRO B 6 -8.44 -19.32 -8.08
C PRO B 6 -6.95 -19.30 -7.75
N LEU B 7 -6.57 -18.54 -6.72
CA LEU B 7 -5.17 -18.38 -6.35
C LEU B 7 -5.08 -18.05 -4.86
N MET B 8 -4.66 -19.01 -4.06
CA MET B 8 -4.65 -18.83 -2.61
C MET B 8 -3.24 -18.58 -2.06
N LYS B 9 -3.14 -17.64 -1.13
CA LYS B 9 -1.88 -17.25 -0.51
C LYS B 9 -1.87 -17.53 0.99
N THR B 10 -3.01 -17.29 1.65
CA THR B 10 -3.13 -17.52 3.08
C THR B 10 -4.41 -18.31 3.36
N GLU B 11 -4.57 -18.71 4.61
CA GLU B 11 -5.85 -19.20 5.10
C GLU B 11 -6.82 -18.00 5.12
N VAL B 12 -8.12 -18.28 5.07
CA VAL B 12 -9.11 -17.22 5.07
C VAL B 12 -10.04 -17.33 6.27
N PRO B 13 -10.17 -16.24 7.06
CA PRO B 13 -9.58 -14.92 6.90
C PRO B 13 -8.07 -14.90 7.22
N GLY B 14 -7.31 -14.16 6.41
CA GLY B 14 -5.88 -14.02 6.64
C GLY B 14 -5.58 -12.92 7.66
N PRO B 15 -4.30 -12.66 7.89
CA PRO B 15 -3.90 -11.67 8.90
C PRO B 15 -4.45 -10.27 8.66
N ARG B 16 -4.48 -9.81 7.41
CA ARG B 16 -4.95 -8.46 7.14
C ARG B 16 -6.46 -8.34 7.37
N SER B 17 -7.23 -9.36 6.97
CA SER B 17 -8.66 -9.38 7.30
C SER B 17 -8.88 -9.43 8.79
N ARG B 18 -8.09 -10.23 9.51
CA ARG B 18 -8.31 -10.38 10.94
C ARG B 18 -8.04 -9.05 11.67
N GLU B 19 -7.08 -8.28 11.17
CA GLU B 19 -6.77 -6.97 11.73
C GLU B 19 -7.93 -6.01 11.53
N LEU B 20 -8.45 -5.98 10.30
CA LEU B 20 -9.60 -5.12 9.97
C LEU B 20 -10.85 -5.54 10.74
N MET B 21 -11.02 -6.84 10.90
CA MET B 21 -12.14 -7.37 11.69
C MET B 21 -12.04 -6.92 13.14
N LYS B 22 -10.82 -6.91 13.68
CA LYS B 22 -10.61 -6.41 15.04
C LYS B 22 -11.04 -4.95 15.15
N GLN B 23 -10.57 -4.13 14.20
CA GLN B 23 -10.92 -2.72 14.17
C GLN B 23 -12.42 -2.49 14.11
N LEU B 24 -13.09 -3.23 13.21
CA LEU B 24 -14.52 -3.05 13.02
C LEU B 24 -15.30 -3.47 14.26
N ASN B 25 -14.80 -4.49 14.95
CA ASN B 25 -15.47 -5.04 16.12
C ASN B 25 -15.52 -4.05 17.28
N ILE B 26 -14.70 -3.00 17.21
CA ILE B 26 -14.79 -1.93 18.20
C ILE B 26 -16.10 -1.17 18.10
N ILE B 27 -16.56 -0.93 16.88
CA ILE B 27 -17.73 -0.05 16.72
C ILE B 27 -19.05 -0.79 16.52
N GLN B 28 -18.99 -2.08 16.26
CA GLN B 28 -20.21 -2.87 16.08
C GLN B 28 -19.85 -4.33 16.28
N ASN B 29 -20.86 -5.18 16.48
CA ASN B 29 -20.62 -6.63 16.45
C ASN B 29 -20.21 -7.02 15.04
N ALA B 30 -18.99 -7.51 14.89
CA ALA B 30 -18.49 -7.89 13.57
C ALA B 30 -18.31 -9.40 13.44
N GLU B 31 -18.92 -10.17 14.33
CA GLU B 31 -18.77 -11.64 14.30
C GLU B 31 -19.23 -12.27 12.98
N ALA B 32 -20.19 -11.64 12.29
CA ALA B 32 -20.68 -12.18 11.02
C ALA B 32 -19.68 -12.02 9.87
N VAL B 33 -18.70 -11.15 10.03
CA VAL B 33 -17.78 -10.86 8.92
C VAL B 33 -16.97 -12.08 8.49
N HIS B 34 -17.01 -12.38 7.20
CA HIS B 34 -16.26 -13.51 6.65
C HIS B 34 -14.80 -13.14 6.47
N PHE B 35 -14.58 -12.05 5.73
CA PHE B 35 -13.26 -11.47 5.51
C PHE B 35 -13.47 -10.11 4.84
N PHE B 36 -12.39 -9.34 4.72
CA PHE B 36 -12.44 -8.05 4.03
C PHE B 36 -11.96 -8.20 2.60
N CYS B 37 -12.55 -7.43 1.70
CA CYS B 37 -12.34 -7.62 0.26
C CYS B 37 -11.66 -6.47 -0.48
N ASN B 38 -10.95 -6.85 -1.54
CA ASN B 38 -10.40 -5.93 -2.51
C ASN B 38 -11.27 -5.96 -3.76
N TYR B 39 -12.35 -5.18 -3.77
CA TYR B 39 -13.27 -5.22 -4.89
C TYR B 39 -12.64 -4.66 -6.15
N GLU B 40 -11.72 -3.72 -5.99
CA GLU B 40 -11.05 -3.12 -7.13
C GLU B 40 -10.31 -4.18 -7.96
N GLU B 41 -9.81 -5.22 -7.31
CA GLU B 41 -9.05 -6.27 -8.00
C GLU B 41 -9.91 -7.46 -8.34
N SER B 42 -11.19 -7.40 -7.96
CA SER B 42 -12.10 -8.49 -8.22
C SER B 42 -12.64 -8.37 -9.65
N ARG B 43 -12.81 -9.51 -10.33
CA ARG B 43 -13.25 -9.54 -11.72
C ARG B 43 -14.14 -10.75 -11.96
N GLY B 44 -15.31 -10.54 -12.57
CA GLY B 44 -16.16 -11.65 -12.94
C GLY B 44 -16.59 -12.51 -11.77
N ASN B 45 -16.33 -13.82 -11.84
CA ASN B 45 -16.72 -14.73 -10.78
C ASN B 45 -15.73 -14.75 -9.62
N TYR B 46 -14.66 -13.95 -9.73
CA TYR B 46 -13.58 -14.02 -8.75
C TYR B 46 -13.51 -12.82 -7.79
N LEU B 47 -13.61 -13.13 -6.50
CA LEU B 47 -13.49 -12.17 -5.42
C LEU B 47 -12.09 -12.24 -4.83
N VAL B 48 -11.46 -11.08 -4.68
CA VAL B 48 -10.12 -10.98 -4.12
C VAL B 48 -10.20 -10.39 -2.70
N ASP B 49 -9.49 -10.97 -1.73
CA ASP B 49 -9.54 -10.40 -0.38
C ASP B 49 -8.32 -9.55 -0.11
N VAL B 50 -8.22 -9.02 1.10
CA VAL B 50 -7.17 -8.06 1.41
C VAL B 50 -5.84 -8.76 1.69
N ASP B 51 -5.85 -10.09 1.73
CA ASP B 51 -4.62 -10.87 1.87
C ASP B 51 -4.18 -11.41 0.52
N GLY B 52 -4.87 -10.98 -0.53
CA GLY B 52 -4.51 -11.30 -1.90
C GLY B 52 -5.02 -12.67 -2.36
N ASN B 53 -5.83 -13.33 -1.54
CA ASN B 53 -6.47 -14.58 -1.96
C ASN B 53 -7.50 -14.30 -3.05
N ARG B 54 -7.49 -15.12 -4.10
CA ARG B 54 -8.47 -14.97 -5.17
C ARG B 54 -9.37 -16.18 -5.25
N MET B 55 -10.65 -16.00 -4.91
CA MET B 55 -11.59 -17.11 -4.77
C MET B 55 -12.70 -17.11 -5.81
N LEU B 56 -13.05 -18.30 -6.29
CA LEU B 56 -14.22 -18.47 -7.13
C LEU B 56 -15.47 -18.25 -6.28
N ASP B 57 -16.22 -17.18 -6.58
CA ASP B 57 -17.30 -16.79 -5.69
C ASP B 57 -18.64 -17.35 -6.16
N LEU B 58 -19.12 -18.39 -5.47
CA LEU B 58 -20.41 -19.00 -5.81
C LEU B 58 -21.50 -18.62 -4.81
N TYR B 59 -21.34 -17.47 -4.16
CA TYR B 59 -22.32 -16.98 -3.19
C TYR B 59 -22.79 -15.59 -3.60
N SER B 60 -21.92 -14.90 -4.36
CA SER B 60 -22.18 -13.61 -5.00
C SER B 60 -22.88 -12.57 -4.10
N GLN B 61 -22.34 -12.35 -2.91
CA GLN B 61 -22.86 -11.34 -1.98
C GLN B 61 -24.32 -11.60 -1.61
N ILE B 62 -24.59 -12.83 -1.17
CA ILE B 62 -25.96 -13.30 -0.88
C ILE B 62 -26.84 -13.08 -2.12
N SER B 63 -26.33 -13.55 -3.26
CA SER B 63 -27.09 -13.61 -4.52
C SER B 63 -27.50 -12.24 -5.05
N SER B 64 -26.63 -11.25 -4.93
CA SER B 64 -27.00 -9.87 -5.27
C SER B 64 -26.13 -9.27 -6.37
N ILE B 65 -25.11 -9.99 -6.81
CA ILE B 65 -24.24 -9.51 -7.90
C ILE B 65 -24.64 -10.17 -9.23
N PRO B 66 -25.19 -9.38 -10.17
CA PRO B 66 -25.80 -10.04 -11.33
C PRO B 66 -24.81 -10.50 -12.40
N ILE B 67 -23.88 -9.66 -12.84
CA ILE B 67 -23.02 -10.03 -13.96
C ILE B 67 -21.54 -9.95 -13.61
N GLY B 68 -21.23 -10.27 -12.36
CA GLY B 68 -19.85 -10.41 -11.92
C GLY B 68 -19.24 -9.13 -11.40
N TYR B 69 -18.05 -9.25 -10.82
CA TYR B 69 -17.36 -8.10 -10.27
C TYR B 69 -16.69 -7.28 -11.36
N SER B 70 -16.67 -5.97 -11.14
CA SER B 70 -15.97 -5.03 -12.03
C SER B 70 -16.30 -5.26 -13.50
N HIS B 71 -17.57 -5.41 -13.82
CA HIS B 71 -17.94 -5.68 -15.22
C HIS B 71 -17.61 -4.49 -16.11
N PRO B 72 -16.90 -4.74 -17.22
CA PRO B 72 -16.44 -3.68 -18.13
C PRO B 72 -17.55 -2.75 -18.59
N ALA B 73 -18.75 -3.28 -18.83
CA ALA B 73 -19.84 -2.46 -19.32
C ALA B 73 -20.30 -1.46 -18.25
N LEU B 74 -20.26 -1.88 -16.99
CA LEU B 74 -20.61 -0.99 -15.88
C LEU B 74 -19.51 0.03 -15.64
N VAL B 75 -18.25 -0.40 -15.76
CA VAL B 75 -17.12 0.53 -15.67
C VAL B 75 -17.30 1.69 -16.65
N LYS B 76 -17.65 1.36 -17.89
CA LYS B 76 -17.88 2.35 -18.92
C LYS B 76 -18.95 3.36 -18.51
N LEU B 77 -20.03 2.87 -17.90
CA LEU B 77 -21.12 3.71 -17.45
C LEU B 77 -20.66 4.78 -16.47
N VAL B 78 -19.90 4.37 -15.47
CA VAL B 78 -19.42 5.31 -14.47
C VAL B 78 -18.43 6.31 -15.08
N GLN B 79 -17.76 5.89 -16.15
CA GLN B 79 -16.77 6.75 -16.80
C GLN B 79 -17.39 7.85 -17.66
N GLN B 80 -18.67 7.72 -18.03
CA GLN B 80 -19.28 8.70 -18.93
C GLN B 80 -19.65 9.97 -18.19
N PRO B 81 -19.13 11.11 -18.65
CA PRO B 81 -19.35 12.42 -17.99
C PRO B 81 -20.83 12.74 -17.81
N GLN B 82 -21.66 12.30 -18.75
CA GLN B 82 -23.10 12.56 -18.69
C GLN B 82 -23.80 11.85 -17.52
N ASN B 83 -23.15 10.84 -16.95
CA ASN B 83 -23.77 10.06 -15.88
C ASN B 83 -23.37 10.54 -14.48
N VAL B 84 -22.49 11.54 -14.40
CA VAL B 84 -22.05 12.02 -13.09
C VAL B 84 -23.23 12.50 -12.23
N SER B 85 -24.12 13.28 -12.83
CA SER B 85 -25.26 13.84 -12.12
C SER B 85 -26.08 12.78 -11.38
N THR B 86 -26.26 11.63 -12.02
CA THR B 86 -27.13 10.58 -11.49
C THR B 86 -26.56 10.01 -10.19
N PHE B 87 -25.24 10.06 -10.06
CA PHE B 87 -24.58 9.54 -8.86
C PHE B 87 -24.52 10.56 -7.69
N ILE B 88 -24.59 11.85 -8.00
CA ILE B 88 -24.43 12.88 -6.95
C ILE B 88 -25.66 13.72 -6.66
N ASN B 89 -26.72 13.53 -7.44
CA ASN B 89 -27.96 14.30 -7.25
C ASN B 89 -29.12 13.35 -7.01
N ARG B 90 -29.25 12.81 -5.80
CA ARG B 90 -30.28 11.81 -5.60
C ARG B 90 -31.64 12.47 -5.35
N PRO B 91 -32.63 12.14 -6.19
CA PRO B 91 -33.94 12.78 -6.08
C PRO B 91 -34.89 12.13 -5.09
N ALA B 92 -35.86 12.91 -4.61
CA ALA B 92 -37.01 12.36 -3.92
C ALA B 92 -37.94 11.94 -5.05
N LEU B 93 -37.79 10.70 -5.47
CA LEU B 93 -38.32 10.24 -6.76
C LEU B 93 -39.84 10.35 -6.86
N GLY B 94 -40.52 10.22 -5.72
CA GLY B 94 -41.97 10.31 -5.70
C GLY B 94 -42.52 11.66 -6.07
N ILE B 95 -41.73 12.73 -5.90
CA ILE B 95 -42.22 14.07 -6.19
C ILE B 95 -41.42 14.80 -7.27
N LEU B 96 -40.14 14.48 -7.42
CA LEU B 96 -39.28 15.21 -8.36
C LEU B 96 -38.39 14.31 -9.22
N PRO B 97 -39.01 13.49 -10.08
CA PRO B 97 -38.20 12.53 -10.84
C PRO B 97 -37.34 13.19 -11.91
N PRO B 98 -36.21 12.57 -12.27
CA PRO B 98 -35.37 13.08 -13.35
C PRO B 98 -36.03 12.93 -14.70
N GLU B 99 -35.59 13.75 -15.67
CA GLU B 99 -36.18 13.77 -17.01
C GLU B 99 -36.25 12.38 -17.65
N ASN B 100 -35.19 11.61 -17.46
CA ASN B 100 -35.11 10.31 -18.10
C ASN B 100 -35.72 9.18 -17.29
N PHE B 101 -36.50 9.50 -16.27
CA PHE B 101 -36.97 8.49 -15.32
C PHE B 101 -37.78 7.40 -16.01
N VAL B 102 -38.75 7.81 -16.82
CA VAL B 102 -39.63 6.85 -17.48
C VAL B 102 -38.86 6.06 -18.54
N GLU B 103 -38.03 6.76 -19.33
CA GLU B 103 -37.28 6.07 -20.38
C GLU B 103 -36.27 5.07 -19.82
N LYS B 104 -35.60 5.42 -18.71
CA LYS B 104 -34.69 4.47 -18.09
C LYS B 104 -35.47 3.25 -17.58
N LEU B 105 -36.69 3.47 -17.09
CA LEU B 105 -37.52 2.34 -16.66
C LEU B 105 -37.92 1.46 -17.86
N ARG B 106 -38.19 2.09 -19.01
CA ARG B 106 -38.51 1.31 -20.21
C ARG B 106 -37.33 0.41 -20.61
N GLU B 107 -36.12 0.94 -20.45
CA GLU B 107 -34.89 0.25 -20.81
C GLU B 107 -34.53 -0.86 -19.84
N SER B 108 -35.11 -0.82 -18.64
CA SER B 108 -34.78 -1.79 -17.61
C SER B 108 -35.99 -2.58 -17.15
N LEU B 109 -36.57 -2.17 -16.03
CA LEU B 109 -37.57 -2.99 -15.35
C LEU B 109 -38.81 -3.27 -16.19
N LEU B 110 -39.30 -2.28 -16.95
CA LEU B 110 -40.51 -2.47 -17.75
C LEU B 110 -40.27 -3.47 -18.89
N SER B 111 -39.02 -3.60 -19.33
CA SER B 111 -38.69 -4.55 -20.40
C SER B 111 -38.73 -6.00 -19.94
N VAL B 112 -38.82 -6.23 -18.62
CA VAL B 112 -38.91 -7.59 -18.09
C VAL B 112 -40.10 -7.77 -17.16
N ALA B 113 -41.17 -7.02 -17.40
CA ALA B 113 -42.36 -7.11 -16.57
C ALA B 113 -42.98 -8.52 -16.63
N PRO B 114 -43.40 -9.06 -15.47
CA PRO B 114 -44.13 -10.33 -15.46
C PRO B 114 -45.47 -10.23 -16.18
N LYS B 115 -45.96 -11.35 -16.69
CA LYS B 115 -47.25 -11.37 -17.38
C LYS B 115 -48.38 -10.85 -16.49
N GLY B 116 -49.22 -9.98 -17.05
CA GLY B 116 -50.41 -9.53 -16.36
C GLY B 116 -50.21 -8.37 -15.41
N MET B 117 -48.97 -7.90 -15.25
CA MET B 117 -48.68 -6.83 -14.29
C MET B 117 -48.15 -5.57 -14.96
N SER B 118 -49.03 -4.60 -15.20
CA SER B 118 -48.66 -3.40 -15.92
C SER B 118 -48.08 -2.31 -15.00
N GLN B 119 -48.28 -2.47 -13.69
CA GLN B 119 -47.87 -1.44 -12.73
C GLN B 119 -46.51 -1.74 -12.09
N LEU B 120 -45.78 -0.69 -11.76
CA LEU B 120 -44.45 -0.83 -11.15
C LEU B 120 -44.20 0.31 -10.16
N ILE B 121 -43.74 -0.03 -8.97
CA ILE B 121 -43.24 0.96 -8.02
C ILE B 121 -41.83 0.52 -7.61
N THR B 122 -40.89 1.46 -7.49
CA THR B 122 -39.53 1.12 -7.11
C THR B 122 -39.29 1.36 -5.62
N MET B 123 -38.36 0.59 -5.05
CA MET B 123 -38.01 0.63 -3.64
C MET B 123 -36.51 0.35 -3.54
N ALA B 124 -35.89 0.67 -2.41
CA ALA B 124 -34.43 0.51 -2.33
C ALA B 124 -33.97 -0.88 -1.88
N CYS B 125 -34.83 -1.67 -1.25
CA CYS B 125 -34.39 -3.01 -0.83
C CYS B 125 -35.54 -4.00 -0.82
N GLY B 126 -35.20 -5.26 -0.56
CA GLY B 126 -36.23 -6.30 -0.53
C GLY B 126 -37.25 -6.16 0.58
N SER B 127 -36.81 -5.72 1.74
CA SER B 127 -37.69 -5.53 2.89
C SER B 127 -38.75 -4.46 2.65
N CYS B 128 -38.35 -3.27 2.21
CA CYS B 128 -39.37 -2.25 1.97
C CYS B 128 -40.17 -2.61 0.72
N SER B 129 -39.61 -3.43 -0.17
CA SER B 129 -40.38 -3.92 -1.31
C SER B 129 -41.55 -4.75 -0.78
N ASN B 130 -41.24 -5.69 0.10
CA ASN B 130 -42.29 -6.54 0.67
C ASN B 130 -43.24 -5.78 1.58
N GLU B 131 -42.72 -4.86 2.41
CA GLU B 131 -43.56 -4.09 3.31
C GLU B 131 -44.60 -3.31 2.52
N ASN B 132 -44.16 -2.70 1.44
CA ASN B 132 -45.04 -1.87 0.66
C ASN B 132 -45.97 -2.71 -0.19
N ALA B 133 -45.53 -3.92 -0.52
CA ALA B 133 -46.41 -4.86 -1.21
C ALA B 133 -47.55 -5.23 -0.26
N PHE B 134 -47.22 -5.50 1.01
CA PHE B 134 -48.24 -5.75 2.03
C PHE B 134 -49.25 -4.60 2.08
N LYS B 135 -48.74 -3.38 2.16
CA LYS B 135 -49.61 -2.23 2.32
C LYS B 135 -50.51 -2.06 1.08
N THR B 136 -49.94 -2.29 -0.09
CA THR B 136 -50.70 -2.21 -1.34
C THR B 136 -51.85 -3.22 -1.31
N ILE B 137 -51.56 -4.42 -0.82
CA ILE B 137 -52.56 -5.47 -0.69
C ILE B 137 -53.64 -5.12 0.36
N PHE B 138 -53.21 -4.59 1.51
CA PHE B 138 -54.16 -4.19 2.55
C PHE B 138 -55.13 -3.11 2.04
N MET B 139 -54.62 -2.11 1.34
CA MET B 139 -55.52 -1.04 0.91
C MET B 139 -56.41 -1.52 -0.26
N TRP B 140 -55.91 -2.45 -1.06
CA TRP B 140 -56.73 -3.07 -2.12
C TRP B 140 -57.89 -3.85 -1.50
N TYR B 141 -57.59 -4.61 -0.45
CA TYR B 141 -58.62 -5.43 0.18
C TYR B 141 -59.69 -4.56 0.83
N ARG B 142 -59.25 -3.51 1.51
CA ARG B 142 -60.17 -2.58 2.14
C ARG B 142 -61.00 -1.88 1.06
N SER B 143 -60.39 -1.64 -0.10
CA SER B 143 -61.08 -1.00 -1.20
C SER B 143 -62.24 -1.89 -1.69
N LYS B 144 -61.98 -3.20 -1.75
CA LYS B 144 -63.02 -4.16 -2.13
C LYS B 144 -64.19 -4.08 -1.16
N GLU B 145 -63.89 -4.07 0.15
CA GLU B 145 -64.91 -4.06 1.19
C GLU B 145 -65.69 -2.74 1.24
N ARG B 146 -65.03 -1.61 1.03
CA ARG B 146 -65.75 -0.34 1.17
C ARG B 146 -66.29 0.17 -0.17
N GLY B 147 -65.86 -0.46 -1.25
CA GLY B 147 -66.29 -0.05 -2.58
C GLY B 147 -65.86 1.37 -2.92
N GLU B 148 -66.52 1.97 -3.90
CA GLU B 148 -66.20 3.33 -4.32
C GLU B 148 -66.84 4.37 -3.41
N SER B 149 -66.37 4.42 -2.16
CA SER B 149 -66.87 5.38 -1.19
C SER B 149 -65.70 5.97 -0.42
N ALA B 150 -65.94 7.10 0.25
CA ALA B 150 -64.87 7.79 0.95
C ALA B 150 -64.53 7.14 2.30
N PHE B 151 -63.32 7.41 2.80
CA PHE B 151 -62.98 7.02 4.16
C PHE B 151 -64.00 7.60 5.12
N SER B 152 -64.41 6.84 6.12
CA SER B 152 -65.37 7.33 7.09
C SER B 152 -64.65 8.22 8.10
N LYS B 153 -65.43 9.07 8.79
CA LYS B 153 -64.85 9.91 9.83
C LYS B 153 -64.25 9.09 10.95
N GLU B 154 -64.94 8.02 11.34
CA GLU B 154 -64.46 7.10 12.35
C GLU B 154 -63.14 6.43 11.94
N GLU B 155 -63.02 6.06 10.66
CA GLU B 155 -61.80 5.45 10.17
C GLU B 155 -60.63 6.45 10.22
N LEU B 156 -60.89 7.68 9.80
CA LEU B 156 -59.85 8.68 9.71
C LEU B 156 -59.35 9.08 11.10
N GLU B 157 -60.24 9.01 12.09
CA GLU B 157 -59.84 9.39 13.43
C GLU B 157 -59.13 8.24 14.14
N THR B 158 -59.62 7.01 13.97
CA THR B 158 -59.04 5.88 14.68
C THR B 158 -57.69 5.43 14.11
N CYS B 159 -57.45 5.64 12.81
CA CYS B 159 -56.19 5.18 12.23
C CYS B 159 -55.00 5.99 12.79
N MET B 160 -55.25 7.23 13.20
CA MET B 160 -54.20 8.08 13.76
C MET B 160 -53.72 7.59 15.12
N ILE B 161 -54.54 6.79 15.78
CA ILE B 161 -54.16 6.25 17.08
C ILE B 161 -54.15 4.72 17.09
N ASN B 162 -53.85 4.15 15.93
CA ASN B 162 -53.57 2.72 15.81
C ASN B 162 -54.75 1.85 16.21
N GLN B 163 -55.96 2.30 15.87
CA GLN B 163 -57.17 1.59 16.26
C GLN B 163 -58.03 1.22 15.06
N ALA B 164 -58.76 0.11 15.20
CA ALA B 164 -59.78 -0.25 14.24
C ALA B 164 -60.94 0.75 14.38
N PRO B 165 -61.71 0.97 13.31
CA PRO B 165 -61.65 0.39 11.96
C PRO B 165 -60.63 1.02 11.02
N GLY B 166 -60.02 2.15 11.43
CA GLY B 166 -59.02 2.80 10.61
C GLY B 166 -57.84 1.89 10.33
N CYS B 167 -57.38 1.21 11.38
CA CYS B 167 -56.35 0.18 11.27
C CYS B 167 -56.99 -1.19 11.38
N PRO B 168 -57.16 -1.87 10.24
CA PRO B 168 -57.82 -3.19 10.22
C PRO B 168 -56.96 -4.28 10.82
N ASP B 169 -57.56 -5.41 11.15
CA ASP B 169 -56.81 -6.54 11.68
C ASP B 169 -56.58 -7.59 10.60
N TYR B 170 -56.35 -7.14 9.37
CA TYR B 170 -56.01 -8.02 8.27
C TYR B 170 -54.72 -8.77 8.54
N SER B 171 -54.57 -9.92 7.89
CA SER B 171 -53.37 -10.73 8.01
C SER B 171 -52.79 -11.03 6.64
N ILE B 172 -51.51 -11.40 6.63
CA ILE B 172 -50.85 -11.94 5.46
C ILE B 172 -50.44 -13.36 5.83
N LEU B 173 -50.79 -14.32 4.98
CA LEU B 173 -50.43 -15.72 5.24
C LEU B 173 -49.03 -16.00 4.68
N SER B 174 -48.21 -16.66 5.49
CA SER B 174 -46.86 -17.00 5.08
C SER B 174 -46.59 -18.48 5.36
N PHE B 175 -45.43 -18.95 4.93
CA PHE B 175 -45.08 -20.36 5.10
C PHE B 175 -43.92 -20.56 6.08
N MET B 176 -43.98 -21.66 6.83
CA MET B 176 -42.83 -22.07 7.63
C MET B 176 -41.62 -22.19 6.70
N GLY B 177 -40.44 -21.79 7.18
CA GLY B 177 -39.24 -21.83 6.37
C GLY B 177 -39.03 -20.59 5.51
N ALA B 178 -40.01 -19.69 5.49
CA ALA B 178 -39.92 -18.53 4.61
C ALA B 178 -38.95 -17.47 5.10
N PHE B 179 -38.42 -16.68 4.17
CA PHE B 179 -37.68 -15.48 4.55
C PHE B 179 -38.09 -14.32 3.63
N HIS B 180 -38.58 -13.24 4.22
CA HIS B 180 -39.11 -12.13 3.44
C HIS B 180 -38.57 -10.77 3.89
N GLY B 181 -37.61 -10.80 4.81
CA GLY B 181 -37.03 -9.56 5.31
C GLY B 181 -37.13 -9.42 6.80
N ARG B 182 -36.60 -8.31 7.32
CA ARG B 182 -36.32 -8.18 8.74
C ARG B 182 -37.03 -7.01 9.42
N THR B 183 -37.60 -6.08 8.63
CA THR B 183 -38.41 -5.04 9.23
C THR B 183 -39.66 -5.73 9.80
N MET B 184 -40.36 -5.07 10.72
CA MET B 184 -41.28 -5.82 11.59
C MET B 184 -42.52 -6.40 10.89
N GLY B 185 -42.91 -5.84 9.74
CA GLY B 185 -43.94 -6.46 8.93
C GLY B 185 -43.42 -7.71 8.23
N CYS B 186 -42.37 -7.52 7.44
CA CYS B 186 -41.62 -8.62 6.80
C CYS B 186 -41.32 -9.75 7.74
N LEU B 187 -40.90 -9.38 8.94
CA LEU B 187 -40.39 -10.35 9.89
C LEU B 187 -41.51 -11.26 10.35
N ALA B 188 -42.73 -10.73 10.40
CA ALA B 188 -43.89 -11.53 10.80
C ALA B 188 -44.14 -12.67 9.83
N THR B 189 -43.73 -12.50 8.58
CA THR B 189 -43.93 -13.51 7.55
C THR B 189 -42.68 -14.35 7.33
N THR B 190 -41.65 -14.07 8.12
CA THR B 190 -40.39 -14.79 8.07
C THR B 190 -40.38 -15.90 9.11
N HIS B 191 -39.94 -17.09 8.72
CA HIS B 191 -39.92 -18.24 9.62
C HIS B 191 -38.72 -19.11 9.27
N SER B 192 -37.55 -18.49 9.26
CA SER B 192 -36.33 -19.09 8.76
C SER B 192 -35.49 -19.69 9.91
N LYS B 193 -35.03 -18.84 10.82
CA LYS B 193 -34.19 -19.25 11.95
C LYS B 193 -34.58 -18.48 13.21
N ALA B 194 -34.49 -19.13 14.36
CA ALA B 194 -34.90 -18.49 15.61
C ALA B 194 -34.15 -17.18 15.86
N ILE B 195 -32.87 -17.13 15.49
CA ILE B 195 -32.04 -15.96 15.78
C ILE B 195 -32.56 -14.73 15.01
N HIS B 196 -33.25 -14.95 13.91
CA HIS B 196 -33.88 -13.86 13.16
C HIS B 196 -35.12 -13.30 13.86
N LYS B 197 -35.75 -14.11 14.70
CA LYS B 197 -37.08 -13.83 15.23
C LYS B 197 -37.13 -13.49 16.70
N ILE B 198 -36.21 -14.06 17.48
CA ILE B 198 -36.37 -14.04 18.93
C ILE B 198 -36.24 -12.63 19.51
N ASP B 199 -37.12 -12.34 20.45
CA ASP B 199 -37.21 -11.10 21.23
C ASP B 199 -37.88 -9.94 20.47
N ILE B 200 -38.38 -10.21 19.28
CA ILE B 200 -39.04 -9.15 18.51
C ILE B 200 -40.56 -9.35 18.44
N PRO B 201 -41.33 -8.31 18.80
CA PRO B 201 -42.80 -8.35 18.70
C PRO B 201 -43.26 -8.71 17.29
N SER B 202 -44.40 -9.38 17.18
CA SER B 202 -44.81 -9.93 15.89
C SER B 202 -46.29 -9.70 15.63
N PHE B 203 -46.82 -10.34 14.58
CA PHE B 203 -48.25 -10.30 14.28
C PHE B 203 -48.83 -11.71 14.35
N ASP B 204 -50.02 -11.85 14.93
CA ASP B 204 -50.75 -13.12 14.87
C ASP B 204 -51.33 -13.31 13.48
N TRP B 205 -50.50 -13.80 12.58
CA TRP B 205 -50.89 -14.08 11.20
C TRP B 205 -50.75 -15.59 10.95
N PRO B 206 -51.52 -16.14 10.00
CA PRO B 206 -51.45 -17.59 9.77
C PRO B 206 -50.16 -18.06 9.12
N ILE B 207 -49.67 -19.21 9.59
CA ILE B 207 -48.43 -19.79 9.08
C ILE B 207 -48.66 -21.21 8.58
N ALA B 208 -48.52 -21.40 7.28
CA ALA B 208 -48.79 -22.68 6.63
C ALA B 208 -47.52 -23.50 6.45
N PRO B 209 -47.66 -24.84 6.42
CA PRO B 209 -46.48 -25.67 6.10
C PRO B 209 -46.09 -25.55 4.63
N PHE B 210 -44.79 -25.50 4.36
CA PHE B 210 -44.29 -25.56 2.98
C PHE B 210 -43.85 -26.99 2.72
N PRO B 211 -44.12 -27.51 1.50
CA PRO B 211 -43.84 -28.93 1.27
C PRO B 211 -42.37 -29.29 1.49
N ARG B 212 -42.12 -30.40 2.17
CA ARG B 212 -40.77 -30.93 2.27
C ARG B 212 -40.67 -32.15 1.38
N LEU B 213 -40.09 -31.98 0.21
CA LEU B 213 -39.98 -33.05 -0.78
C LEU B 213 -38.99 -34.10 -0.34
N LYS B 214 -39.20 -35.33 -0.79
CA LYS B 214 -38.29 -36.44 -0.51
C LYS B 214 -37.49 -36.76 -1.77
N TYR B 215 -36.21 -37.08 -1.58
CA TYR B 215 -35.31 -37.32 -2.71
C TYR B 215 -34.72 -38.74 -2.70
N PRO B 216 -34.41 -39.29 -3.89
CA PRO B 216 -34.56 -38.66 -5.21
C PRO B 216 -36.02 -38.58 -5.68
N LEU B 217 -36.35 -37.50 -6.38
CA LEU B 217 -37.73 -37.22 -6.80
C LEU B 217 -38.37 -38.38 -7.56
N GLU B 218 -37.56 -39.08 -8.34
CA GLU B 218 -38.01 -40.21 -9.15
C GLU B 218 -38.61 -41.34 -8.32
N GLU B 219 -38.17 -41.44 -7.07
CA GLU B 219 -38.59 -42.55 -6.21
C GLU B 219 -39.72 -42.18 -5.25
N PHE B 220 -40.06 -40.90 -5.16
CA PHE B 220 -41.03 -40.44 -4.18
C PHE B 220 -42.14 -39.59 -4.79
N VAL B 221 -42.45 -39.84 -6.06
CA VAL B 221 -43.50 -39.10 -6.75
C VAL B 221 -44.80 -39.05 -5.97
N LYS B 222 -45.30 -40.23 -5.57
CA LYS B 222 -46.55 -40.32 -4.83
C LYS B 222 -46.46 -39.62 -3.48
N GLU B 223 -45.39 -39.89 -2.74
CA GLU B 223 -45.19 -39.28 -1.43
C GLU B 223 -45.17 -37.76 -1.54
N ASN B 224 -44.53 -37.25 -2.59
CA ASN B 224 -44.39 -35.81 -2.79
C ASN B 224 -45.68 -35.15 -3.25
N GLN B 225 -46.47 -35.84 -4.07
CA GLN B 225 -47.80 -35.34 -4.41
C GLN B 225 -48.64 -35.22 -3.14
N GLN B 226 -48.60 -36.25 -2.32
CA GLN B 226 -49.36 -36.28 -1.06
C GLN B 226 -48.93 -35.17 -0.11
N GLU B 227 -47.64 -34.87 -0.10
CA GLU B 227 -47.10 -33.84 0.79
C GLU B 227 -47.59 -32.46 0.35
N GLU B 228 -47.47 -32.18 -0.94
CA GLU B 228 -47.92 -30.91 -1.48
C GLU B 228 -49.43 -30.74 -1.28
N ALA B 229 -50.20 -31.80 -1.54
CA ALA B 229 -51.66 -31.75 -1.35
C ALA B 229 -52.03 -31.44 0.09
N ARG B 230 -51.32 -32.06 1.04
CA ARG B 230 -51.55 -31.80 2.46
C ARG B 230 -51.30 -30.32 2.82
N CYS B 231 -50.25 -29.75 2.25
CA CYS B 231 -49.91 -28.37 2.54
C CYS B 231 -50.95 -27.42 1.97
N LEU B 232 -51.37 -27.68 0.74
CA LEU B 232 -52.43 -26.92 0.10
C LEU B 232 -53.71 -26.93 0.91
N GLU B 233 -54.06 -28.09 1.48
CA GLU B 233 -55.27 -28.16 2.30
C GLU B 233 -55.13 -27.31 3.56
N GLU B 234 -53.95 -27.33 4.18
CA GLU B 234 -53.76 -26.56 5.40
C GLU B 234 -53.78 -25.07 5.10
N VAL B 235 -53.33 -24.68 3.91
CA VAL B 235 -53.41 -23.28 3.50
C VAL B 235 -54.87 -22.84 3.47
N GLU B 236 -55.73 -23.63 2.83
CA GLU B 236 -57.13 -23.29 2.73
C GLU B 236 -57.79 -23.25 4.11
N ASP B 237 -57.49 -24.24 4.95
CA ASP B 237 -58.04 -24.27 6.30
C ASP B 237 -57.66 -23.05 7.12
N LEU B 238 -56.44 -22.57 6.92
CA LEU B 238 -55.97 -21.40 7.65
C LEU B 238 -56.72 -20.16 7.21
N ILE B 239 -56.95 -20.03 5.90
CA ILE B 239 -57.67 -18.90 5.37
C ILE B 239 -59.07 -18.82 5.99
N VAL B 240 -59.77 -19.95 5.97
CA VAL B 240 -61.10 -20.03 6.56
C VAL B 240 -61.07 -19.68 8.04
N LYS B 241 -60.14 -20.30 8.77
CA LYS B 241 -60.02 -20.10 10.21
C LYS B 241 -59.78 -18.64 10.60
N TYR B 242 -58.89 -17.96 9.88
CA TYR B 242 -58.57 -16.59 10.26
C TYR B 242 -59.66 -15.61 9.85
N ARG B 243 -60.44 -15.95 8.82
CA ARG B 243 -61.60 -15.13 8.50
C ARG B 243 -62.56 -15.16 9.69
N LYS B 244 -62.72 -16.33 10.30
CA LYS B 244 -63.60 -16.47 11.46
C LYS B 244 -63.07 -15.72 12.68
N LYS B 245 -61.75 -15.68 12.85
CA LYS B 245 -61.13 -14.96 13.97
C LYS B 245 -61.18 -13.44 13.78
N LYS B 246 -61.81 -13.01 12.69
CA LYS B 246 -61.90 -11.61 12.30
C LYS B 246 -60.51 -11.04 12.03
N LYS B 247 -59.64 -11.89 11.47
CA LYS B 247 -58.30 -11.50 11.06
C LYS B 247 -58.10 -11.89 9.59
N THR B 248 -58.98 -11.39 8.74
CA THR B 248 -59.06 -11.78 7.33
C THR B 248 -57.72 -11.76 6.61
N VAL B 249 -57.42 -12.86 5.92
CA VAL B 249 -56.21 -12.96 5.11
C VAL B 249 -56.37 -12.17 3.82
N ALA B 250 -55.69 -11.02 3.72
CA ALA B 250 -55.79 -10.18 2.53
C ALA B 250 -54.84 -10.64 1.46
N GLY B 251 -53.81 -11.37 1.87
CA GLY B 251 -52.80 -11.81 0.93
C GLY B 251 -52.02 -13.02 1.38
N ILE B 252 -51.43 -13.69 0.40
CA ILE B 252 -50.53 -14.80 0.63
C ILE B 252 -49.17 -14.49 0.02
N ILE B 253 -48.11 -14.62 0.81
CA ILE B 253 -46.78 -14.42 0.26
C ILE B 253 -45.99 -15.75 0.26
N VAL B 254 -45.30 -16.00 -0.83
CA VAL B 254 -44.45 -17.20 -0.95
C VAL B 254 -43.25 -16.94 -1.85
N GLU B 255 -42.14 -17.62 -1.59
CA GLU B 255 -41.00 -17.65 -2.51
C GLU B 255 -41.14 -18.81 -3.50
N PRO B 256 -40.71 -18.64 -4.75
CA PRO B 256 -40.81 -19.79 -5.68
C PRO B 256 -39.89 -20.94 -5.28
N ILE B 257 -38.80 -20.60 -4.60
CA ILE B 257 -37.90 -21.53 -3.92
C ILE B 257 -37.51 -20.86 -2.62
N GLN B 258 -37.77 -21.50 -1.48
CA GLN B 258 -37.42 -20.93 -0.19
C GLN B 258 -35.92 -20.94 0.04
N SER B 259 -35.28 -19.78 0.15
CA SER B 259 -33.83 -19.73 0.23
C SER B 259 -33.25 -19.88 1.64
N GLU B 260 -33.44 -18.87 2.49
CA GLU B 260 -32.80 -18.87 3.81
C GLU B 260 -33.25 -20.04 4.67
N GLY B 261 -34.49 -20.48 4.46
CA GLY B 261 -35.02 -21.62 5.18
C GLY B 261 -34.45 -22.96 4.76
N GLY B 262 -33.66 -23.00 3.68
CA GLY B 262 -32.95 -24.21 3.31
C GLY B 262 -33.13 -24.72 1.89
N ASP B 263 -33.25 -23.82 0.93
CA ASP B 263 -33.53 -24.17 -0.48
C ASP B 263 -34.58 -25.26 -0.58
N ASN B 264 -35.77 -24.94 -0.09
CA ASN B 264 -36.90 -25.84 -0.18
C ASN B 264 -37.64 -25.64 -1.49
N HIS B 265 -37.72 -26.70 -2.30
CA HIS B 265 -38.43 -26.64 -3.57
C HIS B 265 -39.83 -27.24 -3.46
N ALA B 266 -40.65 -26.94 -4.46
CA ALA B 266 -41.95 -27.58 -4.66
C ALA B 266 -42.27 -27.57 -6.15
N SER B 267 -43.14 -28.49 -6.57
CA SER B 267 -43.50 -28.60 -7.98
C SER B 267 -44.19 -27.35 -8.50
N ASP B 268 -44.12 -27.15 -9.82
CA ASP B 268 -44.89 -26.08 -10.45
C ASP B 268 -46.39 -26.27 -10.21
N ASP B 269 -46.82 -27.53 -10.18
CA ASP B 269 -48.21 -27.86 -9.90
C ASP B 269 -48.68 -27.27 -8.56
N PHE B 270 -47.83 -27.40 -7.55
CA PHE B 270 -48.13 -26.86 -6.23
C PHE B 270 -48.41 -25.37 -6.29
N PHE B 271 -47.55 -24.64 -6.98
CA PHE B 271 -47.69 -23.18 -7.06
C PHE B 271 -48.90 -22.77 -7.90
N ARG B 272 -49.19 -23.52 -8.96
CA ARG B 272 -50.38 -23.24 -9.77
C ARG B 272 -51.65 -23.39 -8.91
N LYS B 273 -51.69 -24.46 -8.12
CA LYS B 273 -52.85 -24.70 -7.28
C LYS B 273 -52.90 -23.71 -6.12
N LEU B 274 -51.73 -23.28 -5.67
CA LEU B 274 -51.67 -22.29 -4.60
C LEU B 274 -52.23 -20.96 -5.10
N ARG B 275 -51.83 -20.59 -6.32
CA ARG B 275 -52.34 -19.40 -7.00
C ARG B 275 -53.87 -19.45 -7.06
N ASP B 276 -54.42 -20.60 -7.44
CA ASP B 276 -55.85 -20.79 -7.53
C ASP B 276 -56.55 -20.65 -6.20
N ILE B 277 -55.97 -21.23 -5.15
CA ILE B 277 -56.53 -21.14 -3.82
C ILE B 277 -56.61 -19.68 -3.39
N SER B 278 -55.54 -18.93 -3.68
CA SER B 278 -55.48 -17.51 -3.37
C SER B 278 -56.65 -16.75 -4.02
N ARG B 279 -56.79 -16.93 -5.33
N ARG B 279 -56.79 -16.93 -5.33
CA ARG B 279 -57.84 -16.25 -6.09
CA ARG B 279 -57.83 -16.27 -6.11
C ARG B 279 -59.22 -16.65 -5.58
C ARG B 279 -59.23 -16.67 -5.65
N LYS B 280 -59.41 -17.95 -5.37
CA LYS B 280 -60.68 -18.49 -4.89
C LYS B 280 -61.18 -17.83 -3.59
N HIS B 281 -60.26 -17.46 -2.71
CA HIS B 281 -60.64 -16.86 -1.42
C HIS B 281 -60.47 -15.33 -1.40
N GLY B 282 -60.21 -14.73 -2.55
CA GLY B 282 -60.08 -13.29 -2.62
C GLY B 282 -58.79 -12.77 -2.01
N CYS B 283 -57.80 -13.65 -1.89
CA CYS B 283 -56.47 -13.26 -1.39
C CYS B 283 -55.56 -12.80 -2.52
N ALA B 284 -54.85 -11.69 -2.31
CA ALA B 284 -53.82 -11.29 -3.24
C ALA B 284 -52.70 -12.31 -3.18
N PHE B 285 -52.19 -12.68 -4.34
CA PHE B 285 -51.08 -13.62 -4.38
C PHE B 285 -49.79 -12.85 -4.62
N LEU B 286 -48.97 -12.80 -3.58
CA LEU B 286 -47.70 -12.08 -3.58
C LEU B 286 -46.51 -13.03 -3.73
N VAL B 287 -45.82 -12.95 -4.86
CA VAL B 287 -44.64 -13.79 -5.08
C VAL B 287 -43.36 -13.01 -4.77
N ASP B 288 -42.55 -13.53 -3.85
CA ASP B 288 -41.29 -12.86 -3.46
C ASP B 288 -40.15 -13.41 -4.31
N GLU B 289 -39.70 -12.61 -5.29
CA GLU B 289 -38.61 -13.03 -6.16
C GLU B 289 -37.34 -12.22 -5.89
N VAL B 290 -37.20 -11.74 -4.67
CA VAL B 290 -36.01 -10.97 -4.29
C VAL B 290 -34.75 -11.81 -4.55
N GLN B 291 -34.82 -13.11 -4.27
CA GLN B 291 -33.62 -13.93 -4.44
C GLN B 291 -33.69 -14.85 -5.68
N THR B 292 -34.87 -15.34 -6.03
CA THR B 292 -34.99 -16.19 -7.22
C THR B 292 -34.98 -15.38 -8.54
N GLY B 293 -35.29 -14.09 -8.45
CA GLY B 293 -35.37 -13.26 -9.63
C GLY B 293 -34.03 -12.84 -10.20
N GLY B 294 -34.01 -12.51 -11.49
CA GLY B 294 -32.79 -12.08 -12.14
C GLY B 294 -32.11 -13.14 -12.98
N GLY B 295 -32.76 -14.29 -13.15
CA GLY B 295 -32.35 -15.23 -14.18
C GLY B 295 -31.61 -16.51 -13.87
N SER B 296 -31.19 -16.73 -12.62
CA SER B 296 -30.33 -17.88 -12.34
CA SER B 296 -30.34 -17.88 -12.30
C SER B 296 -31.06 -19.22 -12.48
N THR B 297 -32.39 -19.21 -12.39
CA THR B 297 -33.12 -20.47 -12.57
C THR B 297 -33.33 -20.84 -14.03
N GLY B 298 -32.82 -20.02 -14.94
CA GLY B 298 -32.97 -20.28 -16.37
C GLY B 298 -34.02 -19.43 -17.08
N LYS B 299 -34.93 -18.84 -16.30
CA LYS B 299 -35.87 -17.84 -16.80
C LYS B 299 -35.73 -16.60 -15.95
N PHE B 300 -36.09 -15.42 -16.47
CA PHE B 300 -35.78 -14.20 -15.75
C PHE B 300 -36.40 -14.20 -14.35
N TRP B 301 -37.70 -14.47 -14.29
CA TRP B 301 -38.37 -14.70 -13.02
C TRP B 301 -38.67 -16.19 -12.86
N ALA B 302 -38.37 -16.74 -11.69
CA ALA B 302 -38.58 -18.17 -11.44
C ALA B 302 -40.05 -18.60 -11.64
N HIS B 303 -40.99 -17.71 -11.34
CA HIS B 303 -42.41 -18.08 -11.48
C HIS B 303 -42.79 -18.35 -12.93
N GLU B 304 -41.94 -17.94 -13.87
CA GLU B 304 -42.24 -18.16 -15.28
C GLU B 304 -42.31 -19.64 -15.62
N HIS B 305 -41.62 -20.46 -14.82
CA HIS B 305 -41.65 -21.92 -14.99
C HIS B 305 -43.07 -22.48 -14.79
N TRP B 306 -43.90 -21.81 -14.01
CA TRP B 306 -45.26 -22.27 -13.73
C TRP B 306 -46.12 -22.25 -14.99
N GLY B 307 -45.72 -21.44 -15.96
CA GLY B 307 -46.40 -21.34 -17.23
C GLY B 307 -47.78 -20.72 -17.18
N LEU B 308 -48.00 -19.83 -16.22
CA LEU B 308 -49.31 -19.18 -16.05
C LEU B 308 -49.36 -17.80 -16.71
N ASP B 309 -50.47 -17.50 -17.38
CA ASP B 309 -50.71 -16.15 -17.89
C ASP B 309 -51.09 -15.20 -16.75
N ASP B 310 -51.62 -15.77 -15.68
CA ASP B 310 -51.96 -14.99 -14.49
C ASP B 310 -51.24 -15.56 -13.27
N PRO B 311 -49.90 -15.33 -13.20
CA PRO B 311 -49.08 -16.00 -12.19
C PRO B 311 -49.24 -15.44 -10.78
N ALA B 312 -49.61 -14.17 -10.68
CA ALA B 312 -49.67 -13.50 -9.39
C ALA B 312 -50.29 -12.12 -9.50
N ASP B 313 -50.55 -11.52 -8.36
CA ASP B 313 -51.12 -10.18 -8.30
C ASP B 313 -50.01 -9.16 -8.08
N VAL B 314 -49.01 -9.55 -7.29
CA VAL B 314 -47.89 -8.68 -6.94
C VAL B 314 -46.59 -9.51 -6.95
N MET B 315 -45.49 -8.92 -7.41
CA MET B 315 -44.21 -9.61 -7.38
C MET B 315 -43.11 -8.63 -7.00
N THR B 316 -42.46 -8.93 -5.87
CA THR B 316 -41.34 -8.13 -5.38
C THR B 316 -39.99 -8.63 -5.87
N PHE B 317 -39.01 -7.75 -5.89
CA PHE B 317 -37.67 -8.08 -6.38
C PHE B 317 -36.66 -7.17 -5.71
N SER B 318 -35.38 -7.55 -5.81
CA SER B 318 -34.26 -6.75 -5.33
C SER B 318 -32.97 -7.46 -5.74
N LYS B 319 -31.91 -7.29 -4.93
CA LYS B 319 -30.64 -8.02 -5.11
C LYS B 319 -30.04 -7.88 -6.51
N LYS B 320 -30.14 -8.92 -7.35
CA LYS B 320 -29.60 -8.86 -8.71
C LYS B 320 -30.16 -7.69 -9.53
N MET B 321 -31.35 -7.24 -9.17
CA MET B 321 -32.02 -6.18 -9.92
C MET B 321 -31.48 -4.79 -9.56
N MET B 322 -30.52 -4.75 -8.63
CA MET B 322 -29.80 -3.51 -8.24
C MET B 322 -30.68 -2.59 -7.39
N THR B 323 -31.87 -2.32 -7.89
CA THR B 323 -32.91 -1.62 -7.14
C THR B 323 -33.95 -2.64 -6.72
N GLY B 324 -34.73 -2.31 -5.69
CA GLY B 324 -35.89 -3.10 -5.32
C GLY B 324 -37.13 -2.52 -5.98
N GLY B 325 -38.28 -3.03 -5.60
CA GLY B 325 -39.56 -2.57 -6.15
C GLY B 325 -40.53 -3.72 -6.26
N PHE B 326 -41.70 -3.47 -6.83
CA PHE B 326 -42.61 -4.57 -7.10
C PHE B 326 -43.48 -4.25 -8.30
N PHE B 327 -43.69 -5.26 -9.15
CA PHE B 327 -44.69 -5.16 -10.21
C PHE B 327 -46.03 -5.54 -9.62
N HIS B 328 -47.14 -5.07 -10.22
CA HIS B 328 -48.44 -5.52 -9.77
C HIS B 328 -49.52 -5.26 -10.81
N LYS B 329 -50.65 -5.93 -10.64
CA LYS B 329 -51.80 -5.75 -11.53
C LYS B 329 -52.38 -4.36 -11.40
N GLU B 330 -52.94 -3.87 -12.50
CA GLU B 330 -53.58 -2.56 -12.51
C GLU B 330 -54.62 -2.39 -11.40
N GLU B 331 -55.32 -3.45 -11.02
CA GLU B 331 -56.38 -3.31 -10.03
CA GLU B 331 -56.37 -3.34 -10.03
C GLU B 331 -55.82 -3.08 -8.63
N PHE B 332 -54.51 -3.30 -8.44
CA PHE B 332 -53.89 -3.05 -7.13
C PHE B 332 -53.28 -1.65 -7.02
N ARG B 333 -53.41 -0.87 -8.07
CA ARG B 333 -52.90 0.50 -8.07
C ARG B 333 -53.56 1.33 -6.98
N PRO B 334 -52.75 1.93 -6.09
CA PRO B 334 -53.32 2.76 -5.02
C PRO B 334 -54.25 3.83 -5.59
N ASN B 335 -55.34 4.11 -4.88
CA ASN B 335 -56.36 5.05 -5.35
C ASN B 335 -55.95 6.51 -5.20
N ALA B 336 -55.08 6.77 -4.23
CA ALA B 336 -54.67 8.13 -3.91
C ALA B 336 -53.15 8.16 -3.71
N PRO B 337 -52.52 9.33 -3.96
CA PRO B 337 -51.08 9.39 -3.74
C PRO B 337 -50.74 9.46 -2.25
N TYR B 338 -49.45 9.32 -1.94
CA TYR B 338 -48.91 9.42 -0.57
C TYR B 338 -49.33 8.27 0.34
N ARG B 339 -49.81 7.16 -0.25
CA ARG B 339 -50.15 5.98 0.55
C ARG B 339 -49.01 4.96 0.43
N ILE B 340 -48.46 4.83 -0.77
CA ILE B 340 -47.22 4.07 -0.97
C ILE B 340 -46.15 5.08 -1.35
N PHE B 341 -45.21 5.32 -0.43
CA PHE B 341 -44.31 6.47 -0.57
C PHE B 341 -43.16 6.37 0.45
N ASN B 342 -42.00 6.93 0.10
CA ASN B 342 -40.96 7.26 1.09
C ASN B 342 -40.01 8.26 0.43
N THR B 343 -38.98 8.70 1.16
CA THR B 343 -38.10 9.77 0.66
C THR B 343 -37.53 9.48 -0.72
N TRP B 344 -36.94 8.30 -0.89
CA TRP B 344 -36.12 8.04 -2.07
C TRP B 344 -36.72 7.09 -3.12
N LEU B 345 -37.46 6.09 -2.66
CA LEU B 345 -38.14 5.12 -3.54
C LEU B 345 -37.18 4.47 -4.53
N GLY B 346 -36.04 4.02 -4.02
CA GLY B 346 -34.99 3.51 -4.88
C GLY B 346 -33.90 4.56 -5.09
N ASP B 347 -33.29 4.53 -6.27
CA ASP B 347 -32.17 5.39 -6.62
C ASP B 347 -31.93 5.30 -8.12
N PRO B 348 -32.05 6.42 -8.85
CA PRO B 348 -31.86 6.40 -10.31
C PRO B 348 -30.51 5.84 -10.74
N SER B 349 -29.51 5.93 -9.88
CA SER B 349 -28.20 5.40 -10.24
C SER B 349 -28.25 3.87 -10.33
N LYS B 350 -29.06 3.24 -9.48
CA LYS B 350 -29.25 1.79 -9.58
C LYS B 350 -30.02 1.41 -10.85
N ASN B 351 -30.97 2.26 -11.26
CA ASN B 351 -31.70 2.02 -12.50
C ASN B 351 -30.79 2.12 -13.72
N LEU B 352 -29.85 3.07 -13.65
CA LEU B 352 -28.84 3.26 -14.68
C LEU B 352 -28.00 2.00 -14.85
N LEU B 353 -27.51 1.46 -13.74
CA LEU B 353 -26.72 0.22 -13.76
C LEU B 353 -27.57 -0.93 -14.28
N LEU B 354 -28.81 -1.00 -13.80
CA LEU B 354 -29.69 -2.12 -14.12
C LEU B 354 -30.00 -2.20 -15.63
N ALA B 355 -30.18 -1.05 -16.27
CA ALA B 355 -30.48 -1.07 -17.70
C ALA B 355 -29.34 -1.72 -18.48
N GLU B 356 -28.11 -1.45 -18.06
CA GLU B 356 -26.96 -2.01 -18.77
C GLU B 356 -26.84 -3.50 -18.44
N VAL B 357 -27.18 -3.85 -17.21
CA VAL B 357 -27.16 -5.24 -16.79
C VAL B 357 -28.18 -6.06 -17.59
N ILE B 358 -29.37 -5.51 -17.75
CA ILE B 358 -30.40 -6.20 -18.52
C ILE B 358 -29.99 -6.30 -19.99
N ASN B 359 -29.32 -5.26 -20.48
CA ASN B 359 -28.78 -5.26 -21.84
C ASN B 359 -27.75 -6.38 -22.06
N ILE B 360 -26.89 -6.58 -21.08
CA ILE B 360 -25.88 -7.64 -21.12
C ILE B 360 -26.55 -9.02 -21.05
N ILE B 361 -27.47 -9.19 -20.11
CA ILE B 361 -28.20 -10.45 -19.97
C ILE B 361 -28.85 -10.84 -21.30
N LYS B 362 -29.42 -9.87 -21.99
CA LYS B 362 -30.09 -10.15 -23.26
C LYS B 362 -29.09 -10.38 -24.41
N ARG B 363 -28.11 -9.49 -24.57
CA ARG B 363 -27.17 -9.59 -25.67
C ARG B 363 -26.32 -10.86 -25.59
N GLU B 364 -26.02 -11.31 -24.39
CA GLU B 364 -25.13 -12.46 -24.21
C GLU B 364 -25.89 -13.74 -23.87
N ASP B 365 -27.22 -13.68 -23.93
CA ASP B 365 -28.06 -14.85 -23.73
C ASP B 365 -27.77 -15.56 -22.40
N LEU B 366 -27.73 -14.79 -21.30
CA LEU B 366 -27.28 -15.35 -20.04
C LEU B 366 -28.37 -16.18 -19.35
N LEU B 367 -29.61 -16.09 -19.81
CA LEU B 367 -30.66 -16.95 -19.26
C LEU B 367 -30.44 -18.39 -19.69
N SER B 368 -30.24 -18.57 -20.99
CA SER B 368 -29.90 -19.88 -21.54
C SER B 368 -28.64 -20.42 -20.88
N ASN B 369 -27.66 -19.54 -20.72
CA ASN B 369 -26.41 -19.94 -20.10
C ASN B 369 -26.60 -20.45 -18.67
N ALA B 370 -27.51 -19.83 -17.93
CA ALA B 370 -27.73 -20.26 -16.54
C ALA B 370 -28.37 -21.65 -16.52
N ALA B 371 -29.30 -21.89 -17.44
CA ALA B 371 -29.90 -23.20 -17.59
C ALA B 371 -28.81 -24.24 -17.88
N HIS B 372 -27.93 -23.91 -18.82
CA HIS B 372 -26.92 -24.85 -19.30
C HIS B 372 -25.84 -25.11 -18.26
N ALA B 373 -25.25 -24.04 -17.74
CA ALA B 373 -24.23 -24.15 -16.70
C ALA B 373 -24.79 -24.79 -15.44
N GLY B 374 -26.07 -24.55 -15.16
CA GLY B 374 -26.73 -25.11 -14.00
C GLY B 374 -26.94 -26.61 -14.13
N LYS B 375 -27.26 -27.05 -15.35
CA LYS B 375 -27.38 -28.48 -15.66
C LYS B 375 -26.04 -29.19 -15.40
N VAL B 376 -24.95 -28.56 -15.84
CA VAL B 376 -23.62 -29.10 -15.62
C VAL B 376 -23.31 -29.21 -14.14
N LEU B 377 -23.63 -28.15 -13.40
CA LEU B 377 -23.41 -28.17 -11.95
C LEU B 377 -24.25 -29.24 -11.27
N LEU B 378 -25.54 -29.31 -11.60
CA LEU B 378 -26.43 -30.24 -10.91
C LEU B 378 -26.07 -31.69 -11.21
N THR B 379 -25.68 -31.94 -12.45
CA THR B 379 -25.25 -33.27 -12.88
C THR B 379 -24.04 -33.73 -12.07
N GLY B 380 -23.07 -32.82 -11.93
CA GLY B 380 -21.89 -33.12 -11.14
C GLY B 380 -22.22 -33.35 -9.68
N LEU B 381 -23.16 -32.58 -9.14
CA LEU B 381 -23.55 -32.74 -7.74
C LEU B 381 -24.22 -34.10 -7.53
N LEU B 382 -25.01 -34.55 -8.50
CA LEU B 382 -25.68 -35.84 -8.41
C LEU B 382 -24.63 -36.96 -8.45
N ASP B 383 -23.59 -36.75 -9.24
CA ASP B 383 -22.51 -37.71 -9.34
C ASP B 383 -21.75 -37.81 -8.01
N LEU B 384 -21.42 -36.66 -7.42
CA LEU B 384 -20.73 -36.64 -6.14
C LEU B 384 -21.62 -37.21 -5.05
N GLN B 385 -22.93 -37.10 -5.23
CA GLN B 385 -23.90 -37.64 -4.27
C GLN B 385 -23.85 -39.17 -4.26
N ALA B 386 -23.87 -39.73 -5.47
CA ALA B 386 -23.73 -41.17 -5.67
C ALA B 386 -22.44 -41.67 -5.04
N ARG B 387 -21.35 -40.98 -5.33
CA ARG B 387 -20.03 -41.38 -4.87
C ARG B 387 -19.79 -41.12 -3.38
N TYR B 388 -20.46 -40.12 -2.82
CA TYR B 388 -20.27 -39.83 -1.40
C TYR B 388 -21.56 -39.71 -0.58
N PRO B 389 -22.39 -40.78 -0.57
CA PRO B 389 -23.69 -40.70 0.11
C PRO B 389 -23.59 -40.45 1.62
N GLN B 390 -22.42 -40.65 2.21
CA GLN B 390 -22.23 -40.40 3.63
C GLN B 390 -22.04 -38.92 3.93
N PHE B 391 -21.90 -38.11 2.89
CA PHE B 391 -21.68 -36.67 3.04
C PHE B 391 -22.73 -35.82 2.31
N ILE B 392 -23.18 -36.34 1.17
CA ILE B 392 -24.05 -35.59 0.26
C ILE B 392 -25.44 -36.23 0.12
N SER B 393 -26.49 -35.44 0.31
CA SER B 393 -27.85 -35.94 0.08
C SER B 393 -28.81 -34.82 -0.35
N ARG B 394 -29.95 -35.23 -0.89
CA ARG B 394 -31.00 -34.30 -1.33
C ARG B 394 -30.47 -33.24 -2.28
N VAL B 395 -29.61 -33.66 -3.22
CA VAL B 395 -29.14 -32.77 -4.28
C VAL B 395 -30.34 -32.30 -5.07
N ARG B 396 -30.45 -30.99 -5.28
CA ARG B 396 -31.65 -30.40 -5.83
C ARG B 396 -31.32 -29.05 -6.43
N GLY B 397 -32.15 -28.60 -7.37
CA GLY B 397 -31.91 -27.30 -7.97
C GLY B 397 -32.67 -27.00 -9.25
N ARG B 398 -32.55 -25.76 -9.69
CA ARG B 398 -33.11 -25.32 -10.95
C ARG B 398 -32.21 -24.22 -11.51
N GLY B 399 -31.71 -24.41 -12.72
CA GLY B 399 -30.65 -23.55 -13.24
C GLY B 399 -29.45 -23.70 -12.32
N THR B 400 -28.80 -22.58 -11.97
CA THR B 400 -27.65 -22.63 -11.09
C THR B 400 -28.06 -22.52 -9.62
N PHE B 401 -29.37 -22.38 -9.40
CA PHE B 401 -29.97 -22.27 -8.08
C PHE B 401 -30.02 -23.66 -7.44
N CYS B 402 -28.85 -24.16 -7.02
CA CYS B 402 -28.73 -25.54 -6.55
C CYS B 402 -28.33 -25.65 -5.09
N SER B 403 -28.51 -26.83 -4.51
CA SER B 403 -28.15 -27.08 -3.12
CA SER B 403 -28.16 -27.08 -3.12
C SER B 403 -28.09 -28.57 -2.81
N PHE B 404 -27.52 -28.87 -1.65
CA PHE B 404 -27.51 -30.24 -1.13
C PHE B 404 -27.37 -30.18 0.38
N ASP B 405 -27.68 -31.29 1.04
CA ASP B 405 -27.61 -31.38 2.49
C ASP B 405 -26.37 -32.16 2.90
N THR B 406 -25.88 -31.83 4.09
CA THR B 406 -24.79 -32.57 4.71
C THR B 406 -25.36 -33.26 5.94
N PRO B 407 -24.65 -34.23 6.52
CA PRO B 407 -25.23 -34.95 7.66
C PRO B 407 -25.59 -34.05 8.83
N ASP B 408 -24.83 -32.98 9.05
CA ASP B 408 -25.09 -32.08 10.17
C ASP B 408 -24.39 -30.73 10.02
N GLU B 409 -24.67 -29.84 10.96
CA GLU B 409 -24.23 -28.45 10.88
C GLU B 409 -22.70 -28.30 10.91
N SER B 410 -22.04 -29.11 11.74
CA SER B 410 -20.58 -29.03 11.86
C SER B 410 -19.88 -29.47 10.58
N ILE B 411 -20.37 -30.56 9.97
CA ILE B 411 -19.82 -31.02 8.69
C ILE B 411 -20.09 -29.98 7.60
N ARG B 412 -21.30 -29.41 7.61
CA ARG B 412 -21.66 -28.34 6.69
C ARG B 412 -20.66 -27.20 6.78
N ASN B 413 -20.40 -26.75 8.01
CA ASN B 413 -19.51 -25.62 8.23
C ASN B 413 -18.06 -25.97 7.89
N LYS B 414 -17.64 -27.18 8.23
CA LYS B 414 -16.28 -27.61 7.94
C LYS B 414 -16.06 -27.69 6.42
N LEU B 415 -17.05 -28.20 5.69
CA LEU B 415 -16.93 -28.26 4.24
C LEU B 415 -16.83 -26.86 3.61
N ILE B 416 -17.61 -25.91 4.09
CA ILE B 416 -17.55 -24.54 3.59
C ILE B 416 -16.18 -23.93 3.88
N SER B 417 -15.70 -24.14 5.10
CA SER B 417 -14.40 -23.63 5.53
C SER B 417 -13.24 -24.19 4.70
N ILE B 418 -13.28 -25.49 4.43
CA ILE B 418 -12.26 -26.13 3.61
C ILE B 418 -12.32 -25.66 2.16
N ALA B 419 -13.51 -25.59 1.60
CA ALA B 419 -13.69 -25.13 0.23
C ALA B 419 -13.15 -23.72 0.05
N ARG B 420 -13.38 -22.88 1.07
CA ARG B 420 -12.98 -21.49 0.99
C ARG B 420 -11.46 -21.37 0.95
N ASN B 421 -10.79 -22.14 1.80
CA ASN B 421 -9.33 -22.11 1.81
C ASN B 421 -8.76 -22.72 0.51
N LYS B 422 -9.56 -23.51 -0.18
CA LYS B 422 -9.18 -24.10 -1.47
C LYS B 422 -9.54 -23.21 -2.67
N GLY B 423 -10.14 -22.05 -2.41
CA GLY B 423 -10.38 -21.08 -3.46
C GLY B 423 -11.80 -21.03 -3.99
N VAL B 424 -12.74 -21.62 -3.26
CA VAL B 424 -14.16 -21.59 -3.67
C VAL B 424 -15.07 -21.12 -2.54
N MET B 425 -15.81 -20.05 -2.81
CA MET B 425 -16.75 -19.46 -1.85
CA MET B 425 -16.73 -19.52 -1.81
C MET B 425 -18.13 -20.09 -2.00
N LEU B 426 -18.61 -20.73 -0.95
CA LEU B 426 -19.93 -21.37 -0.94
C LEU B 426 -20.80 -20.79 0.16
N GLY B 427 -22.09 -20.80 -0.05
CA GLY B 427 -23.01 -20.34 0.98
C GLY B 427 -23.66 -21.51 1.69
N GLY B 428 -24.03 -21.31 2.94
CA GLY B 428 -24.86 -22.26 3.64
C GLY B 428 -26.28 -21.74 3.71
N CYS B 429 -27.23 -22.66 3.89
CA CYS B 429 -28.61 -22.29 4.20
C CYS B 429 -29.22 -23.40 5.07
N GLY B 430 -30.29 -23.07 5.78
CA GLY B 430 -30.84 -24.00 6.77
C GLY B 430 -29.80 -24.35 7.81
N ASP B 431 -29.97 -25.49 8.49
CA ASP B 431 -29.03 -25.88 9.53
C ASP B 431 -27.87 -26.73 8.98
N LYS B 432 -28.03 -27.31 7.79
CA LYS B 432 -26.99 -28.20 7.27
C LYS B 432 -26.98 -28.33 5.75
N SER B 433 -27.46 -27.30 5.06
CA SER B 433 -27.40 -27.30 3.60
C SER B 433 -26.28 -26.42 3.09
N ILE B 434 -25.83 -26.71 1.87
CA ILE B 434 -24.89 -25.87 1.16
C ILE B 434 -25.59 -25.43 -0.11
N ARG B 435 -25.51 -24.14 -0.46
CA ARG B 435 -26.24 -23.63 -1.60
C ARG B 435 -25.30 -22.99 -2.60
N PHE B 436 -25.79 -22.85 -3.82
CA PHE B 436 -25.06 -22.16 -4.86
C PHE B 436 -25.85 -20.97 -5.34
N ARG B 437 -25.19 -19.81 -5.42
CA ARG B 437 -25.76 -18.62 -6.03
C ARG B 437 -24.73 -17.96 -6.93
N PRO B 438 -24.40 -18.59 -8.06
CA PRO B 438 -23.35 -17.99 -8.90
C PRO B 438 -23.87 -16.78 -9.65
N THR B 439 -22.96 -15.86 -10.02
CA THR B 439 -23.34 -14.73 -10.86
C THR B 439 -23.76 -15.26 -12.23
N LEU B 440 -24.32 -14.38 -13.06
CA LEU B 440 -24.81 -14.81 -14.38
C LEU B 440 -23.70 -14.97 -15.41
N VAL B 441 -22.46 -14.67 -15.03
CA VAL B 441 -21.35 -14.93 -15.95
C VAL B 441 -20.59 -16.19 -15.51
N PHE B 442 -21.22 -16.96 -14.63
CA PHE B 442 -20.79 -18.32 -14.27
C PHE B 442 -21.07 -19.26 -15.44
N ARG B 443 -20.02 -19.90 -15.93
CA ARG B 443 -20.08 -20.76 -17.12
C ARG B 443 -19.88 -22.24 -16.81
N ASP B 444 -20.00 -23.06 -17.85
CA ASP B 444 -19.69 -24.49 -17.76
C ASP B 444 -18.36 -24.76 -17.08
N HIS B 445 -17.31 -24.09 -17.54
CA HIS B 445 -15.97 -24.42 -17.06
C HIS B 445 -15.80 -24.04 -15.59
N HIS B 446 -16.54 -23.02 -15.13
CA HIS B 446 -16.55 -22.71 -13.69
C HIS B 446 -17.23 -23.83 -12.92
N ALA B 447 -18.28 -24.40 -13.51
CA ALA B 447 -18.97 -25.50 -12.85
C ALA B 447 -18.02 -26.68 -12.75
N HIS B 448 -17.29 -26.96 -13.83
CA HIS B 448 -16.31 -28.05 -13.84
C HIS B 448 -15.18 -27.77 -12.86
N LEU B 449 -14.71 -26.52 -12.82
CA LEU B 449 -13.63 -26.15 -11.90
C LEU B 449 -14.06 -26.42 -10.45
N PHE B 450 -15.25 -25.96 -10.08
CA PHE B 450 -15.77 -26.24 -8.76
C PHE B 450 -15.86 -27.74 -8.49
N LEU B 451 -16.43 -28.47 -9.44
CA LEU B 451 -16.71 -29.88 -9.22
C LEU B 451 -15.42 -30.67 -8.99
N ASN B 452 -14.37 -30.30 -9.70
CA ASN B 452 -13.11 -31.01 -9.58
C ASN B 452 -12.40 -30.67 -8.27
N ILE B 453 -12.47 -29.41 -7.86
CA ILE B 453 -11.94 -29.00 -6.56
C ILE B 453 -12.70 -29.68 -5.41
N PHE B 454 -14.03 -29.75 -5.52
CA PHE B 454 -14.83 -30.31 -4.44
C PHE B 454 -14.70 -31.82 -4.39
N SER B 455 -14.50 -32.43 -5.56
CA SER B 455 -14.28 -33.86 -5.64
C SER B 455 -13.08 -34.28 -4.80
N ASP B 456 -11.97 -33.55 -4.93
CA ASP B 456 -10.77 -33.90 -4.17
C ASP B 456 -10.93 -33.56 -2.69
N ILE B 457 -11.72 -32.52 -2.38
CA ILE B 457 -12.05 -32.21 -1.01
C ILE B 457 -12.76 -33.40 -0.35
N LEU B 458 -13.74 -33.96 -1.05
CA LEU B 458 -14.50 -35.08 -0.52
C LEU B 458 -13.62 -36.33 -0.35
N ALA B 459 -12.74 -36.56 -1.31
CA ALA B 459 -11.81 -37.69 -1.25
C ALA B 459 -10.92 -37.62 -0.02
N ASP B 460 -10.49 -36.41 0.34
CA ASP B 460 -9.59 -36.24 1.47
C ASP B 460 -10.32 -36.01 2.78
N PHE B 461 -11.65 -35.95 2.74
CA PHE B 461 -12.42 -35.55 3.92
C PHE B 461 -12.51 -36.66 4.97
N PHE C 1 10.29 17.19 -13.84
CA PHE C 1 11.56 17.88 -13.63
C PHE C 1 11.73 18.39 -12.20
N ASP C 2 10.68 18.98 -11.63
CA ASP C 2 10.73 19.50 -10.26
C ASP C 2 9.34 19.87 -9.76
N TYR C 3 9.18 19.90 -8.44
CA TYR C 3 8.00 20.50 -7.82
C TYR C 3 8.25 22.01 -7.71
N ASP C 4 7.30 22.76 -7.18
CA ASP C 4 7.48 24.21 -7.14
C ASP C 4 7.87 24.71 -5.75
N GLY C 5 7.61 23.88 -4.75
CA GLY C 5 7.97 24.18 -3.38
C GLY C 5 7.78 22.92 -2.57
N PRO C 6 8.21 22.96 -1.30
CA PRO C 6 7.99 21.82 -0.41
C PRO C 6 6.54 21.73 0.03
N LEU C 7 6.21 20.62 0.69
CA LEU C 7 4.87 20.36 1.16
C LEU C 7 4.94 19.26 2.21
N MET C 8 4.75 19.64 3.46
CA MET C 8 4.93 18.71 4.57
C MET C 8 3.61 18.12 5.07
N LYS C 9 3.68 16.91 5.62
CA LYS C 9 2.52 16.20 6.12
C LYS C 9 2.68 15.84 7.59
N THR C 10 3.83 15.29 7.94
CA THR C 10 4.10 14.88 9.32
C THR C 10 5.45 15.39 9.81
N GLU C 11 5.76 15.06 11.05
CA GLU C 11 7.10 15.28 11.59
C GLU C 11 8.02 14.25 10.95
N VAL C 12 9.31 14.57 10.86
CA VAL C 12 10.25 13.67 10.21
C VAL C 12 11.32 13.22 11.22
N PRO C 13 11.52 11.90 11.37
CA PRO C 13 10.86 10.79 10.66
C PRO C 13 9.41 10.60 11.09
N GLY C 14 8.54 10.28 10.15
CA GLY C 14 7.15 10.02 10.46
C GLY C 14 6.96 8.58 10.91
N PRO C 15 5.72 8.19 11.20
CA PRO C 15 5.46 6.84 11.72
C PRO C 15 5.87 5.71 10.76
N ARG C 16 5.70 5.92 9.46
CA ARG C 16 6.09 4.87 8.51
C ARG C 16 7.62 4.69 8.53
N SER C 17 8.36 5.79 8.49
CA SER C 17 9.82 5.70 8.61
C SER C 17 10.22 5.04 9.92
N ARG C 18 9.61 5.45 11.05
CA ARG C 18 10.00 4.89 12.34
C ARG C 18 9.74 3.39 12.40
N GLU C 19 8.70 2.94 11.72
CA GLU C 19 8.42 1.52 11.61
C GLU C 19 9.48 0.77 10.80
N LEU C 20 9.89 1.34 9.67
CA LEU C 20 10.92 0.71 8.84
C LEU C 20 12.29 0.75 9.54
N MET C 21 12.55 1.85 10.24
CA MET C 21 13.81 1.98 10.99
C MET C 21 13.88 0.92 12.07
N LYS C 22 12.72 0.59 12.68
CA LYS C 22 12.67 -0.48 13.67
C LYS C 22 12.98 -1.85 13.06
N GLN C 23 12.47 -2.10 11.85
CA GLN C 23 12.74 -3.36 11.17
C GLN C 23 14.21 -3.47 10.79
N LEU C 24 14.78 -2.38 10.30
CA LEU C 24 16.16 -2.41 9.84
C LEU C 24 17.11 -2.59 11.03
N ASN C 25 16.72 -2.05 12.18
CA ASN C 25 17.60 -2.09 13.35
C ASN C 25 17.80 -3.51 13.88
N ILE C 26 16.94 -4.44 13.48
CA ILE C 26 17.10 -5.84 13.83
C ILE C 26 18.38 -6.41 13.23
N ILE C 27 18.65 -6.09 11.96
CA ILE C 27 19.75 -6.75 11.26
C ILE C 27 21.04 -5.95 11.24
N GLN C 28 20.98 -4.67 11.59
CA GLN C 28 22.18 -3.83 11.62
C GLN C 28 21.93 -2.61 12.51
N ASN C 29 22.98 -1.95 12.95
CA ASN C 29 22.80 -0.69 13.64
C ASN C 29 22.25 0.33 12.65
N ALA C 30 21.02 0.79 12.93
CA ALA C 30 20.31 1.70 12.04
C ALA C 30 20.20 3.09 12.62
N GLU C 31 21.01 3.40 13.63
CA GLU C 31 20.89 4.67 14.33
C GLU C 31 21.26 5.88 13.47
N ALA C 32 22.02 5.67 12.40
CA ALA C 32 22.37 6.77 11.49
C ALA C 32 21.22 7.16 10.55
N VAL C 33 20.21 6.30 10.42
CA VAL C 33 19.18 6.53 9.42
C VAL C 33 18.37 7.77 9.75
N HIS C 34 18.25 8.67 8.77
CA HIS C 34 17.46 9.88 8.93
C HIS C 34 15.97 9.56 8.81
N PHE C 35 15.61 8.94 7.69
CA PHE C 35 14.25 8.50 7.40
C PHE C 35 14.27 7.63 6.15
N PHE C 36 13.15 6.99 5.85
CA PHE C 36 13.05 6.12 4.68
C PHE C 36 12.40 6.88 3.53
N CYS C 37 12.80 6.58 2.31
CA CYS C 37 12.46 7.43 1.18
C CYS C 37 11.65 6.75 0.08
N ASN C 38 10.83 7.59 -0.57
CA ASN C 38 10.10 7.21 -1.77
C ASN C 38 10.75 7.85 -2.99
N TYR C 39 11.79 7.20 -3.53
CA TYR C 39 12.53 7.81 -4.62
C TYR C 39 11.69 7.87 -5.91
N GLU C 40 10.76 6.93 -6.04
CA GLU C 40 9.86 6.90 -7.19
C GLU C 40 9.12 8.23 -7.35
N GLU C 41 8.76 8.85 -6.23
CA GLU C 41 8.01 10.11 -6.25
C GLU C 41 8.89 11.36 -6.11
N SER C 42 10.18 11.16 -5.90
CA SER C 42 11.10 12.27 -5.75
C SER C 42 11.43 12.84 -7.12
N ARG C 43 11.63 14.14 -7.19
CA ARG C 43 11.86 14.82 -8.45
C ARG C 43 12.67 16.09 -8.25
N GLY C 44 13.62 16.33 -9.15
CA GLY C 44 14.46 17.50 -9.12
C GLY C 44 15.13 17.68 -7.77
N ASN C 45 14.91 18.83 -7.17
CA ASN C 45 15.48 19.16 -5.86
C ASN C 45 14.70 18.60 -4.67
N TYR C 46 13.65 17.83 -4.93
CA TYR C 46 12.75 17.42 -3.85
C TYR C 46 12.77 15.92 -3.53
N LEU C 47 13.02 15.63 -2.27
CA LEU C 47 13.04 14.25 -1.77
C LEU C 47 11.72 13.98 -1.05
N VAL C 48 11.03 12.92 -1.46
CA VAL C 48 9.79 12.53 -0.82
C VAL C 48 10.05 11.34 0.09
N ASP C 49 9.51 11.37 1.31
CA ASP C 49 9.71 10.24 2.21
C ASP C 49 8.49 9.32 2.22
N VAL C 50 8.55 8.27 3.03
CA VAL C 50 7.51 7.25 3.04
C VAL C 50 6.26 7.67 3.81
N ASP C 51 6.31 8.88 4.37
CA ASP C 51 5.14 9.43 5.06
C ASP C 51 4.48 10.52 4.25
N GLY C 52 4.97 10.73 3.03
CA GLY C 52 4.37 11.69 2.13
C GLY C 52 4.93 13.08 2.23
N ASN C 53 5.93 13.25 3.09
CA ASN C 53 6.63 14.53 3.20
C ASN C 53 7.51 14.79 1.97
N ARG C 54 7.43 16.00 1.44
CA ARG C 54 8.25 16.43 0.32
C ARG C 54 9.17 17.55 0.75
N MET C 55 10.48 17.29 0.78
CA MET C 55 11.44 18.26 1.28
C MET C 55 12.39 18.78 0.23
N LEU C 56 12.73 20.07 0.33
CA LEU C 56 13.79 20.64 -0.49
C LEU C 56 15.11 20.05 0.02
N ASP C 57 15.76 19.27 -0.83
CA ASP C 57 16.94 18.51 -0.39
C ASP C 57 18.20 19.29 -0.72
N LEU C 58 18.81 19.88 0.30
CA LEU C 58 20.02 20.64 0.07
C LEU C 58 21.25 19.85 0.58
N TYR C 59 21.12 18.53 0.63
CA TYR C 59 22.21 17.65 1.08
C TYR C 59 22.55 16.61 0.01
N SER C 60 21.55 16.30 -0.81
CA SER C 60 21.65 15.43 -2.00
C SER C 60 22.45 14.13 -1.81
N GLN C 61 22.08 13.35 -0.79
CA GLN C 61 22.70 12.04 -0.52
C GLN C 61 24.21 12.17 -0.30
N ILE C 62 24.58 13.06 0.63
CA ILE C 62 25.98 13.38 0.89
C ILE C 62 26.69 13.82 -0.41
N SER C 63 26.04 14.75 -1.13
CA SER C 63 26.63 15.44 -2.28
C SER C 63 26.93 14.49 -3.44
N SER C 64 26.03 13.54 -3.69
CA SER C 64 26.29 12.54 -4.73
C SER C 64 25.24 12.47 -5.84
N ILE C 65 24.16 13.24 -5.73
CA ILE C 65 23.14 13.26 -6.79
C ILE C 65 23.38 14.48 -7.69
N PRO C 66 23.82 14.25 -8.95
CA PRO C 66 24.29 15.39 -9.74
C PRO C 66 23.19 16.28 -10.33
N ILE C 67 22.14 15.72 -10.92
CA ILE C 67 21.14 16.56 -11.58
C ILE C 67 19.73 16.29 -11.10
N GLY C 68 19.60 15.99 -9.81
CA GLY C 68 18.29 15.87 -9.20
C GLY C 68 17.71 14.47 -9.26
N TYR C 69 16.62 14.23 -8.54
CA TYR C 69 15.98 12.93 -8.50
C TYR C 69 15.12 12.68 -9.74
N SER C 70 15.08 11.43 -10.16
CA SER C 70 14.28 11.01 -11.31
C SER C 70 14.39 11.93 -12.54
N HIS C 71 15.61 12.27 -12.96
CA HIS C 71 15.77 13.18 -14.07
C HIS C 71 15.27 12.53 -15.36
N PRO C 72 14.42 13.25 -16.11
CA PRO C 72 13.79 12.71 -17.33
C PRO C 72 14.79 12.12 -18.32
N ALA C 73 15.95 12.75 -18.47
CA ALA C 73 16.96 12.28 -19.43
C ALA C 73 17.54 10.95 -18.99
N LEU C 74 17.61 10.72 -17.68
CA LEU C 74 18.14 9.45 -17.16
C LEU C 74 17.07 8.38 -17.26
N VAL C 75 15.83 8.76 -16.99
CA VAL C 75 14.68 7.88 -17.20
C VAL C 75 14.70 7.28 -18.60
N LYS C 76 14.90 8.14 -19.59
CA LYS C 76 14.91 7.72 -20.99
C LYS C 76 16.00 6.69 -21.28
N LEU C 77 17.18 6.90 -20.69
CA LEU C 77 18.28 5.95 -20.87
C LEU C 77 17.90 4.54 -20.45
N VAL C 78 17.26 4.42 -19.29
CA VAL C 78 16.91 3.12 -18.74
C VAL C 78 15.75 2.51 -19.53
N GLN C 79 14.97 3.35 -20.19
CA GLN C 79 13.85 2.88 -21.00
C GLN C 79 14.30 2.30 -22.35
N GLN C 80 15.52 2.62 -22.76
CA GLN C 80 16.02 2.21 -24.07
C GLN C 80 16.35 0.71 -24.08
N PRO C 81 15.73 -0.07 -24.98
CA PRO C 81 15.97 -1.52 -25.08
C PRO C 81 17.47 -1.87 -25.22
N GLN C 82 18.20 -1.03 -25.95
CA GLN C 82 19.60 -1.32 -26.30
C GLN C 82 20.49 -1.18 -25.07
N ASN C 83 19.98 -0.57 -24.01
CA ASN C 83 20.77 -0.39 -22.79
C ASN C 83 20.58 -1.47 -21.72
N VAL C 84 19.69 -2.43 -21.96
CA VAL C 84 19.42 -3.47 -20.97
C VAL C 84 20.69 -4.27 -20.62
N SER C 85 21.47 -4.64 -21.63
CA SER C 85 22.65 -5.46 -21.42
C SER C 85 23.60 -4.82 -20.40
N THR C 86 23.77 -3.51 -20.51
CA THR C 86 24.68 -2.77 -19.63
C THR C 86 24.31 -2.92 -18.15
N PHE C 87 23.02 -3.06 -17.85
CA PHE C 87 22.58 -3.17 -16.46
C PHE C 87 22.59 -4.60 -15.92
N ILE C 88 22.60 -5.60 -16.80
CA ILE C 88 22.52 -6.98 -16.32
C ILE C 88 23.75 -7.85 -16.65
N ASN C 89 24.70 -7.31 -17.39
CA ASN C 89 25.92 -8.04 -17.72
C ASN C 89 27.15 -7.27 -17.24
N ARG C 90 27.48 -7.34 -15.97
CA ARG C 90 28.58 -6.52 -15.48
C ARG C 90 29.93 -7.17 -15.77
N PRO C 91 30.80 -6.47 -16.51
CA PRO C 91 32.08 -7.07 -16.90
C PRO C 91 33.19 -6.88 -15.87
N ALA C 92 34.17 -7.78 -15.91
CA ALA C 92 35.42 -7.53 -15.20
C ALA C 92 36.20 -6.63 -16.14
N LEU C 93 36.07 -5.32 -15.92
CA LEU C 93 36.47 -4.31 -16.89
C LEU C 93 37.96 -4.32 -17.21
N GLY C 94 38.77 -4.79 -16.27
CA GLY C 94 40.20 -4.82 -16.49
C GLY C 94 40.61 -5.85 -17.51
N ILE C 95 39.80 -6.88 -17.72
CA ILE C 95 40.16 -7.91 -18.69
C ILE C 95 39.19 -8.08 -19.86
N LEU C 96 37.91 -7.76 -19.66
CA LEU C 96 36.88 -8.01 -20.67
C LEU C 96 35.94 -6.82 -20.87
N PRO C 97 36.47 -5.69 -21.35
CA PRO C 97 35.63 -4.48 -21.47
C PRO C 97 34.62 -4.59 -22.61
N PRO C 98 33.50 -3.87 -22.49
CA PRO C 98 32.47 -3.90 -23.54
C PRO C 98 32.93 -3.15 -24.80
N GLU C 99 32.34 -3.47 -25.96
CA GLU C 99 32.72 -2.81 -27.21
C GLU C 99 32.78 -1.30 -27.12
N ASN C 100 31.80 -0.71 -26.44
CA ASN C 100 31.67 0.74 -26.40
C ASN C 100 32.45 1.38 -25.25
N PHE C 101 33.35 0.64 -24.62
CA PHE C 101 33.97 1.13 -23.38
C PHE C 101 34.71 2.45 -23.61
N VAL C 102 35.59 2.49 -24.61
CA VAL C 102 36.38 3.69 -24.84
C VAL C 102 35.52 4.86 -25.32
N GLU C 103 34.57 4.59 -26.23
CA GLU C 103 33.69 5.68 -26.72
C GLU C 103 32.83 6.27 -25.58
N LYS C 104 32.35 5.45 -24.67
CA LYS C 104 31.53 5.96 -23.59
C LYS C 104 32.40 6.77 -22.64
N LEU C 105 33.66 6.39 -22.49
CA LEU C 105 34.60 7.22 -21.73
C LEU C 105 34.85 8.56 -22.44
N ARG C 106 34.96 8.53 -23.78
CA ARG C 106 35.12 9.78 -24.53
C ARG C 106 33.93 10.72 -24.30
N GLU C 107 32.73 10.15 -24.27
CA GLU C 107 31.51 10.94 -24.08
C GLU C 107 31.43 11.50 -22.66
N SER C 108 32.14 10.87 -21.72
CA SER C 108 31.98 11.25 -20.32
C SER C 108 33.28 11.77 -19.69
N LEU C 109 33.97 10.93 -18.93
CA LEU C 109 35.12 11.40 -18.15
C LEU C 109 36.21 12.10 -18.96
N LEU C 110 36.56 11.56 -20.12
CA LEU C 110 37.64 12.14 -20.90
C LEU C 110 37.28 13.53 -21.42
N SER C 111 35.98 13.80 -21.55
CA SER C 111 35.52 15.09 -22.02
C SER C 111 35.72 16.16 -20.96
N VAL C 112 35.99 15.75 -19.72
CA VAL C 112 36.25 16.70 -18.63
C VAL C 112 37.59 16.45 -17.92
N ALA C 113 38.58 15.92 -18.63
CA ALA C 113 39.88 15.65 -18.00
C ALA C 113 40.54 16.94 -17.50
N PRO C 114 41.14 16.90 -16.30
CA PRO C 114 41.89 18.06 -15.79
C PRO C 114 43.13 18.33 -16.63
N LYS C 115 43.66 19.54 -16.55
CA LYS C 115 44.84 19.90 -17.33
C LYS C 115 46.03 19.00 -17.00
N GLY C 116 46.71 18.56 -18.06
CA GLY C 116 47.97 17.85 -17.91
C GLY C 116 47.84 16.36 -17.62
N MET C 117 46.62 15.88 -17.44
CA MET C 117 46.42 14.48 -17.07
C MET C 117 45.74 13.65 -18.16
N SER C 118 46.54 12.93 -18.94
CA SER C 118 46.04 12.18 -20.08
C SER C 118 45.49 10.81 -19.70
N GLN C 119 45.85 10.34 -18.50
CA GLN C 119 45.52 8.97 -18.09
C GLN C 119 44.28 8.92 -17.21
N LEU C 120 43.59 7.79 -17.28
CA LEU C 120 42.37 7.59 -16.52
C LEU C 120 42.22 6.14 -16.13
N ILE C 121 41.97 5.88 -14.86
CA ILE C 121 41.54 4.54 -14.43
C ILE C 121 40.24 4.70 -13.65
N THR C 122 39.29 3.81 -13.87
CA THR C 122 38.00 3.90 -13.18
C THR C 122 37.96 2.99 -11.95
N MET C 123 37.13 3.39 -11.00
CA MET C 123 37.00 2.71 -9.71
C MET C 123 35.56 2.87 -9.25
N ALA C 124 35.11 2.04 -8.31
CA ALA C 124 33.68 2.06 -7.99
C ALA C 124 33.28 3.07 -6.91
N CYS C 125 34.24 3.54 -6.10
CA CYS C 125 33.90 4.52 -5.06
C CYS C 125 35.06 5.44 -4.76
N GLY C 126 34.85 6.37 -3.83
CA GLY C 126 35.90 7.34 -3.52
C GLY C 126 37.06 6.73 -2.75
N SER C 127 36.77 5.78 -1.86
CA SER C 127 37.82 5.11 -1.11
C SER C 127 38.77 4.30 -1.99
N CYS C 128 38.27 3.44 -2.88
CA CYS C 128 39.23 2.69 -3.67
C CYS C 128 39.89 3.61 -4.71
N SER C 129 39.22 4.72 -5.06
CA SER C 129 39.89 5.72 -5.89
C SER C 129 41.14 6.25 -5.19
N ASN C 130 40.98 6.69 -3.93
CA ASN C 130 42.14 7.20 -3.22
C ASN C 130 43.17 6.11 -2.94
N GLU C 131 42.72 4.91 -2.58
CA GLU C 131 43.65 3.81 -2.27
C GLU C 131 44.52 3.52 -3.46
N ASN C 132 43.89 3.42 -4.62
CA ASN C 132 44.67 3.12 -5.80
C ASN C 132 45.52 4.29 -6.31
N ALA C 133 45.08 5.50 -5.98
CA ALA C 133 45.90 6.67 -6.25
C ALA C 133 47.17 6.58 -5.40
N PHE C 134 47.03 6.20 -4.12
CA PHE C 134 48.20 6.01 -3.25
C PHE C 134 49.16 5.00 -3.87
N LYS C 135 48.64 3.87 -4.30
CA LYS C 135 49.48 2.79 -4.83
C LYS C 135 50.18 3.25 -6.12
N THR C 136 49.45 3.97 -6.96
CA THR C 136 50.02 4.51 -8.19
C THR C 136 51.20 5.42 -7.85
N ILE C 137 51.03 6.21 -6.80
CA ILE C 137 52.07 7.13 -6.35
C ILE C 137 53.27 6.38 -5.76
N PHE C 138 53.01 5.35 -4.94
CA PHE C 138 54.10 4.57 -4.36
C PHE C 138 54.93 3.89 -5.43
N MET C 139 54.28 3.31 -6.44
CA MET C 139 54.94 2.61 -7.55
CA MET C 139 55.04 2.59 -7.46
C MET C 139 55.77 3.58 -8.38
N TRP C 140 55.24 4.79 -8.53
CA TRP C 140 55.95 5.82 -9.30
C TRP C 140 57.19 6.28 -8.55
N TYR C 141 57.08 6.42 -7.24
CA TYR C 141 58.21 6.90 -6.46
C TYR C 141 59.31 5.84 -6.47
N ARG C 142 58.92 4.59 -6.28
CA ARG C 142 59.86 3.48 -6.29
C ARG C 142 60.56 3.39 -7.65
N SER C 143 59.79 3.65 -8.70
CA SER C 143 60.33 3.65 -10.06
C SER C 143 61.40 4.73 -10.24
N LYS C 144 61.19 5.89 -9.62
CA LYS C 144 62.17 6.97 -9.69
C LYS C 144 63.45 6.50 -9.04
N GLU C 145 63.29 5.83 -7.90
CA GLU C 145 64.43 5.42 -7.10
C GLU C 145 65.21 4.27 -7.75
N ARG C 146 64.54 3.27 -8.28
CA ARG C 146 65.27 2.13 -8.84
C ARG C 146 65.64 2.34 -10.31
N GLY C 147 64.94 3.26 -10.97
CA GLY C 147 65.19 3.56 -12.37
C GLY C 147 65.10 2.36 -13.31
N GLU C 148 66.12 2.22 -14.15
CA GLU C 148 66.19 1.18 -15.17
C GLU C 148 66.25 -0.24 -14.58
N SER C 149 66.72 -0.35 -13.34
CA SER C 149 66.87 -1.65 -12.68
C SER C 149 65.54 -2.40 -12.61
N ALA C 150 65.60 -3.72 -12.65
CA ALA C 150 64.41 -4.53 -12.49
C ALA C 150 64.18 -4.83 -11.01
N PHE C 151 63.02 -5.39 -10.68
CA PHE C 151 62.74 -5.85 -9.33
C PHE C 151 63.85 -6.79 -8.87
N SER C 152 64.37 -6.58 -7.68
CA SER C 152 65.42 -7.45 -7.18
C SER C 152 64.81 -8.71 -6.59
N LYS C 153 65.59 -9.77 -6.52
CA LYS C 153 65.10 -11.02 -5.93
C LYS C 153 64.70 -10.77 -4.48
N GLU C 154 65.44 -9.91 -3.80
CA GLU C 154 65.15 -9.60 -2.41
C GLU C 154 63.80 -8.87 -2.27
N GLU C 155 63.55 -7.90 -3.14
CA GLU C 155 62.27 -7.18 -3.14
C GLU C 155 61.11 -8.13 -3.42
N LEU C 156 61.30 -9.04 -4.37
CA LEU C 156 60.25 -9.96 -4.78
C LEU C 156 59.87 -10.96 -3.69
N GLU C 157 60.86 -11.39 -2.91
CA GLU C 157 60.63 -12.33 -1.82
C GLU C 157 60.05 -11.64 -0.58
N THR C 158 60.60 -10.49 -0.23
CA THR C 158 60.14 -9.81 0.98
C THR C 158 58.75 -9.20 0.83
N CYS C 159 58.36 -8.81 -0.39
CA CYS C 159 57.06 -8.14 -0.55
C CYS C 159 55.92 -9.13 -0.29
N MET C 160 56.18 -10.42 -0.48
CA MET C 160 55.17 -11.44 -0.26
C MET C 160 54.89 -11.67 1.21
N ILE C 161 55.83 -11.29 2.07
CA ILE C 161 55.65 -11.45 3.51
C ILE C 161 55.67 -10.09 4.24
N ASN C 162 55.19 -9.05 3.55
CA ASN C 162 54.94 -7.74 4.17
C ASN C 162 56.20 -7.07 4.73
N GLN C 163 57.34 -7.32 4.09
CA GLN C 163 58.61 -6.81 4.60
C GLN C 163 59.34 -5.91 3.60
N ALA C 164 60.11 -4.97 4.13
CA ALA C 164 61.07 -4.22 3.34
C ALA C 164 62.18 -5.17 2.88
N PRO C 165 62.85 -4.86 1.76
CA PRO C 165 62.65 -3.69 0.89
C PRO C 165 61.45 -3.79 -0.07
N GLY C 166 60.86 -4.98 -0.19
CA GLY C 166 59.76 -5.20 -1.13
C GLY C 166 58.58 -4.29 -0.82
N CYS C 167 58.26 -4.18 0.46
CA CYS C 167 57.26 -3.24 0.96
C CYS C 167 57.97 -2.04 1.58
N PRO C 168 57.96 -0.90 0.88
CA PRO C 168 58.69 0.28 1.35
C PRO C 168 57.98 0.97 2.49
N ASP C 169 58.67 1.86 3.20
CA ASP C 169 58.07 2.60 4.31
C ASP C 169 57.73 4.02 3.89
N TYR C 170 57.37 4.20 2.63
CA TYR C 170 56.91 5.48 2.10
C TYR C 170 55.67 5.98 2.87
N SER C 171 55.47 7.29 2.87
CA SER C 171 54.29 7.85 3.50
C SER C 171 53.51 8.73 2.53
N ILE C 172 52.24 9.00 2.86
CA ILE C 172 51.45 10.03 2.22
C ILE C 172 51.19 11.10 3.27
N LEU C 173 51.49 12.35 2.95
CA LEU C 173 51.23 13.46 3.87
C LEU C 173 49.78 13.88 3.73
N SER C 174 49.10 14.08 4.85
CA SER C 174 47.71 14.50 4.83
C SER C 174 47.50 15.62 5.81
N PHE C 175 46.30 16.19 5.83
CA PHE C 175 46.01 17.37 6.64
C PHE C 175 45.02 17.09 7.76
N MET C 176 45.27 17.69 8.92
CA MET C 176 44.25 17.70 9.97
C MET C 176 42.95 18.27 9.38
N GLY C 177 41.82 17.67 9.74
CA GLY C 177 40.54 18.07 9.19
C GLY C 177 40.13 17.30 7.94
N ALA C 178 41.04 16.53 7.37
CA ALA C 178 40.79 15.88 6.08
C ALA C 178 39.83 14.70 6.17
N PHE C 179 39.15 14.42 5.05
CA PHE C 179 38.43 13.17 4.92
C PHE C 179 38.66 12.61 3.52
N HIS C 180 39.19 11.39 3.48
CA HIS C 180 39.56 10.78 2.21
C HIS C 180 39.02 9.37 2.08
N GLY C 181 38.20 8.96 3.03
CA GLY C 181 37.59 7.64 2.98
C GLY C 181 37.94 6.75 4.16
N ARG C 182 37.46 5.52 4.09
CA ARG C 182 37.32 4.66 5.28
C ARG C 182 38.12 3.36 5.30
N THR C 183 38.56 2.91 4.12
CA THR C 183 39.41 1.74 4.07
C THR C 183 40.75 2.09 4.73
N MET C 184 41.55 1.09 5.09
CA MET C 184 42.62 1.37 6.05
C MET C 184 43.77 2.26 5.53
N GLY C 185 43.98 2.35 4.22
CA GLY C 185 44.96 3.29 3.71
C GLY C 185 44.39 4.71 3.70
N CYS C 186 43.23 4.88 3.06
CA CYS C 186 42.42 6.09 3.14
C CYS C 186 42.32 6.64 4.54
N LEU C 187 41.98 5.77 5.46
CA LEU C 187 41.64 6.19 6.80
C LEU C 187 42.85 6.84 7.45
N ALA C 188 44.03 6.35 7.13
CA ALA C 188 45.26 6.93 7.70
C ALA C 188 45.43 8.40 7.30
N THR C 189 44.87 8.80 6.15
CA THR C 189 44.97 10.19 5.69
C THR C 189 43.74 11.01 6.13
N THR C 190 42.83 10.36 6.81
CA THR C 190 41.59 10.98 7.29
C THR C 190 41.77 11.48 8.73
N HIS C 191 41.32 12.71 9.01
CA HIS C 191 41.46 13.31 10.35
C HIS C 191 40.27 14.20 10.61
N SER C 192 39.09 13.61 10.52
CA SER C 192 37.84 14.35 10.56
C SER C 192 37.21 14.40 11.94
N LYS C 193 36.85 13.21 12.41
CA LYS C 193 36.13 12.99 13.67
C LYS C 193 36.73 11.78 14.34
N ALA C 194 36.82 11.80 15.68
CA ALA C 194 37.39 10.67 16.40
C ALA C 194 36.63 9.37 16.14
N ILE C 195 35.31 9.47 15.97
CA ILE C 195 34.47 8.29 15.78
C ILE C 195 34.83 7.57 14.48
N HIS C 196 35.40 8.29 13.51
CA HIS C 196 35.87 7.70 12.25
C HIS C 196 37.16 6.92 12.41
N LYS C 197 37.92 7.25 13.45
CA LYS C 197 39.29 6.77 13.57
C LYS C 197 39.51 5.76 14.69
N ILE C 198 38.77 5.92 15.78
CA ILE C 198 39.14 5.21 17.00
C ILE C 198 39.01 3.68 16.88
N ASP C 199 40.02 2.99 17.43
CA ASP C 199 40.14 1.53 17.52
C ASP C 199 40.62 0.85 16.23
N ILE C 200 40.96 1.64 15.22
CA ILE C 200 41.45 1.09 13.95
C ILE C 200 42.96 1.31 13.82
N PRO C 201 43.74 0.24 13.53
CA PRO C 201 45.17 0.42 13.30
C PRO C 201 45.44 1.39 12.15
N SER C 202 46.58 2.08 12.22
CA SER C 202 46.86 3.18 11.32
C SER C 202 48.29 3.13 10.79
N PHE C 203 48.69 4.19 10.09
CA PHE C 203 50.06 4.35 9.61
C PHE C 203 50.69 5.60 10.21
N ASP C 204 51.96 5.51 10.58
CA ASP C 204 52.70 6.70 11.02
C ASP C 204 53.12 7.51 9.81
N TRP C 205 52.21 8.34 9.35
CA TRP C 205 52.43 9.23 8.21
C TRP C 205 52.29 10.68 8.69
N PRO C 206 52.99 11.64 8.04
CA PRO C 206 52.94 13.02 8.52
C PRO C 206 51.57 13.67 8.38
N ILE C 207 51.21 14.50 9.35
CA ILE C 207 49.90 15.16 9.36
C ILE C 207 50.13 16.66 9.59
N ALA C 208 49.81 17.46 8.57
CA ALA C 208 50.03 18.90 8.60
C ALA C 208 48.77 19.65 8.98
N PRO C 209 48.91 20.87 9.52
CA PRO C 209 47.73 21.71 9.78
C PRO C 209 47.15 22.28 8.51
N PHE C 210 45.82 22.26 8.40
CA PHE C 210 45.13 22.95 7.33
C PHE C 210 44.75 24.32 7.87
N PRO C 211 44.89 25.37 7.07
CA PRO C 211 44.59 26.74 7.53
C PRO C 211 43.19 26.87 8.11
N ARG C 212 43.09 27.56 9.24
CA ARG C 212 41.78 27.96 9.76
C ARG C 212 41.59 29.46 9.57
N LEU C 213 40.80 29.81 8.58
CA LEU C 213 40.56 31.21 8.25
C LEU C 213 39.69 31.88 9.29
N LYS C 214 39.92 33.19 9.48
CA LYS C 214 39.09 34.00 10.35
C LYS C 214 38.15 34.86 9.50
N TYR C 215 36.94 35.04 10.00
CA TYR C 215 35.89 35.73 9.26
C TYR C 215 35.39 36.94 10.05
N PRO C 216 35.00 38.02 9.35
CA PRO C 216 34.98 38.18 7.89
C PRO C 216 36.38 38.26 7.28
N LEU C 217 36.51 37.79 6.04
CA LEU C 217 37.81 37.72 5.38
C LEU C 217 38.47 39.10 5.22
N GLU C 218 37.66 40.13 4.96
CA GLU C 218 38.19 41.49 4.75
C GLU C 218 38.80 42.06 6.03
N GLU C 219 38.32 41.61 7.18
CA GLU C 219 38.78 42.11 8.47
C GLU C 219 40.04 41.40 8.98
N PHE C 220 40.42 40.31 8.33
CA PHE C 220 41.54 39.51 8.81
C PHE C 220 42.53 39.16 7.71
N VAL C 221 42.70 40.07 6.77
CA VAL C 221 43.59 39.87 5.63
C VAL C 221 44.99 39.41 6.04
N LYS C 222 45.59 40.11 7.00
CA LYS C 222 46.96 39.80 7.39
C LYS C 222 47.05 38.52 8.24
N GLU C 223 46.09 38.35 9.14
CA GLU C 223 46.05 37.17 10.00
C GLU C 223 45.88 35.90 9.19
N ASN C 224 45.08 35.97 8.12
CA ASN C 224 44.84 34.80 7.28
C ASN C 224 46.04 34.47 6.41
N GLN C 225 46.76 35.52 5.97
CA GLN C 225 48.00 35.34 5.23
C GLN C 225 49.04 34.63 6.07
N GLN C 226 49.17 35.03 7.33
CA GLN C 226 50.14 34.45 8.25
C GLN C 226 49.76 33.02 8.62
N GLU C 227 48.46 32.75 8.72
CA GLU C 227 47.98 31.41 9.05
C GLU C 227 48.34 30.44 7.91
N GLU C 228 48.10 30.86 6.67
CA GLU C 228 48.41 30.02 5.51
C GLU C 228 49.92 29.83 5.39
N ALA C 229 50.68 30.89 5.62
CA ALA C 229 52.14 30.80 5.56
C ALA C 229 52.68 29.82 6.60
N ARG C 230 52.11 29.88 7.81
CA ARG C 230 52.48 28.99 8.90
C ARG C 230 52.24 27.52 8.53
N CYS C 231 51.09 27.25 7.93
CA CYS C 231 50.74 25.89 7.57
C CYS C 231 51.64 25.38 6.46
N LEU C 232 51.94 26.22 5.47
CA LEU C 232 52.84 25.84 4.39
C LEU C 232 54.23 25.50 4.93
N GLU C 233 54.70 26.29 5.89
CA GLU C 233 55.99 26.01 6.52
C GLU C 233 56.00 24.66 7.21
N GLU C 234 54.91 24.36 7.90
CA GLU C 234 54.86 23.12 8.68
C GLU C 234 54.80 21.93 7.72
N VAL C 235 54.14 22.07 6.59
CA VAL C 235 54.15 21.02 5.57
C VAL C 235 55.57 20.72 5.13
N GLU C 236 56.32 21.76 4.82
CA GLU C 236 57.70 21.55 4.37
C GLU C 236 58.53 20.90 5.47
N ASP C 237 58.41 21.39 6.70
CA ASP C 237 59.14 20.82 7.82
C ASP C 237 58.83 19.33 8.02
N LEU C 238 57.58 18.96 7.80
CA LEU C 238 57.18 17.56 7.92
C LEU C 238 57.79 16.68 6.84
N ILE C 239 57.85 17.18 5.61
CA ILE C 239 58.44 16.39 4.52
C ILE C 239 59.91 16.10 4.85
N VAL C 240 60.62 17.15 5.24
CA VAL C 240 62.02 17.03 5.63
C VAL C 240 62.22 16.05 6.78
N LYS C 241 61.38 16.17 7.80
CA LYS C 241 61.45 15.31 8.97
C LYS C 241 61.20 13.84 8.63
N TYR C 242 60.24 13.56 7.76
CA TYR C 242 59.92 12.15 7.48
C TYR C 242 60.91 11.54 6.49
N ARG C 243 61.60 12.39 5.73
CA ARG C 243 62.71 11.90 4.93
C ARG C 243 63.81 11.38 5.87
N LYS C 244 64.09 12.16 6.92
CA LYS C 244 65.12 11.80 7.90
C LYS C 244 64.76 10.51 8.62
N LYS C 245 63.46 10.33 8.86
CA LYS C 245 62.96 9.13 9.51
C LYS C 245 62.95 7.90 8.61
N LYS C 246 63.40 8.07 7.37
CA LYS C 246 63.35 7.00 6.36
C LYS C 246 61.90 6.57 6.08
N LYS C 247 60.98 7.52 6.17
CA LYS C 247 59.57 7.30 5.83
C LYS C 247 59.16 8.33 4.79
N THR C 248 59.94 8.34 3.69
CA THR C 248 59.86 9.41 2.70
C THR C 248 58.46 9.70 2.22
N VAL C 249 58.09 10.98 2.15
CA VAL C 249 56.77 11.39 1.66
C VAL C 249 56.75 11.23 0.15
N ALA C 250 55.98 10.23 -0.30
CA ALA C 250 55.86 9.96 -1.72
C ALA C 250 54.78 10.82 -2.37
N GLY C 251 53.83 11.27 -1.55
CA GLY C 251 52.73 12.04 -2.08
C GLY C 251 52.06 12.88 -1.01
N ILE C 252 51.39 13.92 -1.45
CA ILE C 252 50.61 14.79 -0.58
C ILE C 252 49.17 14.74 -1.06
N ILE C 253 48.22 14.45 -0.17
CA ILE C 253 46.80 14.47 -0.57
C ILE C 253 46.08 15.63 0.13
N VAL C 254 45.21 16.31 -0.61
CA VAL C 254 44.42 17.41 -0.04
C VAL C 254 43.09 17.54 -0.78
N GLU C 255 42.05 18.00 -0.09
CA GLU C 255 40.79 18.43 -0.70
C GLU C 255 40.86 19.93 -1.00
N PRO C 256 40.28 20.35 -2.14
CA PRO C 256 40.29 21.80 -2.41
C PRO C 256 39.48 22.59 -1.37
N ILE C 257 38.49 21.94 -0.77
CA ILE C 257 37.74 22.44 0.37
C ILE C 257 37.52 21.23 1.28
N GLN C 258 37.88 21.33 2.56
CA GLN C 258 37.69 20.18 3.46
C GLN C 258 36.23 20.06 3.83
N SER C 259 35.60 18.92 3.52
CA SER C 259 34.17 18.78 3.78
C SER C 259 33.85 18.27 5.17
N GLU C 260 34.08 16.98 5.39
CA GLU C 260 33.65 16.34 6.64
C GLU C 260 34.30 16.97 7.86
N GLY C 261 35.47 17.56 7.65
CA GLY C 261 36.19 18.21 8.72
C GLY C 261 35.67 19.59 9.04
N GLY C 262 34.58 19.99 8.36
CA GLY C 262 33.88 21.22 8.68
C GLY C 262 33.92 22.35 7.67
N ASP C 263 33.88 22.01 6.38
CA ASP C 263 33.96 23.00 5.30
C ASP C 263 35.04 24.06 5.51
N ASN C 264 36.28 23.59 5.57
CA ASN C 264 37.43 24.48 5.74
C ASN C 264 37.97 24.92 4.39
N HIS C 265 37.99 26.23 4.18
CA HIS C 265 38.53 26.83 2.95
C HIS C 265 39.95 27.36 3.16
N ALA C 266 40.69 27.51 2.07
CA ALA C 266 41.94 28.26 2.05
C ALA C 266 42.01 29.04 0.73
N SER C 267 42.88 30.04 0.65
CA SER C 267 42.98 30.81 -0.59
C SER C 267 43.51 29.98 -1.76
N ASP C 268 43.22 30.43 -2.99
CA ASP C 268 43.82 29.79 -4.15
C ASP C 268 45.34 29.89 -4.06
N ASP C 269 45.81 31.00 -3.51
CA ASP C 269 47.24 31.22 -3.35
C ASP C 269 47.89 30.10 -2.54
N PHE C 270 47.22 29.70 -1.46
CA PHE C 270 47.70 28.60 -0.62
C PHE C 270 47.88 27.31 -1.42
N PHE C 271 46.90 26.96 -2.25
CA PHE C 271 47.01 25.73 -3.02
C PHE C 271 48.08 25.81 -4.10
N ARG C 272 48.25 26.98 -4.71
CA ARG C 272 49.29 27.14 -5.71
C ARG C 272 50.66 26.95 -5.05
N LYS C 273 50.84 27.52 -3.87
CA LYS C 273 52.10 27.38 -3.14
C LYS C 273 52.31 25.96 -2.64
N LEU C 274 51.24 25.30 -2.24
CA LEU C 274 51.33 23.90 -1.83
C LEU C 274 51.72 22.99 -3.00
N ARG C 275 51.17 23.27 -4.18
CA ARG C 275 51.54 22.56 -5.39
C ARG C 275 53.05 22.70 -5.65
N ASP C 276 53.59 23.91 -5.42
CA ASP C 276 55.02 24.14 -5.62
C ASP C 276 55.87 23.35 -4.62
N ILE C 277 55.43 23.33 -3.37
CA ILE C 277 56.10 22.55 -2.34
C ILE C 277 56.19 21.09 -2.76
N SER C 278 55.08 20.59 -3.30
CA SER C 278 55.00 19.22 -3.73
C SER C 278 56.05 18.93 -4.81
N ARG C 279 56.10 19.79 -5.82
N ARG C 279 56.11 19.78 -5.82
CA ARG C 279 57.05 19.62 -6.91
CA ARG C 279 57.05 19.61 -6.92
C ARG C 279 58.49 19.74 -6.44
C ARG C 279 58.50 19.76 -6.46
N LYS C 280 58.74 20.69 -5.54
CA LYS C 280 60.08 20.97 -5.03
C LYS C 280 60.69 19.76 -4.31
N HIS C 281 59.84 18.97 -3.65
CA HIS C 281 60.33 17.84 -2.87
C HIS C 281 60.12 16.49 -3.56
N GLY C 282 59.67 16.52 -4.81
CA GLY C 282 59.48 15.30 -5.57
C GLY C 282 58.31 14.47 -5.06
N CYS C 283 57.36 15.12 -4.40
CA CYS C 283 56.12 14.46 -3.96
C CYS C 283 55.06 14.55 -5.03
N ALA C 284 54.32 13.47 -5.22
CA ALA C 284 53.15 13.54 -6.05
C ALA C 284 52.08 14.38 -5.36
N PHE C 285 51.43 15.26 -6.12
CA PHE C 285 50.33 16.05 -5.59
C PHE C 285 49.02 15.43 -6.00
N LEU C 286 48.31 14.89 -5.02
CA LEU C 286 47.05 14.18 -5.20
C LEU C 286 45.91 15.04 -4.69
N VAL C 287 45.02 15.46 -5.60
CA VAL C 287 43.91 16.32 -5.23
C VAL C 287 42.65 15.46 -5.17
N ASP C 288 41.99 15.45 -4.02
CA ASP C 288 40.78 14.64 -3.82
C ASP C 288 39.57 15.51 -4.14
N GLU C 289 38.96 15.27 -5.30
CA GLU C 289 37.75 15.99 -5.69
C GLU C 289 36.53 15.11 -5.59
N VAL C 290 36.59 14.10 -4.72
CA VAL C 290 35.41 13.24 -4.54
C VAL C 290 34.19 14.07 -4.16
N GLN C 291 34.34 15.04 -3.26
CA GLN C 291 33.17 15.83 -2.87
C GLN C 291 33.07 17.20 -3.56
N THR C 292 34.19 17.81 -3.91
CA THR C 292 34.16 19.10 -4.58
C THR C 292 33.94 19.03 -6.11
N GLY C 293 34.23 17.88 -6.71
CA GLY C 293 34.07 17.73 -8.15
C GLY C 293 32.65 17.63 -8.66
N GLY C 294 32.44 17.96 -9.93
CA GLY C 294 31.12 17.80 -10.52
C GLY C 294 30.33 19.09 -10.61
N GLY C 295 30.98 20.23 -10.35
CA GLY C 295 30.47 21.51 -10.76
C GLY C 295 29.88 22.47 -9.74
N SER C 296 29.68 22.04 -8.50
CA SER C 296 28.95 22.87 -7.53
CA SER C 296 28.96 22.86 -7.51
C SER C 296 29.68 24.17 -7.17
N THR C 297 31.01 24.20 -7.30
CA THR C 297 31.73 25.44 -7.01
C THR C 297 31.76 26.42 -8.18
N GLY C 298 31.10 26.07 -9.28
CA GLY C 298 31.03 26.97 -10.43
C GLY C 298 32.01 26.61 -11.53
N LYS C 299 32.98 25.75 -11.20
CA LYS C 299 33.82 25.14 -12.23
C LYS C 299 33.66 23.63 -12.07
N PHE C 300 33.90 22.87 -13.13
CA PHE C 300 33.65 21.42 -13.04
C PHE C 300 34.47 20.79 -11.91
N TRP C 301 35.78 21.04 -11.90
CA TRP C 301 36.64 20.65 -10.78
C TRP C 301 37.02 21.89 -10.01
N ALA C 302 36.92 21.82 -8.68
CA ALA C 302 37.16 22.99 -7.87
C ALA C 302 38.62 23.48 -8.00
N HIS C 303 39.54 22.58 -8.30
CA HIS C 303 40.94 23.00 -8.50
C HIS C 303 41.11 23.93 -9.71
N GLU C 304 40.14 23.98 -10.61
CA GLU C 304 40.22 24.87 -11.77
C GLU C 304 40.33 26.33 -11.34
N HIS C 305 39.77 26.64 -10.16
CA HIS C 305 39.81 28.00 -9.62
C HIS C 305 41.23 28.49 -9.34
N TRP C 306 42.16 27.56 -9.15
CA TRP C 306 43.54 27.92 -8.88
C TRP C 306 44.23 28.54 -10.11
N GLY C 307 43.76 28.17 -11.28
CA GLY C 307 44.34 28.65 -12.54
C GLY C 307 45.74 28.16 -12.82
N LEU C 308 46.01 26.89 -12.53
CA LEU C 308 47.32 26.31 -12.80
C LEU C 308 47.38 25.55 -14.13
N ASP C 309 48.49 25.71 -14.84
CA ASP C 309 48.79 24.88 -16.01
C ASP C 309 48.91 23.41 -15.59
N ASP C 310 49.46 23.21 -14.40
CA ASP C 310 49.78 21.90 -13.85
C ASP C 310 49.21 21.83 -12.42
N PRO C 311 47.89 21.57 -12.30
CA PRO C 311 47.27 21.65 -10.97
C PRO C 311 47.62 20.49 -10.05
N ALA C 312 48.00 19.34 -10.61
CA ALA C 312 48.20 18.14 -9.81
C ALA C 312 48.77 17.03 -10.65
N ASP C 313 49.24 15.99 -9.98
CA ASP C 313 49.75 14.79 -10.64
C ASP C 313 48.66 13.72 -10.76
N VAL C 314 47.80 13.66 -9.74
CA VAL C 314 46.70 12.69 -9.68
C VAL C 314 45.48 13.39 -9.10
N MET C 315 44.29 13.06 -9.59
CA MET C 315 43.06 13.65 -9.07
C MET C 315 41.96 12.60 -9.02
N THR C 316 41.43 12.37 -7.83
CA THR C 316 40.37 11.39 -7.62
C THR C 316 38.97 12.02 -7.64
N PHE C 317 37.96 11.20 -7.93
CA PHE C 317 36.59 11.67 -8.01
C PHE C 317 35.64 10.51 -7.71
N SER C 318 34.39 10.83 -7.42
CA SER C 318 33.31 9.86 -7.22
C SER C 318 32.03 10.67 -7.02
N LYS C 319 31.10 10.15 -6.22
CA LYS C 319 29.84 10.84 -5.88
C LYS C 319 29.07 11.33 -7.10
N LYS C 320 29.04 12.65 -7.35
CA LYS C 320 28.30 13.20 -8.50
C LYS C 320 28.72 12.60 -9.85
N MET C 321 29.94 12.06 -9.91
CA MET C 321 30.44 11.48 -11.15
C MET C 321 29.89 10.08 -11.40
N MET C 322 29.12 9.57 -10.45
CA MET C 322 28.41 8.29 -10.53
C MET C 322 29.35 7.10 -10.37
N THR C 323 30.44 7.13 -11.13
CA THR C 323 31.54 6.20 -10.97
C THR C 323 32.67 6.92 -10.25
N GLY C 324 33.60 6.17 -9.67
CA GLY C 324 34.81 6.78 -9.16
C GLY C 324 35.95 6.56 -10.13
N GLY C 325 37.16 6.87 -9.69
CA GLY C 325 38.34 6.71 -10.54
C GLY C 325 39.35 7.81 -10.26
N PHE C 326 40.40 7.87 -11.07
CA PHE C 326 41.35 8.98 -10.95
C PHE C 326 42.01 9.29 -12.27
N PHE C 327 42.16 10.59 -12.52
CA PHE C 327 42.95 11.06 -13.64
C PHE C 327 44.38 11.15 -13.17
N HIS C 328 45.35 10.96 -14.06
CA HIS C 328 46.74 11.18 -13.68
C HIS C 328 47.59 11.50 -14.90
N LYS C 329 48.73 12.13 -14.62
CA LYS C 329 49.75 12.39 -15.63
C LYS C 329 50.30 11.12 -16.23
N GLU C 330 50.72 11.21 -17.49
CA GLU C 330 51.30 10.07 -18.19
C GLU C 330 52.46 9.44 -17.44
N GLU C 331 53.28 10.24 -16.77
CA GLU C 331 54.45 9.67 -16.10
C GLU C 331 54.08 8.80 -14.90
N PHE C 332 52.82 8.85 -14.46
CA PHE C 332 52.37 7.99 -13.35
C PHE C 332 51.71 6.70 -13.84
N ARG C 333 51.62 6.53 -15.14
CA ARG C 333 51.13 5.28 -15.71
C ARG C 333 51.91 4.07 -15.21
N PRO C 334 51.23 3.05 -14.65
CA PRO C 334 51.94 1.84 -14.21
C PRO C 334 52.73 1.14 -15.32
N ASN C 335 53.94 0.69 -14.98
CA ASN C 335 54.84 0.06 -15.93
C ASN C 335 54.35 -1.32 -16.37
N ALA C 336 53.62 -1.99 -15.49
CA ALA C 336 53.21 -3.36 -15.71
C ALA C 336 51.73 -3.52 -15.38
N PRO C 337 51.06 -4.47 -16.03
CA PRO C 337 49.65 -4.69 -15.69
C PRO C 337 49.48 -5.42 -14.36
N TYR C 338 48.25 -5.45 -13.88
CA TYR C 338 47.84 -6.18 -12.67
C TYR C 338 48.42 -5.59 -11.38
N ARG C 339 48.91 -4.35 -11.42
CA ARG C 339 49.36 -3.68 -10.19
C ARG C 339 48.24 -2.79 -9.65
N ILE C 340 47.53 -2.14 -10.57
CA ILE C 340 46.32 -1.39 -10.23
C ILE C 340 45.14 -2.13 -10.85
N PHE C 341 44.33 -2.77 -10.02
CA PHE C 341 43.40 -3.76 -10.56
C PHE C 341 42.41 -4.17 -9.47
N ASN C 342 41.18 -4.52 -9.85
CA ASN C 342 40.29 -5.29 -8.99
C ASN C 342 39.22 -5.89 -9.89
N THR C 343 38.26 -6.61 -9.30
CA THR C 343 37.31 -7.38 -10.11
C THR C 343 36.56 -6.49 -11.12
N TRP C 344 35.99 -5.40 -10.63
CA TRP C 344 35.02 -4.66 -11.43
C TRP C 344 35.53 -3.31 -11.97
N LEU C 345 36.38 -2.61 -11.22
CA LEU C 345 36.94 -1.32 -11.66
C LEU C 345 35.90 -0.28 -12.09
N GLY C 346 34.81 -0.18 -11.34
CA GLY C 346 33.71 0.70 -11.75
C GLY C 346 32.56 -0.16 -12.23
N ASP C 347 31.79 0.39 -13.16
CA ASP C 347 30.60 -0.30 -13.67
C ASP C 347 30.16 0.47 -14.88
N PRO C 348 30.08 -0.19 -16.05
CA PRO C 348 29.70 0.54 -17.27
C PRO C 348 28.32 1.18 -17.20
N SER C 349 27.44 0.67 -16.35
CA SER C 349 26.10 1.27 -16.24
C SER C 349 26.21 2.68 -15.64
N LYS C 350 27.17 2.87 -14.76
CA LYS C 350 27.41 4.21 -14.20
C LYS C 350 28.02 5.15 -15.24
N ASN C 351 28.88 4.63 -16.12
CA ASN C 351 29.41 5.43 -17.22
C ASN C 351 28.31 5.86 -18.18
N LEU C 352 27.40 4.95 -18.46
CA LEU C 352 26.23 5.23 -19.27
C LEU C 352 25.48 6.43 -18.72
N LEU C 353 25.15 6.36 -17.43
CA LEU C 353 24.42 7.46 -16.79
C LEU C 353 25.24 8.76 -16.83
N LEU C 354 26.52 8.66 -16.51
CA LEU C 354 27.38 9.84 -16.40
C LEU C 354 27.51 10.61 -17.72
N ALA C 355 27.60 9.89 -18.83
CA ALA C 355 27.71 10.55 -20.13
C ALA C 355 26.52 11.49 -20.33
N GLU C 356 25.34 11.05 -19.87
CA GLU C 356 24.13 11.85 -20.04
C GLU C 356 24.11 13.00 -19.04
N VAL C 357 24.55 12.73 -17.81
CA VAL C 357 24.69 13.80 -16.81
C VAL C 357 25.59 14.93 -17.31
N ILE C 358 26.74 14.56 -17.88
CA ILE C 358 27.70 15.56 -18.36
C ILE C 358 27.11 16.32 -19.57
N ASN C 359 26.37 15.62 -20.40
CA ASN C 359 25.61 16.24 -21.50
C ASN C 359 24.62 17.30 -20.99
N ILE C 360 23.89 16.97 -19.93
CA ILE C 360 22.94 17.92 -19.35
C ILE C 360 23.66 19.13 -18.74
N ILE C 361 24.75 18.86 -18.02
CA ILE C 361 25.52 19.93 -17.39
C ILE C 361 26.02 20.95 -18.43
N LYS C 362 26.53 20.44 -19.55
CA LYS C 362 27.06 21.32 -20.59
C LYS C 362 25.94 22.02 -21.36
N ARG C 363 24.93 21.27 -21.80
CA ARG C 363 23.87 21.89 -22.60
C ARG C 363 23.02 22.88 -21.81
N GLU C 364 22.91 22.67 -20.51
CA GLU C 364 22.04 23.53 -19.71
C GLU C 364 22.82 24.53 -18.88
N ASP C 365 24.12 24.63 -19.12
CA ASP C 365 24.93 25.69 -18.53
C ASP C 365 24.92 25.61 -17.00
N LEU C 366 25.03 24.40 -16.47
CA LEU C 366 24.81 24.23 -15.03
C LEU C 366 26.00 24.67 -14.17
N LEU C 367 27.17 24.84 -14.77
CA LEU C 367 28.29 25.40 -14.02
C LEU C 367 28.03 26.88 -13.74
N SER C 368 27.62 27.62 -14.78
CA SER C 368 27.26 29.03 -14.60
C SER C 368 26.10 29.17 -13.62
N ASN C 369 25.17 28.24 -13.67
CA ASN C 369 24.03 28.28 -12.75
C ASN C 369 24.42 28.06 -11.30
N ALA C 370 25.38 27.16 -11.06
CA ALA C 370 25.84 26.93 -9.70
C ALA C 370 26.53 28.17 -9.16
N ALA C 371 27.31 28.82 -10.02
CA ALA C 371 27.95 30.09 -9.67
C ALA C 371 26.91 31.12 -9.26
N HIS C 372 25.84 31.22 -10.06
CA HIS C 372 24.83 32.26 -9.83
C HIS C 372 23.93 31.95 -8.64
N ALA C 373 23.38 30.72 -8.60
CA ALA C 373 22.52 30.32 -7.49
C ALA C 373 23.32 30.29 -6.19
N GLY C 374 24.61 30.01 -6.29
CA GLY C 374 25.47 29.96 -5.14
C GLY C 374 25.70 31.35 -4.58
N LYS C 375 25.90 32.31 -5.47
CA LYS C 375 26.06 33.71 -5.07
C LYS C 375 24.83 34.23 -4.35
N VAL C 376 23.65 33.90 -4.88
CA VAL C 376 22.40 34.25 -4.22
C VAL C 376 22.30 33.62 -2.82
N LEU C 377 22.68 32.35 -2.71
CA LEU C 377 22.61 31.66 -1.44
C LEU C 377 23.56 32.29 -0.43
N LEU C 378 24.79 32.54 -0.86
CA LEU C 378 25.81 33.09 0.04
C LEU C 378 25.41 34.50 0.49
N THR C 379 24.93 35.30 -0.44
CA THR C 379 24.48 36.66 -0.12
C THR C 379 23.39 36.62 0.95
N GLY C 380 22.46 35.69 0.82
CA GLY C 380 21.41 35.53 1.80
C GLY C 380 21.92 35.05 3.16
N LEU C 381 22.93 34.20 3.15
CA LEU C 381 23.48 33.69 4.41
C LEU C 381 24.20 34.81 5.16
N LEU C 382 24.87 35.69 4.41
CA LEU C 382 25.54 36.85 4.99
C LEU C 382 24.53 37.80 5.64
N ASP C 383 23.39 38.00 4.98
CA ASP C 383 22.34 38.82 5.53
C ASP C 383 21.78 38.23 6.82
N LEU C 384 21.58 36.91 6.84
CA LEU C 384 21.09 36.23 8.03
C LEU C 384 22.12 36.27 9.16
N GLN C 385 23.40 36.23 8.80
CA GLN C 385 24.47 36.29 9.78
C GLN C 385 24.47 37.64 10.48
N ALA C 386 24.23 38.67 9.69
CA ALA C 386 24.19 40.04 10.21
C ALA C 386 23.00 40.23 11.15
N ARG C 387 21.87 39.65 10.78
CA ARG C 387 20.66 39.78 11.58
C ARG C 387 20.69 38.87 12.81
N TYR C 388 21.40 37.75 12.71
CA TYR C 388 21.43 36.81 13.82
C TYR C 388 22.84 36.34 14.18
N PRO C 389 23.70 37.27 14.60
CA PRO C 389 25.07 36.87 14.94
C PRO C 389 25.17 35.99 16.19
N GLN C 390 24.10 35.90 16.97
CA GLN C 390 24.12 35.04 18.15
C GLN C 390 23.87 33.58 17.75
N PHE C 391 23.58 33.36 16.48
CA PHE C 391 23.33 32.00 15.99
C PHE C 391 24.23 31.64 14.81
N ILE C 392 24.53 32.62 13.98
C ILE C 392 26.61 33.08 12.72
N SER C 393 27.67 32.32 12.41
CA SER C 393 29.00 32.91 12.26
C SER C 393 29.78 32.20 11.16
N ARG C 394 30.85 32.85 10.69
CA ARG C 394 31.79 32.28 9.73
C ARG C 394 31.09 31.81 8.45
N VAL C 395 30.15 32.59 7.96
CA VAL C 395 29.49 32.30 6.70
C VAL C 395 30.52 32.28 5.59
N ARG C 396 30.52 31.20 4.80
CA ARG C 396 31.58 30.97 3.84
C ARG C 396 31.10 30.04 2.73
N GLY C 397 31.71 30.15 1.57
CA GLY C 397 31.36 29.27 0.48
C GLY C 397 32.03 29.60 -0.83
N ARG C 398 31.93 28.65 -1.77
CA ARG C 398 32.28 28.87 -3.17
C ARG C 398 31.21 28.18 -3.99
N GLY C 399 30.60 28.90 -4.93
CA GLY C 399 29.42 28.37 -5.61
C GLY C 399 28.37 27.99 -4.59
N THR C 400 27.70 26.86 -4.78
CA THR C 400 26.68 26.42 -3.82
C THR C 400 27.29 25.65 -2.65
N PHE C 401 28.61 25.49 -2.68
CA PHE C 401 29.35 24.76 -1.67
C PHE C 401 29.52 25.64 -0.42
N CYS C 402 28.43 25.83 0.31
CA CYS C 402 28.37 26.84 1.37
C CYS C 402 28.19 26.24 2.75
N SER C 403 28.49 27.04 3.76
CA SER C 403 28.38 26.61 5.15
CA SER C 403 28.39 26.60 5.15
C SER C 403 28.40 27.78 6.12
N PHE C 404 28.07 27.49 7.37
CA PHE C 404 28.18 28.46 8.45
C PHE C 404 28.25 27.74 9.78
N ASP C 405 28.65 28.44 10.82
CA ASP C 405 28.79 27.86 12.15
C ASP C 405 27.68 28.32 13.09
N THR C 406 27.34 27.44 14.03
CA THR C 406 26.39 27.74 15.09
C THR C 406 27.17 27.77 16.40
N PRO C 407 26.55 28.25 17.48
CA PRO C 407 27.32 28.33 18.74
C PRO C 407 27.83 26.99 19.27
N ASP C 408 27.05 25.93 19.14
CA ASP C 408 27.49 24.62 19.61
C ASP C 408 26.76 23.49 18.89
N GLU C 409 27.18 22.26 19.20
CA GLU C 409 26.63 21.07 18.57
C GLU C 409 25.13 20.94 18.78
N SER C 410 24.66 21.26 19.98
CA SER C 410 23.25 21.06 20.32
C SER C 410 22.35 21.99 19.52
N ILE C 411 22.76 23.25 19.38
CA ILE C 411 22.02 24.20 18.57
C ILE C 411 22.06 23.80 17.09
N ARG C 412 23.23 23.36 16.63
CA ARG C 412 23.42 22.91 15.25
C ARG C 412 22.37 21.86 14.90
N ASN C 413 22.28 20.83 15.73
CA ASN C 413 21.37 19.73 15.52
C ASN C 413 19.91 20.15 15.63
N LYS C 414 19.64 21.09 16.52
CA LYS C 414 18.29 21.61 16.70
C LYS C 414 17.82 22.34 15.44
N LEU C 415 18.70 23.17 14.87
CA LEU C 415 18.34 23.92 13.68
C LEU C 415 18.11 23.02 12.48
N ILE C 416 18.94 21.99 12.34
CA ILE C 416 18.77 21.02 11.26
C ILE C 416 17.44 20.29 11.41
N SER C 417 17.15 19.87 12.64
CA SER C 417 15.91 19.16 12.94
C SER C 417 14.67 20.00 12.63
N ILE C 418 14.70 21.26 13.04
CA ILE C 418 13.57 22.15 12.82
C ILE C 418 13.35 22.47 11.33
N ALA C 419 14.43 22.70 10.61
CA ALA C 419 14.34 23.05 9.18
C ALA C 419 13.75 21.91 8.38
N ARG C 420 14.07 20.70 8.79
CA ARG C 420 13.61 19.51 8.09
C ARG C 420 12.10 19.42 8.23
N ASN C 421 11.61 19.62 9.46
CA ASN C 421 10.17 19.61 9.71
C ASN C 421 9.45 20.73 8.99
N LYS C 422 10.16 21.81 8.69
CA LYS C 422 9.57 22.88 7.89
C LYS C 422 9.73 22.64 6.39
N GLY C 423 10.47 21.60 6.01
CA GLY C 423 10.52 21.19 4.61
C GLY C 423 11.85 21.37 3.91
N VAL C 424 12.93 21.53 4.66
CA VAL C 424 14.23 21.72 4.06
C VAL C 424 15.28 20.84 4.70
N MET C 425 15.93 20.01 3.89
CA MET C 425 16.94 19.10 4.39
CA MET C 425 16.95 19.09 4.36
C MET C 425 18.33 19.73 4.30
N LEU C 426 18.97 19.87 5.45
CA LEU C 426 20.31 20.45 5.53
C LEU C 426 21.28 19.40 6.07
N GLY C 427 22.56 19.54 5.74
CA GLY C 427 23.56 18.66 6.29
C GLY C 427 24.36 19.32 7.40
N GLY C 428 24.98 18.51 8.24
CA GLY C 428 25.92 19.04 9.23
C GLY C 428 27.33 18.63 8.87
N CYS C 429 28.31 19.38 9.38
CA CYS C 429 29.71 18.97 9.26
C CYS C 429 30.50 19.56 10.43
N GLY C 430 31.63 18.95 10.77
CA GLY C 430 32.36 19.33 11.96
C GLY C 430 31.49 19.09 13.18
N ASP C 431 31.74 19.81 14.26
CA ASP C 431 30.94 19.61 15.45
C ASP C 431 29.76 20.59 15.54
N LYS C 432 29.86 21.71 14.83
CA LYS C 432 28.77 22.68 14.92
C LYS C 432 28.54 23.50 13.65
N SER C 433 28.83 22.93 12.48
CA SER C 433 28.55 23.63 11.23
C SER C 433 27.34 23.06 10.51
N ILE C 434 26.70 23.92 9.72
CA ILE C 434 25.66 23.52 8.80
C ILE C 434 26.20 23.72 7.40
N ARG C 435 26.00 22.75 6.52
CA ARG C 435 26.55 22.83 5.16
C ARG C 435 25.47 22.65 4.12
N PHE C 436 25.78 23.11 2.92
CA PHE C 436 24.90 22.99 1.77
C PHE C 436 25.58 22.20 0.66
N ARG C 437 24.90 21.17 0.16
CA ARG C 437 25.33 20.45 -1.05
C ARG C 437 24.13 20.25 -1.99
N PRO C 438 23.66 21.35 -2.61
CA PRO C 438 22.50 21.23 -3.49
C PRO C 438 22.85 20.49 -4.79
N THR C 439 21.88 19.81 -5.39
CA THR C 439 22.08 19.23 -6.72
C THR C 439 22.29 20.36 -7.74
N LEU C 440 22.77 20.03 -8.93
CA LEU C 440 23.09 21.06 -9.92
C LEU C 440 21.85 21.69 -10.58
N VAL C 441 20.67 21.20 -10.23
CA VAL C 441 19.44 21.81 -10.74
C VAL C 441 18.83 22.71 -9.66
N PHE C 442 19.60 22.96 -8.60
CA PHE C 442 19.32 24.01 -7.62
C PHE C 442 19.47 25.38 -8.28
N ARG C 443 18.42 26.20 -8.20
CA ARG C 443 18.45 27.53 -8.80
C ARG C 443 18.25 28.61 -7.74
N ASP C 444 18.37 29.87 -8.14
CA ASP C 444 18.23 30.97 -7.19
C ASP C 444 16.88 30.94 -6.49
N HIS C 445 15.84 30.48 -7.20
CA HIS C 445 14.52 30.37 -6.59
C HIS C 445 14.55 29.45 -5.38
N HIS C 446 15.24 28.31 -5.50
CA HIS C 446 15.35 27.40 -4.37
C HIS C 446 16.15 28.00 -3.23
N ALA C 447 17.14 28.82 -3.55
CA ALA C 447 17.90 29.50 -2.51
C ALA C 447 16.98 30.39 -1.69
N HIS C 448 16.17 31.21 -2.38
CA HIS C 448 15.23 32.09 -1.68
C HIS C 448 14.22 31.30 -0.87
N LEU C 449 13.79 30.15 -1.39
CA LEU C 449 12.93 29.24 -0.63
C LEU C 449 13.55 28.90 0.71
N PHE C 450 14.80 28.43 0.67
CA PHE C 450 15.50 28.09 1.88
C PHE C 450 15.64 29.31 2.79
N LEU C 451 16.11 30.41 2.20
CA LEU C 451 16.42 31.62 2.96
C LEU C 451 15.17 32.12 3.69
N ASN C 452 14.05 32.15 2.98
CA ASN C 452 12.80 32.59 3.59
C ASN C 452 12.36 31.69 4.75
N ILE C 453 12.43 30.38 4.54
CA ILE C 453 12.01 29.46 5.58
C ILE C 453 12.95 29.50 6.78
N PHE C 454 14.25 29.64 6.53
CA PHE C 454 15.22 29.65 7.61
C PHE C 454 15.18 30.98 8.39
N SER C 455 14.90 32.07 7.70
CA SER C 455 14.75 33.36 8.35
C SER C 455 13.60 33.28 9.37
N ASP C 456 12.46 32.73 8.95
CA ASP C 456 11.32 32.54 9.86
C ASP C 456 11.68 31.67 11.05
N ILE C 457 12.47 30.62 10.81
CA ILE C 457 12.91 29.73 11.89
C ILE C 457 13.76 30.48 12.92
N LEU C 458 14.69 31.29 12.43
CA LEU C 458 15.61 32.01 13.31
C LEU C 458 14.90 33.03 14.19
N ALA C 459 13.82 33.60 13.67
CA ALA C 459 13.06 34.59 14.42
C ALA C 459 12.31 33.97 15.61
N ASP C 460 12.11 32.66 15.61
CA ASP C 460 11.42 31.99 16.70
C ASP C 460 12.31 31.08 17.52
N PHE C 461 13.60 31.09 17.21
CA PHE C 461 14.49 30.13 17.83
C PHE C 461 14.88 30.54 19.25
N PHE D 1 17.21 -21.08 -26.48
CA PHE D 1 17.59 -20.76 -25.11
C PHE D 1 19.07 -20.94 -24.88
N ASP D 2 19.73 -21.70 -25.75
CA ASP D 2 21.16 -21.91 -25.61
C ASP D 2 21.82 -21.99 -26.98
N TYR D 3 22.96 -21.31 -27.11
CA TYR D 3 23.81 -21.54 -28.26
C TYR D 3 24.20 -23.01 -28.16
N ASP D 4 24.31 -23.70 -29.29
CA ASP D 4 24.51 -25.14 -29.22
C ASP D 4 25.98 -25.52 -28.96
N GLY D 5 26.86 -24.53 -29.00
CA GLY D 5 28.28 -24.76 -28.81
C GLY D 5 29.04 -23.51 -29.21
N PRO D 6 30.36 -23.50 -28.97
CA PRO D 6 31.18 -22.38 -29.40
C PRO D 6 31.32 -22.31 -30.92
N LEU D 7 31.67 -21.13 -31.41
CA LEU D 7 31.88 -20.93 -32.84
C LEU D 7 32.92 -19.85 -33.02
N MET D 8 34.04 -20.18 -33.66
CA MET D 8 35.14 -19.24 -33.80
C MET D 8 35.25 -18.68 -35.22
N LYS D 9 35.41 -17.36 -35.31
CA LYS D 9 35.59 -16.66 -36.58
C LYS D 9 37.02 -16.19 -36.81
N THR D 10 37.69 -15.81 -35.74
CA THR D 10 39.08 -15.32 -35.79
C THR D 10 39.90 -15.90 -34.62
N GLU D 11 41.20 -15.67 -34.62
CA GLU D 11 41.98 -15.92 -33.41
C GLU D 11 41.64 -14.82 -32.41
N VAL D 12 41.93 -15.07 -31.13
CA VAL D 12 41.54 -14.13 -30.08
C VAL D 12 42.80 -13.60 -29.42
N PRO D 13 42.95 -12.26 -29.36
CA PRO D 13 42.05 -11.20 -29.84
C PRO D 13 42.04 -11.04 -31.36
N GLY D 14 40.86 -10.79 -31.91
CA GLY D 14 40.71 -10.58 -33.35
C GLY D 14 41.00 -9.14 -33.71
N PRO D 15 40.84 -8.79 -34.99
CA PRO D 15 41.22 -7.45 -35.44
C PRO D 15 40.45 -6.31 -34.78
N ARG D 16 39.16 -6.46 -34.55
CA ARG D 16 38.37 -5.41 -33.92
C ARG D 16 38.78 -5.23 -32.45
N SER D 17 39.00 -6.33 -31.74
CA SER D 17 39.54 -6.25 -30.39
C SER D 17 40.90 -5.56 -30.37
N ARG D 18 41.79 -5.92 -31.28
CA ARG D 18 43.14 -5.33 -31.28
C ARG D 18 43.11 -3.82 -31.51
N GLU D 19 42.17 -3.36 -32.33
CA GLU D 19 42.03 -1.94 -32.61
C GLU D 19 41.51 -1.19 -31.37
N LEU D 20 40.53 -1.77 -30.70
CA LEU D 20 39.98 -1.19 -29.47
C LEU D 20 41.03 -1.19 -28.35
N MET D 21 41.83 -2.25 -28.28
CA MET D 21 42.90 -2.31 -27.28
C MET D 21 43.94 -1.23 -27.53
N LYS D 22 44.26 -0.97 -28.80
CA LYS D 22 45.18 0.11 -29.14
C LYS D 22 44.65 1.46 -28.67
N GLN D 23 43.35 1.68 -28.86
CA GLN D 23 42.70 2.91 -28.41
C GLN D 23 42.69 3.06 -26.90
N LEU D 24 42.33 1.99 -26.19
CA LEU D 24 42.30 2.05 -24.73
C LEU D 24 43.70 2.25 -24.16
N ASN D 25 44.72 1.69 -24.82
CA ASN D 25 46.08 1.77 -24.30
C ASN D 25 46.62 3.20 -24.28
N ILE D 26 45.96 4.10 -24.99
CA ILE D 26 46.34 5.51 -24.97
CA ILE D 26 46.33 5.51 -24.97
C ILE D 26 46.06 6.15 -23.61
N ILE D 27 44.95 5.75 -22.98
CA ILE D 27 44.55 6.40 -21.73
C ILE D 27 44.90 5.64 -20.45
N GLN D 28 45.32 4.38 -20.58
CA GLN D 28 45.69 3.58 -19.42
C GLN D 28 46.46 2.36 -19.91
N ASN D 29 47.22 1.74 -19.03
CA ASN D 29 47.83 0.46 -19.35
C ASN D 29 46.75 -0.57 -19.60
N ALA D 30 46.68 -1.07 -20.83
CA ALA D 30 45.63 -2.01 -21.22
C ALA D 30 46.18 -3.39 -21.51
N GLU D 31 47.37 -3.68 -21.00
CA GLU D 31 48.03 -4.95 -21.31
C GLU D 31 47.30 -6.15 -20.70
N ALA D 32 46.47 -5.93 -19.69
CA ALA D 32 45.73 -7.03 -19.08
C ALA D 32 44.51 -7.45 -19.90
N VAL D 33 44.05 -6.57 -20.79
CA VAL D 33 42.85 -6.85 -21.56
C VAL D 33 43.00 -8.11 -22.42
N HIS D 34 42.07 -9.03 -22.27
CA HIS D 34 42.03 -10.25 -23.08
C HIS D 34 41.46 -9.97 -24.45
N PHE D 35 40.29 -9.35 -24.47
CA PHE D 35 39.62 -8.93 -25.71
C PHE D 35 38.41 -8.07 -25.34
N PHE D 36 37.81 -7.43 -26.33
CA PHE D 36 36.59 -6.64 -26.14
C PHE D 36 35.36 -7.47 -26.45
N CYS D 37 34.28 -7.20 -25.73
CA CYS D 37 33.11 -8.07 -25.80
C CYS D 37 31.82 -7.43 -26.28
N ASN D 38 30.99 -8.27 -26.90
CA ASN D 38 29.64 -7.92 -27.30
C ASN D 38 28.70 -8.58 -26.30
N TYR D 39 28.39 -7.89 -25.21
CA TYR D 39 27.58 -8.50 -24.15
C TYR D 39 26.12 -8.60 -24.58
N GLU D 40 25.70 -7.71 -25.48
CA GLU D 40 24.34 -7.75 -25.99
C GLU D 40 24.03 -9.08 -26.69
N GLU D 41 25.04 -9.69 -27.30
CA GLU D 41 24.87 -10.93 -28.03
C GLU D 41 25.29 -12.15 -27.22
N SER D 42 25.90 -11.91 -26.05
CA SER D 42 26.29 -13.00 -25.17
C SER D 42 25.06 -13.55 -24.47
N ARG D 43 25.03 -14.87 -24.28
CA ARG D 43 23.87 -15.55 -23.71
C ARG D 43 24.28 -16.80 -22.93
N GLY D 44 23.74 -16.96 -21.72
CA GLY D 44 24.02 -18.14 -20.91
C GLY D 44 25.50 -18.31 -20.63
N ASN D 45 26.04 -19.47 -20.98
CA ASN D 45 27.44 -19.78 -20.80
C ASN D 45 28.35 -19.17 -21.88
N TYR D 46 27.78 -18.47 -22.85
CA TYR D 46 28.58 -18.04 -24.01
C TYR D 46 28.84 -16.55 -24.08
N LEU D 47 30.13 -16.22 -24.11
CA LEU D 47 30.62 -14.85 -24.28
C LEU D 47 30.93 -14.60 -25.75
N VAL D 48 30.35 -13.56 -26.32
CA VAL D 48 30.60 -13.19 -27.71
C VAL D 48 31.52 -11.98 -27.74
N ASP D 49 32.55 -12.01 -28.60
CA ASP D 49 33.46 -10.86 -28.64
C ASP D 49 33.17 -9.97 -29.85
N VAL D 50 33.91 -8.89 -30.00
CA VAL D 50 33.57 -7.89 -31.01
C VAL D 50 33.93 -8.38 -32.43
N ASP D 51 34.65 -9.50 -32.51
CA ASP D 51 34.97 -10.09 -33.80
C ASP D 51 34.02 -11.24 -34.15
N GLY D 52 32.99 -11.42 -33.35
CA GLY D 52 31.98 -12.44 -33.62
C GLY D 52 32.31 -13.82 -33.10
N ASN D 53 33.44 -13.96 -32.42
CA ASN D 53 33.77 -15.22 -31.79
C ASN D 53 32.81 -15.50 -30.65
N ARG D 54 32.38 -16.74 -30.56
CA ARG D 54 31.48 -17.17 -29.49
C ARG D 54 32.13 -18.28 -28.70
N MET D 55 32.46 -17.98 -27.44
CA MET D 55 33.26 -18.87 -26.60
C MET D 55 32.48 -19.39 -25.40
N LEU D 56 32.69 -20.66 -25.07
CA LEU D 56 32.17 -21.23 -23.84
C LEU D 56 32.98 -20.62 -22.70
N ASP D 57 32.33 -19.83 -21.85
CA ASP D 57 33.02 -19.04 -20.82
C ASP D 57 33.07 -19.79 -19.51
N LEU D 58 34.23 -20.34 -19.19
CA LEU D 58 34.38 -21.06 -17.93
C LEU D 58 35.19 -20.26 -16.90
N TYR D 59 35.27 -18.94 -17.10
CA TYR D 59 35.95 -18.04 -16.16
C TYR D 59 34.98 -17.01 -15.59
N SER D 60 33.89 -16.76 -16.32
CA SER D 60 32.75 -15.92 -15.90
C SER D 60 33.10 -14.58 -15.21
N GLN D 61 33.96 -13.81 -15.86
CA GLN D 61 34.34 -12.47 -15.37
C GLN D 61 34.96 -12.56 -13.98
N ILE D 62 35.93 -13.46 -13.84
CA ILE D 62 36.60 -13.74 -12.58
C ILE D 62 35.56 -14.17 -11.54
N SER D 63 34.71 -15.11 -11.94
CA SER D 63 33.78 -15.81 -11.04
C SER D 63 32.71 -14.87 -10.47
N SER D 64 32.23 -13.94 -11.29
CA SER D 64 31.28 -12.94 -10.81
C SER D 64 29.93 -12.92 -11.51
N ILE D 65 29.75 -13.73 -12.55
CA ILE D 65 28.46 -13.80 -13.28
C ILE D 65 27.66 -15.00 -12.77
N PRO D 66 26.54 -14.76 -12.05
CA PRO D 66 25.90 -15.90 -11.39
C PRO D 66 25.06 -16.81 -12.30
N ILE D 67 24.21 -16.26 -13.15
CA ILE D 67 23.32 -17.14 -13.91
C ILE D 67 23.42 -16.90 -15.40
N GLY D 68 24.63 -16.60 -15.85
CA GLY D 68 24.92 -16.44 -17.27
C GLY D 68 24.62 -15.07 -17.83
N TYR D 69 25.03 -14.85 -19.07
CA TYR D 69 24.85 -13.57 -19.74
C TYR D 69 23.43 -13.40 -20.23
N SER D 70 22.95 -12.17 -20.18
CA SER D 70 21.65 -11.76 -20.72
C SER D 70 20.52 -12.69 -20.29
N HIS D 71 20.46 -12.99 -19.00
CA HIS D 71 19.42 -13.90 -18.53
C HIS D 71 18.07 -13.23 -18.71
N PRO D 72 17.11 -13.97 -19.31
CA PRO D 72 15.78 -13.42 -19.59
C PRO D 72 15.04 -12.87 -18.36
N ALA D 73 15.24 -13.47 -17.19
CA ALA D 73 14.57 -12.98 -15.99
C ALA D 73 15.14 -11.63 -15.52
N LEU D 74 16.41 -11.38 -15.81
CA LEU D 74 17.03 -10.11 -15.46
C LEU D 74 16.67 -9.06 -16.52
N VAL D 75 16.57 -9.47 -17.77
CA VAL D 75 16.07 -8.58 -18.82
C VAL D 75 14.73 -8.00 -18.40
N LYS D 76 13.85 -8.88 -17.94
CA LYS D 76 12.50 -8.48 -17.54
C LYS D 76 12.49 -7.45 -16.43
N LEU D 77 13.37 -7.62 -15.44
CA LEU D 77 13.45 -6.68 -14.34
C LEU D 77 13.73 -5.26 -14.80
N VAL D 78 14.63 -5.13 -15.76
CA VAL D 78 15.09 -3.83 -16.22
C VAL D 78 14.02 -3.19 -17.10
N GLN D 79 13.20 -4.05 -17.71
CA GLN D 79 12.11 -3.59 -18.57
C GLN D 79 10.93 -3.04 -17.77
N GLN D 80 10.82 -3.39 -16.49
CA GLN D 80 9.67 -2.95 -15.69
C GLN D 80 9.77 -1.47 -15.34
N PRO D 81 8.75 -0.68 -15.72
CA PRO D 81 8.82 0.77 -15.47
C PRO D 81 8.95 1.10 -13.99
N GLN D 82 8.45 0.22 -13.13
CA GLN D 82 8.47 0.45 -11.69
C GLN D 82 9.90 0.42 -11.14
N ASN D 83 10.81 -0.14 -11.93
CA ASN D 83 12.18 -0.33 -11.45
C ASN D 83 13.12 0.76 -11.92
N VAL D 84 12.62 1.71 -12.70
CA VAL D 84 13.49 2.75 -13.28
C VAL D 84 14.17 3.58 -12.18
N SER D 85 13.41 3.95 -11.15
CA SER D 85 13.92 4.79 -10.08
C SER D 85 15.12 4.14 -9.41
N THR D 86 15.06 2.83 -9.22
CA THR D 86 16.12 2.08 -8.58
C THR D 86 17.46 2.25 -9.32
N PHE D 87 17.41 2.31 -10.65
CA PHE D 87 18.64 2.45 -11.44
C PHE D 87 19.18 3.89 -11.55
N ILE D 88 18.34 4.90 -11.31
CA ILE D 88 18.78 6.27 -11.56
C ILE D 88 18.77 7.17 -10.32
N ASN D 89 18.28 6.65 -9.21
CA ASN D 89 18.25 7.38 -7.93
C ASN D 89 19.06 6.61 -6.89
N ARG D 90 20.37 6.75 -6.90
CA ARG D 90 21.16 5.97 -5.94
C ARG D 90 21.27 6.64 -4.58
N PRO D 91 20.82 5.97 -3.53
CA PRO D 91 20.78 6.59 -2.21
C PRO D 91 22.10 6.46 -1.47
N ALA D 92 22.32 7.40 -0.55
CA ALA D 92 23.30 7.20 0.50
C ALA D 92 22.63 6.26 1.52
N LEU D 93 22.85 4.96 1.35
CA LEU D 93 22.03 3.94 2.03
C LEU D 93 22.09 4.00 3.56
N GLY D 94 23.17 4.51 4.12
CA GLY D 94 23.33 4.51 5.56
C GLY D 94 22.43 5.54 6.23
N ILE D 95 21.96 6.51 5.44
CA ILE D 95 21.12 7.56 6.03
C ILE D 95 19.74 7.68 5.39
N LEU D 96 19.61 7.37 4.10
CA LEU D 96 18.33 7.61 3.42
C LEU D 96 17.93 6.40 2.56
N PRO D 97 17.69 5.24 3.21
CA PRO D 97 17.35 4.03 2.47
C PRO D 97 15.99 4.17 1.80
N PRO D 98 15.80 3.44 0.68
CA PRO D 98 14.50 3.38 0.01
C PRO D 98 13.49 2.58 0.82
N GLU D 99 12.22 2.89 0.61
CA GLU D 99 11.11 2.21 1.29
C GLU D 99 11.23 0.68 1.32
N ASN D 100 11.65 0.10 0.18
CA ASN D 100 11.69 -1.37 0.07
C ASN D 100 13.02 -1.99 0.53
N PHE D 101 13.88 -1.19 1.15
CA PHE D 101 15.22 -1.67 1.47
C PHE D 101 15.22 -2.96 2.28
N VAL D 102 14.43 -3.03 3.34
CA VAL D 102 14.44 -4.22 4.17
C VAL D 102 13.76 -5.39 3.46
N GLU D 103 12.66 -5.12 2.76
CA GLU D 103 11.94 -6.21 2.10
C GLU D 103 12.81 -6.86 1.02
N LYS D 104 13.54 -6.06 0.26
CA LYS D 104 14.36 -6.62 -0.82
C LYS D 104 15.54 -7.40 -0.22
N LEU D 105 16.05 -6.95 0.94
CA LEU D 105 17.01 -7.75 1.69
C LEU D 105 16.42 -9.10 2.13
N ARG D 106 15.16 -9.11 2.54
CA ARG D 106 14.54 -10.37 2.95
C ARG D 106 14.40 -11.31 1.76
N GLU D 107 14.18 -10.76 0.57
CA GLU D 107 14.03 -11.55 -0.65
C GLU D 107 15.38 -12.06 -1.16
N SER D 108 16.46 -11.48 -0.68
CA SER D 108 17.79 -11.81 -1.20
C SER D 108 18.74 -12.27 -0.11
N LEU D 109 19.62 -11.38 0.35
CA LEU D 109 20.68 -11.78 1.26
C LEU D 109 20.20 -12.47 2.55
N LEU D 110 19.12 -11.98 3.16
CA LEU D 110 18.71 -12.54 4.43
C LEU D 110 18.17 -13.96 4.28
N SER D 111 17.67 -14.28 3.09
CA SER D 111 17.15 -15.61 2.81
C SER D 111 18.27 -16.65 2.70
N VAL D 112 19.52 -16.18 2.58
CA VAL D 112 20.66 -17.12 2.58
C VAL D 112 21.69 -16.82 3.67
N ALA D 113 21.25 -16.29 4.81
CA ALA D 113 22.17 -15.97 5.88
C ALA D 113 22.88 -17.23 6.39
N PRO D 114 24.20 -17.13 6.65
CA PRO D 114 24.89 -18.28 7.24
C PRO D 114 24.39 -18.56 8.65
N LYS D 115 24.64 -19.78 9.12
CA LYS D 115 24.20 -20.17 10.45
C LYS D 115 24.84 -19.32 11.55
N GLY D 116 24.02 -18.84 12.47
CA GLY D 116 24.54 -18.11 13.61
C GLY D 116 24.78 -16.63 13.40
N MET D 117 24.54 -16.13 12.19
CA MET D 117 24.82 -14.72 11.90
C MET D 117 23.56 -13.93 11.57
N SER D 118 23.08 -13.16 12.55
CA SER D 118 21.83 -12.41 12.38
C SER D 118 22.03 -11.03 11.78
N GLN D 119 23.28 -10.58 11.73
CA GLN D 119 23.57 -9.23 11.26
C GLN D 119 24.07 -9.22 9.83
N LEU D 120 23.81 -8.13 9.14
CA LEU D 120 24.23 -7.96 7.75
C LEU D 120 24.47 -6.50 7.46
N ILE D 121 25.61 -6.20 6.85
CA ILE D 121 25.86 -4.86 6.34
C ILE D 121 26.28 -5.03 4.88
N THR D 122 25.81 -4.15 4.01
CA THR D 122 26.16 -4.25 2.59
C THR D 122 27.33 -3.34 2.25
N MET D 123 28.11 -3.76 1.25
CA MET D 123 29.26 -3.02 0.70
C MET D 123 29.27 -3.18 -0.82
N ALA D 124 29.99 -2.33 -1.55
CA ALA D 124 29.93 -2.42 -3.02
C ALA D 124 30.90 -3.41 -3.65
N CYS D 125 31.92 -3.88 -2.93
CA CYS D 125 32.87 -4.82 -3.52
C CYS D 125 33.54 -5.69 -2.46
N GLY D 126 34.35 -6.63 -2.92
CA GLY D 126 34.98 -7.59 -2.02
C GLY D 126 35.99 -6.93 -1.10
N SER D 127 36.74 -5.96 -1.62
CA SER D 127 37.77 -5.29 -0.84
C SER D 127 37.17 -4.48 0.32
N CYS D 128 36.14 -3.68 0.06
CA CYS D 128 35.62 -2.88 1.16
C CYS D 128 34.80 -3.77 2.10
N SER D 129 34.32 -4.93 1.61
CA SER D 129 33.72 -5.91 2.50
C SER D 129 34.75 -6.40 3.54
N ASN D 130 35.92 -6.83 3.07
CA ASN D 130 36.94 -7.32 3.96
C ASN D 130 37.50 -6.21 4.84
N GLU D 131 37.69 -5.02 4.27
CA GLU D 131 38.22 -3.88 5.03
C GLU D 131 37.25 -3.60 6.17
N ASN D 132 35.96 -3.57 5.87
CA ASN D 132 35.03 -3.23 6.93
C ASN D 132 34.82 -4.40 7.89
N ALA D 133 35.05 -5.61 7.42
CA ALA D 133 35.04 -6.76 8.35
C ALA D 133 36.21 -6.64 9.32
N PHE D 134 37.37 -6.23 8.80
CA PHE D 134 38.53 -6.00 9.65
C PHE D 134 38.20 -4.98 10.74
N LYS D 135 37.62 -3.85 10.33
CA LYS D 135 37.34 -2.78 11.29
C LYS D 135 36.30 -3.22 12.32
N THR D 136 35.29 -3.95 11.89
CA THR D 136 34.29 -4.52 12.80
C THR D 136 34.95 -5.38 13.87
N ILE D 137 35.92 -6.16 13.43
CA ILE D 137 36.65 -7.05 14.31
C ILE D 137 37.53 -6.25 15.29
N PHE D 138 38.22 -5.22 14.79
CA PHE D 138 39.06 -4.39 15.65
C PHE D 138 38.23 -3.69 16.73
N MET D 139 37.07 -3.16 16.34
CA MET D 139 36.16 -2.47 17.25
CA MET D 139 36.29 -2.46 17.34
C MET D 139 35.60 -3.43 18.29
N TRP D 140 35.27 -4.64 17.85
CA TRP D 140 34.77 -5.68 18.74
C TRP D 140 35.84 -6.06 19.77
N TYR D 141 37.07 -6.23 19.30
CA TYR D 141 38.16 -6.64 20.17
C TYR D 141 38.41 -5.58 21.24
N ARG D 142 38.45 -4.31 20.83
CA ARG D 142 38.61 -3.19 21.77
CA ARG D 142 38.62 -3.21 21.78
C ARG D 142 37.46 -3.14 22.76
N SER D 143 36.26 -3.43 22.28
CA SER D 143 35.11 -3.41 23.16
C SER D 143 35.22 -4.46 24.26
N LYS D 144 35.74 -5.63 23.91
CA LYS D 144 36.03 -6.66 24.92
C LYS D 144 36.99 -6.14 25.97
N GLU D 145 38.01 -5.41 25.52
CA GLU D 145 39.03 -4.95 26.43
C GLU D 145 38.50 -3.83 27.34
N ARG D 146 37.80 -2.85 26.79
CA ARG D 146 37.39 -1.72 27.63
C ARG D 146 36.06 -1.97 28.37
N GLY D 147 35.27 -2.92 27.89
CA GLY D 147 34.00 -3.25 28.53
C GLY D 147 33.10 -2.06 28.76
N GLU D 148 32.76 -1.83 30.02
CA GLU D 148 31.87 -0.75 30.44
C GLU D 148 32.47 0.66 30.28
N SER D 149 33.78 0.75 30.19
CA SER D 149 34.46 2.05 30.08
C SER D 149 34.18 2.69 28.73
N ALA D 150 34.08 4.01 28.71
CA ALA D 150 33.93 4.76 27.45
C ALA D 150 35.30 4.98 26.82
N PHE D 151 35.32 5.40 25.55
CA PHE D 151 36.55 5.89 24.92
C PHE D 151 37.29 6.86 25.86
N SER D 152 38.57 6.62 26.09
CA SER D 152 39.31 7.48 27.01
C SER D 152 39.74 8.80 26.37
N LYS D 153 40.07 9.78 27.19
CA LYS D 153 40.56 11.06 26.68
C LYS D 153 41.77 10.87 25.77
N GLU D 154 42.72 10.04 26.24
CA GLU D 154 43.95 9.79 25.51
C GLU D 154 43.67 9.10 24.18
N GLU D 155 42.74 8.15 24.19
CA GLU D 155 42.38 7.44 22.94
C GLU D 155 41.75 8.38 21.92
N LEU D 156 40.83 9.21 22.38
CA LEU D 156 40.18 10.17 21.49
C LEU D 156 41.19 11.15 20.89
N GLU D 157 42.18 11.55 21.69
CA GLU D 157 43.21 12.46 21.21
C GLU D 157 44.16 11.79 20.23
N THR D 158 44.69 10.64 20.59
CA THR D 158 45.71 9.97 19.78
C THR D 158 45.16 9.39 18.48
N CYS D 159 43.91 8.95 18.47
CA CYS D 159 43.38 8.35 17.24
C CYS D 159 43.35 9.35 16.07
N MET D 160 43.18 10.63 16.37
CA MET D 160 43.11 11.65 15.33
C MET D 160 44.45 11.86 14.63
N ILE D 161 45.53 11.49 15.33
CA ILE D 161 46.87 11.68 14.76
C ILE D 161 47.60 10.34 14.61
N ASN D 162 46.82 9.30 14.32
CA ASN D 162 47.38 8.00 13.92
C ASN D 162 48.28 7.34 14.97
N GLN D 163 47.97 7.56 16.24
CA GLN D 163 48.82 7.04 17.31
C GLN D 163 48.08 6.11 18.27
N ALA D 164 48.83 5.18 18.86
CA ALA D 164 48.31 4.39 19.98
C ALA D 164 48.17 5.31 21.20
N PRO D 165 47.24 4.99 22.12
CA PRO D 165 46.36 3.83 22.16
C PRO D 165 45.08 3.94 21.30
N GLY D 166 44.79 5.13 20.78
CA GLY D 166 43.56 5.34 20.02
C GLY D 166 43.55 4.52 18.73
N CYS D 167 44.70 4.45 18.09
CA CYS D 167 44.92 3.51 16.99
C CYS D 167 45.73 2.31 17.50
N PRO D 168 45.06 1.19 17.82
CA PRO D 168 45.78 0.05 18.39
C PRO D 168 46.67 -0.66 17.38
N ASP D 169 47.65 -1.41 17.88
CA ASP D 169 48.54 -2.15 17.01
C ASP D 169 48.07 -3.59 16.81
N TYR D 170 46.75 -3.78 16.71
CA TYR D 170 46.15 -5.08 16.46
C TYR D 170 46.51 -5.61 15.09
N SER D 171 46.45 -6.93 14.94
CA SER D 171 46.76 -7.58 13.66
C SER D 171 45.60 -8.46 13.20
N ILE D 172 45.58 -8.78 11.90
CA ILE D 172 44.73 -9.82 11.37
C ILE D 172 45.67 -10.91 10.88
N LEU D 173 45.44 -12.15 11.30
CA LEU D 173 46.27 -13.27 10.81
C LEU D 173 45.77 -13.74 9.47
N SER D 174 46.69 -13.97 8.54
CA SER D 174 46.30 -14.44 7.20
C SER D 174 47.23 -15.57 6.74
N PHE D 175 46.95 -16.14 5.59
CA PHE D 175 47.69 -17.31 5.12
C PHE D 175 48.50 -17.06 3.86
N MET D 176 49.68 -17.66 3.76
CA MET D 176 50.40 -17.67 2.50
CA MET D 176 50.40 -17.67 2.50
C MET D 176 49.48 -18.24 1.42
N GLY D 177 49.53 -17.66 0.22
CA GLY D 177 48.67 -18.09 -0.88
C GLY D 177 47.35 -17.34 -0.92
N ALA D 178 47.05 -16.57 0.13
CA ALA D 178 45.72 -15.93 0.23
C ALA D 178 45.52 -14.76 -0.72
N PHE D 179 44.27 -14.48 -1.02
CA PHE D 179 43.95 -13.25 -1.73
C PHE D 179 42.66 -12.68 -1.17
N HIS D 180 42.73 -11.45 -0.69
CA HIS D 180 41.59 -10.85 -0.02
C HIS D 180 41.30 -9.44 -0.51
N GLY D 181 41.97 -9.01 -1.58
CA GLY D 181 41.71 -7.70 -2.12
C GLY D 181 42.93 -6.81 -2.16
N ARG D 182 42.74 -5.58 -2.65
CA ARG D 182 43.83 -4.73 -3.12
C ARG D 182 44.03 -3.41 -2.36
N THR D 183 43.01 -2.99 -1.63
CA THR D 183 43.11 -1.79 -0.82
C THR D 183 44.11 -2.11 0.31
N MET D 184 44.65 -1.11 1.00
CA MET D 184 45.88 -1.34 1.75
C MET D 184 45.74 -2.25 2.99
N GLY D 185 44.55 -2.30 3.58
CA GLY D 185 44.31 -3.26 4.65
C GLY D 185 44.18 -4.70 4.13
N CYS D 186 43.27 -4.91 3.18
CA CYS D 186 43.16 -6.17 2.44
C CYS D 186 44.48 -6.70 1.96
N LEU D 187 45.24 -5.80 1.34
CA LEU D 187 46.49 -6.19 0.70
C LEU D 187 47.48 -6.79 1.68
N ALA D 188 47.49 -6.28 2.91
CA ALA D 188 48.38 -6.83 3.93
C ALA D 188 48.05 -8.31 4.21
N THR D 189 46.81 -8.72 3.97
CA THR D 189 46.43 -10.12 4.22
C THR D 189 46.52 -10.98 2.96
N THR D 190 46.90 -10.33 1.86
CA THR D 190 47.02 -10.99 0.56
C THR D 190 48.45 -11.45 0.33
N HIS D 191 48.61 -12.70 -0.11
CA HIS D 191 49.96 -13.25 -0.35
C HIS D 191 49.92 -14.18 -1.55
N SER D 192 49.49 -13.62 -2.66
CA SER D 192 49.18 -14.36 -3.89
C SER D 192 50.32 -14.39 -4.89
N LYS D 193 50.73 -13.21 -5.34
CA LYS D 193 51.77 -13.03 -6.35
C LYS D 193 52.55 -11.77 -6.00
N ALA D 194 53.85 -11.74 -6.28
CA ALA D 194 54.64 -10.55 -5.93
C ALA D 194 54.15 -9.29 -6.65
N ILE D 195 53.61 -9.43 -7.86
CA ILE D 195 53.21 -8.24 -8.62
C ILE D 195 52.05 -7.52 -7.92
N HIS D 196 51.28 -8.25 -7.11
CA HIS D 196 50.19 -7.65 -6.34
C HIS D 196 50.70 -6.81 -5.17
N LYS D 197 51.92 -7.10 -4.72
CA LYS D 197 52.40 -6.62 -3.43
C LYS D 197 53.54 -5.62 -3.52
N ILE D 198 54.34 -5.75 -4.58
CA ILE D 198 55.62 -5.05 -4.60
C ILE D 198 55.44 -3.53 -4.67
N ASP D 199 56.26 -2.85 -3.87
CA ASP D 199 56.36 -1.38 -3.77
C ASP D 199 55.23 -0.72 -2.97
N ILE D 200 54.37 -1.52 -2.33
CA ILE D 200 53.29 -0.97 -1.51
C ILE D 200 53.54 -1.17 -0.02
N PRO D 201 53.43 -0.09 0.78
CA PRO D 201 53.55 -0.24 2.25
C PRO D 201 52.54 -1.23 2.80
N SER D 202 52.94 -1.94 3.85
CA SER D 202 52.15 -3.03 4.39
C SER D 202 52.07 -2.95 5.92
N PHE D 203 51.48 -3.98 6.52
CA PHE D 203 51.41 -4.13 7.98
C PHE D 203 52.21 -5.34 8.43
N ASP D 204 52.87 -5.24 9.59
CA ASP D 204 53.51 -6.42 10.16
C ASP D 204 52.47 -7.24 10.92
N TRP D 205 51.76 -8.08 10.16
CA TRP D 205 50.75 -8.97 10.70
C TRP D 205 51.21 -10.41 10.44
N PRO D 206 50.79 -11.36 11.30
CA PRO D 206 51.30 -12.73 11.19
C PRO D 206 50.80 -13.45 9.93
N ILE D 207 51.67 -14.27 9.34
CA ILE D 207 51.34 -14.98 8.11
C ILE D 207 51.63 -16.46 8.29
N ALA D 208 50.58 -17.27 8.28
CA ALA D 208 50.67 -18.71 8.50
C ALA D 208 50.73 -19.48 7.17
N PRO D 209 51.29 -20.70 7.20
CA PRO D 209 51.21 -21.57 6.02
C PRO D 209 49.82 -22.14 5.82
N PHE D 210 49.38 -22.21 4.56
CA PHE D 210 48.16 -22.91 4.21
C PHE D 210 48.57 -24.30 3.73
N PRO D 211 47.80 -25.33 4.10
CA PRO D 211 48.17 -26.71 3.74
C PRO D 211 48.42 -26.89 2.25
N ARG D 212 49.48 -27.59 1.87
CA ARG D 212 49.62 -28.05 0.50
C ARG D 212 49.37 -29.54 0.47
N LEU D 213 48.18 -29.93 0.02
CA LEU D 213 47.79 -31.34 -0.02
C LEU D 213 48.56 -32.03 -1.12
N LYS D 214 48.75 -33.33 -0.96
CA LYS D 214 49.35 -34.16 -2.00
C LYS D 214 48.28 -35.02 -2.65
N TYR D 215 48.46 -35.28 -3.94
CA TYR D 215 47.46 -35.95 -4.74
C TYR D 215 48.04 -37.19 -5.43
N PRO D 216 47.22 -38.24 -5.61
CA PRO D 216 45.80 -38.31 -5.25
C PRO D 216 45.60 -38.39 -3.73
N LEU D 217 44.45 -37.90 -3.28
CA LEU D 217 44.19 -37.77 -1.86
C LEU D 217 44.19 -39.11 -1.16
N GLU D 218 43.68 -40.14 -1.83
CA GLU D 218 43.56 -41.46 -1.21
C GLU D 218 44.92 -42.12 -1.00
N GLU D 219 45.96 -41.60 -1.66
CA GLU D 219 47.30 -42.17 -1.55
C GLU D 219 48.17 -41.44 -0.53
N PHE D 220 47.63 -40.38 0.06
CA PHE D 220 48.42 -39.54 0.98
C PHE D 220 47.62 -39.12 2.21
N VAL D 221 46.81 -40.02 2.73
CA VAL D 221 45.97 -39.69 3.87
C VAL D 221 46.78 -39.24 5.09
N LYS D 222 47.84 -40.00 5.41
CA LYS D 222 48.65 -39.70 6.57
C LYS D 222 49.44 -38.41 6.37
N GLU D 223 50.00 -38.27 5.17
CA GLU D 223 50.80 -37.11 4.83
C GLU D 223 49.96 -35.84 4.89
N ASN D 224 48.72 -35.93 4.40
CA ASN D 224 47.89 -34.73 4.36
C ASN D 224 47.39 -34.39 5.76
N GLN D 225 47.18 -35.41 6.59
CA GLN D 225 46.84 -35.18 7.99
C GLN D 225 47.98 -34.46 8.71
N GLN D 226 49.21 -34.90 8.49
CA GLN D 226 50.37 -34.31 9.16
C GLN D 226 50.62 -32.87 8.70
N GLU D 227 50.43 -32.64 7.40
CA GLU D 227 50.59 -31.31 6.82
C GLU D 227 49.58 -30.34 7.43
N GLU D 228 48.34 -30.79 7.54
CA GLU D 228 47.30 -29.91 8.09
C GLU D 228 47.56 -29.65 9.57
N ALA D 229 48.00 -30.67 10.29
CA ALA D 229 48.30 -30.52 11.71
C ALA D 229 49.45 -29.55 11.93
N ARG D 230 50.45 -29.61 11.05
CA ARG D 230 51.59 -28.71 11.10
C ARG D 230 51.19 -27.24 10.90
N CYS D 231 50.27 -26.99 9.98
CA CYS D 231 49.87 -25.63 9.69
C CYS D 231 49.04 -25.07 10.84
N LEU D 232 48.14 -25.90 11.36
CA LEU D 232 47.33 -25.53 12.52
C LEU D 232 48.21 -25.16 13.71
N GLU D 233 49.30 -25.89 13.90
CA GLU D 233 50.16 -25.61 15.04
C GLU D 233 50.95 -24.31 14.82
N GLU D 234 51.37 -24.05 13.58
CA GLU D 234 52.04 -22.79 13.29
C GLU D 234 51.08 -21.59 13.46
N VAL D 235 49.80 -21.76 13.12
CA VAL D 235 48.80 -20.73 13.35
C VAL D 235 48.72 -20.36 14.84
N GLU D 236 48.58 -21.38 15.69
CA GLU D 236 48.48 -21.13 17.12
C GLU D 236 49.76 -20.50 17.67
N ASP D 237 50.92 -20.95 17.20
CA ASP D 237 52.19 -20.35 17.64
C ASP D 237 52.31 -18.87 17.23
N LEU D 238 51.86 -18.54 16.02
CA LEU D 238 51.90 -17.15 15.57
C LEU D 238 51.01 -16.24 16.41
N ILE D 239 49.83 -16.73 16.79
CA ILE D 239 48.92 -15.97 17.63
C ILE D 239 49.60 -15.63 18.97
N VAL D 240 50.23 -16.62 19.56
CA VAL D 240 50.91 -16.43 20.84
C VAL D 240 52.09 -15.49 20.68
N LYS D 241 52.85 -15.65 19.59
CA LYS D 241 54.00 -14.80 19.32
C LYS D 241 53.61 -13.34 19.15
N TYR D 242 52.54 -13.06 18.41
CA TYR D 242 52.17 -11.67 18.14
C TYR D 242 51.50 -11.01 19.35
N ARG D 243 50.89 -11.80 20.22
CA ARG D 243 50.41 -11.30 21.51
C ARG D 243 51.58 -10.77 22.33
N LYS D 244 52.66 -11.55 22.38
CA LYS D 244 53.88 -11.14 23.09
C LYS D 244 54.52 -9.91 22.48
N LYS D 245 54.32 -9.71 21.18
CA LYS D 245 54.86 -8.56 20.48
C LYS D 245 53.99 -7.32 20.69
N LYS D 246 52.91 -7.49 21.46
CA LYS D 246 51.90 -6.47 21.65
C LYS D 246 51.28 -6.07 20.30
N LYS D 247 51.08 -7.06 19.45
CA LYS D 247 50.43 -6.90 18.15
C LYS D 247 49.32 -7.92 18.08
N THR D 248 48.49 -7.92 19.13
CA THR D 248 47.44 -8.90 19.36
C THR D 248 46.60 -9.23 18.12
N VAL D 249 46.47 -10.53 17.82
CA VAL D 249 45.64 -10.99 16.72
C VAL D 249 44.18 -10.87 17.09
N ALA D 250 43.48 -9.93 16.45
CA ALA D 250 42.07 -9.69 16.73
C ALA D 250 41.20 -10.62 15.87
N GLY D 251 41.74 -11.05 14.75
CA GLY D 251 41.00 -11.89 13.83
C GLY D 251 41.88 -12.75 12.94
N ILE D 252 41.27 -13.82 12.44
CA ILE D 252 41.89 -14.71 11.45
C ILE D 252 41.04 -14.64 10.20
N ILE D 253 41.65 -14.36 9.03
CA ILE D 253 40.89 -14.42 7.78
C ILE D 253 41.37 -15.60 6.93
N VAL D 254 40.44 -16.30 6.29
CA VAL D 254 40.81 -17.40 5.41
C VAL D 254 39.74 -17.63 4.35
N GLU D 255 40.14 -18.09 3.17
CA GLU D 255 39.21 -18.55 2.13
C GLU D 255 38.93 -20.03 2.30
N PRO D 256 37.69 -20.47 2.07
CA PRO D 256 37.43 -21.93 2.18
C PRO D 256 38.21 -22.74 1.14
N ILE D 257 38.49 -22.13 -0.01
CA ILE D 257 39.42 -22.64 -1.03
C ILE D 257 40.22 -21.42 -1.47
N GLN D 258 41.54 -21.48 -1.44
CA GLN D 258 42.32 -20.32 -1.89
C GLN D 258 42.28 -20.19 -3.40
N SER D 259 41.87 -19.05 -3.93
CA SER D 259 41.71 -18.95 -5.39
C SER D 259 42.94 -18.45 -6.14
N GLU D 260 43.25 -17.16 -6.00
CA GLU D 260 44.30 -16.55 -6.82
C GLU D 260 45.65 -17.17 -6.58
N GLY D 261 45.84 -17.74 -5.40
CA GLY D 261 47.11 -18.36 -5.03
C GLY D 261 47.29 -19.73 -5.63
N GLY D 262 46.25 -20.27 -6.27
CA GLY D 262 46.37 -21.51 -7.01
C GLY D 262 45.39 -22.63 -6.69
N ASP D 263 44.16 -22.26 -6.35
CA ASP D 263 43.11 -23.22 -5.95
C ASP D 263 43.62 -24.24 -4.96
N ASN D 264 43.99 -23.75 -3.78
CA ASN D 264 44.47 -24.61 -2.71
C ASN D 264 43.34 -25.03 -1.78
N HIS D 265 43.17 -26.33 -1.66
CA HIS D 265 42.15 -26.93 -0.82
C HIS D 265 42.73 -27.41 0.50
N ALA D 266 41.87 -27.53 1.51
CA ALA D 266 42.19 -28.23 2.75
C ALA D 266 40.94 -28.97 3.21
N SER D 267 41.11 -29.92 4.12
CA SER D 267 39.97 -30.74 4.55
C SER D 267 38.98 -29.92 5.39
N ASP D 268 37.73 -30.38 5.41
CA ASP D 268 36.71 -29.79 6.27
C ASP D 268 37.19 -29.84 7.72
N ASP D 269 37.83 -30.95 8.08
CA ASP D 269 38.41 -31.12 9.41
C ASP D 269 39.40 -29.98 9.74
N PHE D 270 40.24 -29.61 8.78
CA PHE D 270 41.17 -28.49 8.97
C PHE D 270 40.44 -27.21 9.35
N PHE D 271 39.35 -26.90 8.64
CA PHE D 271 38.66 -25.65 8.90
C PHE D 271 37.92 -25.67 10.24
N ARG D 272 37.42 -26.84 10.64
CA ARG D 272 36.75 -26.95 11.93
C ARG D 272 37.74 -26.70 13.05
N LYS D 273 38.91 -27.31 12.93
CA LYS D 273 39.95 -27.15 13.94
C LYS D 273 40.51 -25.73 13.95
N LEU D 274 40.58 -25.11 12.77
CA LEU D 274 41.00 -23.72 12.66
C LEU D 274 40.01 -22.79 13.35
N ARG D 275 38.73 -23.03 13.11
CA ARG D 275 37.64 -22.32 13.76
C ARG D 275 37.77 -22.39 15.29
N ASP D 276 38.05 -23.60 15.79
CA ASP D 276 38.22 -23.81 17.23
C ASP D 276 39.44 -23.06 17.79
N ILE D 277 40.54 -23.02 17.05
CA ILE D 277 41.74 -22.30 17.46
C ILE D 277 41.42 -20.82 17.59
N SER D 278 40.69 -20.31 16.61
CA SER D 278 40.29 -18.91 16.59
C SER D 278 39.53 -18.57 17.87
N ARG D 279 38.50 -19.35 18.15
CA ARG D 279 37.69 -19.16 19.35
C ARG D 279 38.53 -19.27 20.62
N LYS D 280 39.40 -20.27 20.68
CA LYS D 280 40.22 -20.50 21.87
C LYS D 280 41.07 -19.29 22.24
N HIS D 281 41.57 -18.56 21.23
CA HIS D 281 42.44 -17.42 21.48
C HIS D 281 41.72 -16.08 21.40
N GLY D 282 40.39 -16.11 21.33
CA GLY D 282 39.60 -14.90 21.30
C GLY D 282 39.70 -14.13 19.99
N CYS D 283 40.14 -14.81 18.94
CA CYS D 283 40.21 -14.19 17.61
C CYS D 283 38.89 -14.34 16.87
N ALA D 284 38.41 -13.27 16.26
CA ALA D 284 37.25 -13.37 15.38
C ALA D 284 37.61 -14.24 14.15
N PHE D 285 36.72 -15.15 13.78
CA PHE D 285 37.01 -16.00 12.63
C PHE D 285 36.26 -15.44 11.43
N LEU D 286 37.02 -14.93 10.46
CA LEU D 286 36.48 -14.24 9.30
C LEU D 286 36.67 -15.11 8.06
N VAL D 287 35.56 -15.57 7.48
CA VAL D 287 35.62 -16.42 6.30
C VAL D 287 35.33 -15.59 5.05
N ASP D 288 36.29 -15.57 4.13
CA ASP D 288 36.15 -14.81 2.90
C ASP D 288 35.54 -15.71 1.83
N GLU D 289 34.26 -15.48 1.54
CA GLU D 289 33.54 -16.22 0.50
C GLU D 289 33.26 -15.36 -0.74
N VAL D 290 34.06 -14.32 -0.96
CA VAL D 290 33.87 -13.46 -2.12
C VAL D 290 33.90 -14.30 -3.39
N GLN D 291 34.80 -15.28 -3.45
CA GLN D 291 34.91 -16.10 -4.65
C GLN D 291 34.28 -17.49 -4.51
N THR D 292 34.30 -18.07 -3.32
CA THR D 292 33.69 -19.39 -3.16
C THR D 292 32.17 -19.34 -3.02
N GLY D 293 31.64 -18.18 -2.62
CA GLY D 293 30.22 -18.07 -2.29
C GLY D 293 29.36 -17.92 -3.51
N GLY D 294 28.10 -18.32 -3.43
CA GLY D 294 27.19 -18.16 -4.54
C GLY D 294 26.86 -19.46 -5.24
N GLY D 295 27.34 -20.57 -4.71
CA GLY D 295 26.78 -21.87 -5.04
C GLY D 295 27.57 -22.85 -5.90
N SER D 296 28.71 -22.44 -6.42
CA SER D 296 29.41 -23.29 -7.37
CA SER D 296 29.44 -23.29 -7.36
C SER D 296 30.03 -24.54 -6.71
N THR D 297 30.21 -24.52 -5.39
CA THR D 297 30.74 -25.72 -4.74
C THR D 297 29.64 -26.73 -4.44
N GLY D 298 28.40 -26.42 -4.84
CA GLY D 298 27.27 -27.33 -4.58
C GLY D 298 26.47 -26.98 -3.34
N LYS D 299 27.02 -26.07 -2.54
CA LYS D 299 26.26 -25.47 -1.43
C LYS D 299 26.36 -23.98 -1.60
N PHE D 300 25.39 -23.22 -1.08
CA PHE D 300 25.38 -21.80 -1.36
C PHE D 300 26.68 -21.15 -0.88
N TRP D 301 27.03 -21.40 0.38
CA TRP D 301 28.32 -20.95 0.89
C TRP D 301 29.22 -22.16 1.05
N ALA D 302 30.47 -22.05 0.62
CA ALA D 302 31.38 -23.20 0.68
C ALA D 302 31.62 -23.70 2.10
N HIS D 303 31.53 -22.82 3.09
CA HIS D 303 31.78 -23.24 4.47
C HIS D 303 30.69 -24.19 4.98
N GLU D 304 29.53 -24.20 4.33
CA GLU D 304 28.45 -25.10 4.73
C GLU D 304 28.88 -26.56 4.69
N HIS D 305 29.86 -26.87 3.86
CA HIS D 305 30.40 -28.21 3.78
C HIS D 305 31.02 -28.65 5.10
N TRP D 306 31.44 -27.69 5.92
CA TRP D 306 32.10 -28.02 7.18
C TRP D 306 31.13 -28.61 8.21
N GLY D 307 29.84 -28.37 8.01
CA GLY D 307 28.80 -28.96 8.85
C GLY D 307 28.65 -28.36 10.24
N LEU D 308 28.98 -27.08 10.39
CA LEU D 308 29.01 -26.43 11.70
C LEU D 308 27.81 -25.53 11.96
N ASP D 309 27.28 -25.57 13.18
CA ASP D 309 26.21 -24.66 13.56
C ASP D 309 26.79 -23.28 13.86
N ASP D 310 28.08 -23.25 14.15
CA ASP D 310 28.83 -22.02 14.45
C ASP D 310 30.07 -21.96 13.54
N PRO D 311 29.86 -21.73 12.24
CA PRO D 311 30.97 -21.82 11.28
C PRO D 311 31.98 -20.69 11.37
N ALA D 312 31.54 -19.51 11.79
CA ALA D 312 32.38 -18.31 11.75
C ALA D 312 31.73 -17.16 12.48
N ASP D 313 32.50 -16.11 12.74
CA ASP D 313 31.97 -14.91 13.36
C ASP D 313 31.55 -13.88 12.31
N VAL D 314 32.31 -13.82 11.21
CA VAL D 314 32.07 -12.86 10.14
C VAL D 314 32.29 -13.57 8.80
N MET D 315 31.48 -13.26 7.80
CA MET D 315 31.67 -13.87 6.48
C MET D 315 31.41 -12.82 5.41
N THR D 316 32.42 -12.57 4.57
CA THR D 316 32.29 -11.60 3.50
C THR D 316 31.92 -12.25 2.16
N PHE D 317 31.37 -11.44 1.26
CA PHE D 317 30.89 -11.91 -0.05
C PHE D 317 30.89 -10.78 -1.06
N SER D 318 30.80 -11.16 -2.34
CA SER D 318 30.69 -10.21 -3.45
C SER D 318 30.52 -11.02 -4.74
N LYS D 319 31.03 -10.48 -5.84
CA LYS D 319 31.06 -11.21 -7.12
C LYS D 319 29.67 -11.77 -7.52
N LYS D 320 29.47 -13.08 -7.44
CA LYS D 320 28.17 -13.66 -7.83
C LYS D 320 27.00 -13.03 -7.10
N MET D 321 27.27 -12.50 -5.91
CA MET D 321 26.20 -11.90 -5.09
C MET D 321 25.81 -10.51 -5.57
N MET D 322 26.46 -10.04 -6.63
CA MET D 322 26.12 -8.77 -7.31
CA MET D 322 26.15 -8.78 -7.32
C MET D 322 26.53 -7.57 -6.47
N THR D 323 26.12 -7.61 -5.20
CA THR D 323 26.55 -6.64 -4.21
C THR D 323 27.59 -7.32 -3.31
N GLY D 324 28.35 -6.51 -2.58
CA GLY D 324 29.22 -7.05 -1.54
C GLY D 324 28.55 -6.88 -0.18
N GLY D 325 29.30 -7.19 0.88
CA GLY D 325 28.82 -7.01 2.24
C GLY D 325 29.39 -8.06 3.17
N PHE D 326 28.94 -8.09 4.41
CA PHE D 326 29.30 -9.21 5.26
C PHE D 326 28.20 -9.52 6.27
N PHE D 327 27.96 -10.81 6.46
CA PHE D 327 27.13 -11.26 7.58
C PHE D 327 28.02 -11.35 8.83
N HIS D 328 27.44 -11.19 10.01
CA HIS D 328 28.20 -11.43 11.23
C HIS D 328 27.29 -11.74 12.41
N LYS D 329 27.87 -12.35 13.44
CA LYS D 329 27.18 -12.61 14.70
C LYS D 329 26.73 -11.32 15.38
N GLU D 330 25.65 -11.43 16.14
CA GLU D 330 25.10 -10.28 16.85
C GLU D 330 26.13 -9.57 17.75
N GLU D 331 27.03 -10.31 18.37
CA GLU D 331 27.97 -9.71 19.31
C GLU D 331 29.01 -8.84 18.60
N PHE D 332 29.06 -8.94 17.26
CA PHE D 332 29.96 -8.09 16.49
C PHE D 332 29.29 -6.81 15.99
N ARG D 333 28.01 -6.66 16.27
CA ARG D 333 27.33 -5.42 15.97
C ARG D 333 28.03 -4.20 16.61
N PRO D 334 28.36 -3.18 15.80
CA PRO D 334 28.97 -1.96 16.36
C PRO D 334 28.08 -1.24 17.37
N ASN D 335 28.67 -0.75 18.46
CA ASN D 335 27.96 -0.04 19.53
C ASN D 335 27.34 1.26 19.07
N ALA D 336 28.02 1.93 18.15
CA ALA D 336 27.69 3.29 17.78
C ALA D 336 27.61 3.40 16.28
N PRO D 337 26.79 4.33 15.77
CA PRO D 337 26.77 4.52 14.32
C PRO D 337 27.99 5.29 13.84
N TYR D 338 28.17 5.31 12.51
CA TYR D 338 29.18 6.11 11.82
C TYR D 338 30.59 5.57 11.99
N ARG D 339 30.69 4.33 12.47
CA ARG D 339 31.98 3.66 12.55
C ARG D 339 32.20 2.74 11.35
N ILE D 340 31.16 2.03 10.94
CA ILE D 340 31.15 1.24 9.71
C ILE D 340 30.20 1.95 8.74
N PHE D 341 30.77 2.63 7.75
CA PHE D 341 29.99 3.58 6.97
C PHE D 341 30.75 3.97 5.70
N ASN D 342 30.03 4.27 4.63
CA ASN D 342 30.60 5.05 3.53
C ASN D 342 29.43 5.63 2.73
N THR D 343 29.72 6.31 1.62
CA THR D 343 28.68 7.07 0.92
C THR D 343 27.53 6.17 0.48
N TRP D 344 27.84 5.05 -0.15
CA TRP D 344 26.82 4.26 -0.82
C TRP D 344 26.48 2.91 -0.20
N LEU D 345 27.45 2.26 0.47
CA LEU D 345 27.22 0.98 1.16
C LEU D 345 26.56 -0.10 0.28
N GLY D 346 26.99 -0.18 -0.98
CA GLY D 346 26.32 -1.07 -1.92
C GLY D 346 25.51 -0.25 -2.91
N ASP D 347 24.39 -0.80 -3.37
CA ASP D 347 23.57 -0.18 -4.41
C ASP D 347 22.27 -0.98 -4.52
N PRO D 348 21.11 -0.34 -4.32
CA PRO D 348 19.84 -1.08 -4.37
C PRO D 348 19.55 -1.76 -5.70
N SER D 349 20.15 -1.26 -6.77
CA SER D 349 19.91 -1.89 -8.06
C SER D 349 20.55 -3.29 -8.08
N LYS D 350 21.66 -3.46 -7.37
CA LYS D 350 22.29 -4.78 -7.28
C LYS D 350 21.42 -5.72 -6.45
N ASN D 351 20.82 -5.21 -5.36
CA ASN D 351 19.91 -6.01 -4.53
C ASN D 351 18.71 -6.47 -5.34
N LEU D 352 18.21 -5.58 -6.20
CA LEU D 352 17.09 -5.89 -7.08
C LEU D 352 17.42 -7.07 -8.00
N LEU D 353 18.57 -7.01 -8.65
CA LEU D 353 19.02 -8.11 -9.48
C LEU D 353 19.24 -9.39 -8.65
N LEU D 354 19.90 -9.26 -7.50
CA LEU D 354 20.22 -10.45 -6.70
C LEU D 354 18.99 -11.20 -6.22
N ALA D 355 17.93 -10.47 -5.87
CA ALA D 355 16.72 -11.14 -5.43
C ALA D 355 16.23 -12.13 -6.50
N GLU D 356 16.26 -11.68 -7.76
CA GLU D 356 15.82 -12.52 -8.87
C GLU D 356 16.83 -13.66 -9.08
N VAL D 357 18.12 -13.36 -8.95
CA VAL D 357 19.15 -14.40 -9.10
C VAL D 357 18.93 -15.52 -8.10
N ILE D 358 18.66 -15.17 -6.85
CA ILE D 358 18.46 -16.17 -5.82
C ILE D 358 17.16 -16.96 -6.10
N ASN D 359 16.15 -16.28 -6.62
CA ASN D 359 14.90 -16.96 -7.01
C ASN D 359 15.17 -18.05 -8.04
N ILE D 360 16.00 -17.72 -9.02
CA ILE D 360 16.32 -18.63 -10.11
C ILE D 360 17.16 -19.78 -9.58
N ILE D 361 18.16 -19.48 -8.75
CA ILE D 361 18.99 -20.54 -8.15
C ILE D 361 18.13 -21.56 -7.40
N LYS D 362 17.15 -21.09 -6.66
CA LYS D 362 16.30 -21.99 -5.90
C LYS D 362 15.35 -22.77 -6.80
N ARG D 363 14.67 -22.09 -7.71
CA ARG D 363 13.62 -22.74 -8.50
C ARG D 363 14.20 -23.68 -9.55
N GLU D 364 15.39 -23.36 -10.05
CA GLU D 364 16.05 -24.19 -11.05
C GLU D 364 17.02 -25.20 -10.44
N ASP D 365 17.03 -25.28 -9.10
CA ASP D 365 17.79 -26.30 -8.37
C ASP D 365 19.28 -26.24 -8.76
N LEU D 366 19.81 -25.01 -8.85
CA LEU D 366 21.15 -24.83 -9.40
C LEU D 366 22.30 -25.20 -8.43
N LEU D 367 22.03 -25.28 -7.14
CA LEU D 367 23.07 -25.76 -6.21
C LEU D 367 23.37 -27.22 -6.53
N SER D 368 22.31 -28.03 -6.59
CA SER D 368 22.44 -29.44 -6.95
C SER D 368 23.01 -29.61 -8.35
N ASN D 369 22.60 -28.76 -9.28
CA ASN D 369 23.17 -28.81 -10.62
C ASN D 369 24.68 -28.60 -10.61
N ALA D 370 25.18 -27.67 -9.80
CA ALA D 370 26.62 -27.43 -9.78
C ALA D 370 27.36 -28.64 -9.26
N ALA D 371 26.78 -29.30 -8.25
CA ALA D 371 27.40 -30.50 -7.70
C ALA D 371 27.48 -31.60 -8.76
N HIS D 372 26.42 -31.72 -9.56
CA HIS D 372 26.37 -32.74 -10.61
C HIS D 372 27.28 -32.40 -11.78
N ALA D 373 27.15 -31.18 -12.31
CA ALA D 373 27.95 -30.75 -13.45
C ALA D 373 29.43 -30.76 -13.07
N GLY D 374 29.70 -30.41 -11.81
CA GLY D 374 31.06 -30.41 -11.28
C GLY D 374 31.66 -31.80 -11.16
N LYS D 375 30.84 -32.77 -10.78
CA LYS D 375 31.33 -34.15 -10.68
C LYS D 375 31.67 -34.69 -12.06
N VAL D 376 30.82 -34.37 -13.04
CA VAL D 376 31.08 -34.79 -14.41
C VAL D 376 32.38 -34.16 -14.93
N LEU D 377 32.54 -32.85 -14.71
CA LEU D 377 33.76 -32.15 -15.09
C LEU D 377 34.99 -32.81 -14.45
N LEU D 378 34.92 -33.02 -13.14
CA LEU D 378 36.09 -33.55 -12.43
C LEU D 378 36.40 -34.97 -12.91
N THR D 379 35.36 -35.76 -13.16
CA THR D 379 35.57 -37.13 -13.62
C THR D 379 36.32 -37.11 -14.97
N GLY D 380 35.96 -36.16 -15.83
CA GLY D 380 36.65 -35.98 -17.10
C GLY D 380 38.09 -35.50 -16.94
N LEU D 381 38.35 -34.64 -15.96
CA LEU D 381 39.72 -34.16 -15.72
C LEU D 381 40.61 -35.29 -15.18
N LEU D 382 40.03 -36.16 -14.37
CA LEU D 382 40.77 -37.31 -13.85
C LEU D 382 41.13 -38.26 -14.99
N ASP D 383 40.20 -38.43 -15.93
CA ASP D 383 40.49 -39.21 -17.14
C ASP D 383 41.66 -38.62 -17.93
N LEU D 384 41.65 -37.30 -18.12
CA LEU D 384 42.70 -36.63 -18.88
C LEU D 384 44.03 -36.69 -18.16
N GLN D 385 43.98 -36.68 -16.84
CA GLN D 385 45.18 -36.79 -16.02
C GLN D 385 45.78 -38.18 -16.17
N ALA D 386 44.93 -39.19 -16.20
CA ALA D 386 45.39 -40.56 -16.38
C ALA D 386 46.07 -40.74 -17.74
N ARG D 387 45.53 -40.07 -18.76
CA ARG D 387 46.00 -40.24 -20.13
C ARG D 387 47.19 -39.33 -20.47
N TYR D 388 47.32 -38.21 -19.76
CA TYR D 388 48.39 -37.25 -20.04
C TYR D 388 49.13 -36.76 -18.80
N PRO D 389 49.83 -37.66 -18.09
CA PRO D 389 50.56 -37.23 -16.89
C PRO D 389 51.70 -36.26 -17.21
N GLN D 390 52.11 -36.20 -18.47
CA GLN D 390 53.13 -35.23 -18.87
C GLN D 390 52.58 -33.79 -18.95
N PHE D 391 51.26 -33.62 -18.84
CA PHE D 391 50.69 -32.29 -18.92
C PHE D 391 49.78 -31.92 -17.74
N ILE D 392 49.15 -32.92 -17.15
CA ILE D 392 48.12 -32.69 -16.13
C ILE D 392 48.46 -33.34 -14.81
N SER D 393 48.41 -32.56 -13.72
CA SER D 393 48.61 -33.13 -12.40
C SER D 393 47.73 -32.43 -11.36
N ARG D 394 47.62 -33.06 -10.19
CA ARG D 394 46.92 -32.49 -9.03
C ARG D 394 45.47 -32.08 -9.34
N VAL D 395 44.79 -32.86 -10.17
CA VAL D 395 43.39 -32.58 -10.45
C VAL D 395 42.60 -32.55 -9.14
N ARG D 396 41.79 -31.51 -8.96
CA ARG D 396 41.13 -31.25 -7.68
C ARG D 396 39.92 -30.37 -7.87
N GLY D 397 38.99 -30.39 -6.92
CA GLY D 397 37.84 -29.53 -7.07
C GLY D 397 36.74 -29.84 -6.07
N ARG D 398 35.80 -28.93 -5.96
CA ARG D 398 34.56 -29.20 -5.25
C ARG D 398 33.44 -28.49 -6.01
N GLY D 399 32.38 -29.23 -6.35
CA GLY D 399 31.41 -28.70 -7.30
C GLY D 399 32.13 -28.37 -8.59
N THR D 400 31.80 -27.24 -9.20
CA THR D 400 32.45 -26.85 -10.44
C THR D 400 33.72 -26.03 -10.17
N PHE D 401 34.01 -25.83 -8.89
CA PHE D 401 35.20 -25.09 -8.44
C PHE D 401 36.42 -26.00 -8.58
N CYS D 402 36.86 -26.21 -9.82
CA CYS D 402 37.86 -27.23 -10.14
C CYS D 402 39.15 -26.61 -10.67
N SER D 403 40.22 -27.39 -10.64
CA SER D 403 41.51 -26.93 -11.14
CA SER D 403 41.53 -26.92 -11.08
C SER D 403 42.47 -28.09 -11.35
N PHE D 404 43.56 -27.81 -12.06
CA PHE D 404 44.66 -28.77 -12.18
C PHE D 404 45.94 -28.01 -12.46
N ASP D 405 47.08 -28.68 -12.26
CA ASP D 405 48.37 -28.07 -12.52
C ASP D 405 48.94 -28.54 -13.84
N THR D 406 49.78 -27.68 -14.42
CA THR D 406 50.57 -27.99 -15.61
C THR D 406 52.05 -27.95 -15.20
N PRO D 407 52.96 -28.46 -16.05
CA PRO D 407 54.36 -28.53 -15.61
C PRO D 407 55.07 -27.19 -15.36
N ASP D 408 54.66 -26.12 -16.04
CA ASP D 408 55.25 -24.81 -15.80
C ASP D 408 54.37 -23.72 -16.37
N GLU D 409 54.73 -22.46 -16.09
CA GLU D 409 53.90 -21.31 -16.45
C GLU D 409 53.74 -21.15 -17.96
N SER D 410 54.78 -21.47 -18.72
CA SER D 410 54.73 -21.29 -20.16
C SER D 410 53.74 -22.27 -20.80
N ILE D 411 53.76 -23.51 -20.36
CA ILE D 411 52.80 -24.51 -20.80
C ILE D 411 51.37 -24.12 -20.39
N ARG D 412 51.22 -23.69 -19.14
CA ARG D 412 49.94 -23.20 -18.64
C ARG D 412 49.33 -22.14 -19.54
N ASN D 413 50.12 -21.12 -19.86
CA ASN D 413 49.62 -20.00 -20.65
C ASN D 413 49.32 -20.45 -22.07
N LYS D 414 50.16 -21.34 -22.58
CA LYS D 414 49.95 -21.87 -23.93
C LYS D 414 48.63 -22.64 -24.01
N LEU D 415 48.36 -23.49 -23.02
CA LEU D 415 47.12 -24.26 -23.02
C LEU D 415 45.90 -23.36 -22.95
N ILE D 416 45.98 -22.28 -22.18
CA ILE D 416 44.86 -21.35 -22.08
C ILE D 416 44.65 -20.63 -23.41
N SER D 417 45.77 -20.24 -24.03
CA SER D 417 45.73 -19.52 -25.29
C SER D 417 45.14 -20.39 -26.38
N ILE D 418 45.58 -21.64 -26.45
CA ILE D 418 45.07 -22.59 -27.45
C ILE D 418 43.58 -22.86 -27.21
N ALA D 419 43.21 -23.12 -25.96
CA ALA D 419 41.81 -23.42 -25.66
C ALA D 419 40.88 -22.27 -26.07
N ARG D 420 41.33 -21.04 -25.86
CA ARG D 420 40.52 -19.86 -26.19
C ARG D 420 40.28 -19.77 -27.69
N ASN D 421 41.33 -20.02 -28.47
CA ASN D 421 41.21 -20.01 -29.91
C ASN D 421 40.32 -21.14 -30.43
N LYS D 422 40.16 -22.18 -29.62
CA LYS D 422 39.29 -23.29 -29.99
C LYS D 422 37.89 -23.16 -29.38
N GLY D 423 37.64 -22.04 -28.68
CA GLY D 423 36.30 -21.73 -28.25
C GLY D 423 35.95 -21.91 -26.78
N VAL D 424 36.96 -22.02 -25.91
CA VAL D 424 36.71 -22.16 -24.47
C VAL D 424 37.61 -21.24 -23.67
N MET D 425 36.99 -20.39 -22.85
CA MET D 425 37.73 -19.48 -21.98
CA MET D 425 37.72 -19.49 -21.98
C MET D 425 38.04 -20.11 -20.63
N LEU D 426 39.33 -20.23 -20.33
CA LEU D 426 39.78 -20.79 -19.05
C LEU D 426 40.51 -19.71 -18.27
N GLY D 427 40.51 -19.83 -16.94
CA GLY D 427 41.32 -18.93 -16.13
C GLY D 427 42.59 -19.59 -15.64
N GLY D 428 43.59 -18.79 -15.35
CA GLY D 428 44.80 -19.30 -14.73
C GLY D 428 44.79 -18.89 -13.27
N CYS D 429 45.52 -19.62 -12.44
CA CYS D 429 45.76 -19.17 -11.07
C CYS D 429 47.09 -19.75 -10.61
N GLY D 430 47.69 -19.11 -9.61
CA GLY D 430 49.01 -19.53 -9.15
C GLY D 430 50.02 -19.37 -10.28
N ASP D 431 51.15 -20.06 -10.17
CA ASP D 431 52.15 -19.96 -11.21
C ASP D 431 51.85 -20.86 -12.42
N LYS D 432 51.15 -21.97 -12.21
CA LYS D 432 51.00 -22.94 -13.30
C LYS D 432 49.72 -23.78 -13.24
N SER D 433 48.68 -23.23 -12.63
CA SER D 433 47.40 -23.92 -12.58
C SER D 433 46.39 -23.35 -13.56
N ILE D 434 45.45 -24.19 -13.96
CA ILE D 434 44.31 -23.78 -14.74
C ILE D 434 43.08 -24.00 -13.88
N ARG D 435 42.19 -23.02 -13.81
CA ARG D 435 41.00 -23.15 -12.95
C ARG D 435 39.71 -23.01 -13.74
N PHE D 436 38.64 -23.50 -13.14
CA PHE D 436 37.30 -23.37 -13.70
C PHE D 436 36.44 -22.57 -12.77
N ARG D 437 35.73 -21.59 -13.32
CA ARG D 437 34.70 -20.84 -12.59
C ARG D 437 33.49 -20.70 -13.49
N PRO D 438 32.79 -21.82 -13.76
CA PRO D 438 31.66 -21.70 -14.68
C PRO D 438 30.48 -20.99 -13.98
N THR D 439 29.61 -20.34 -14.76
N THR D 439 29.62 -20.33 -14.75
CA THR D 439 28.39 -19.77 -14.19
CA THR D 439 28.45 -19.70 -14.17
C THR D 439 27.51 -20.89 -13.66
C THR D 439 27.45 -20.82 -13.78
N LEU D 440 26.47 -20.51 -12.94
CA LEU D 440 25.58 -21.54 -12.37
C LEU D 440 24.63 -22.17 -13.40
N VAL D 441 24.63 -21.68 -14.63
CA VAL D 441 23.86 -22.37 -15.68
C VAL D 441 24.75 -23.30 -16.53
N PHE D 442 25.98 -23.54 -16.06
CA PHE D 442 26.87 -24.58 -16.62
C PHE D 442 26.32 -25.98 -16.31
N ARG D 443 26.05 -26.76 -17.37
CA ARG D 443 25.48 -28.09 -17.24
C ARG D 443 26.48 -29.19 -17.60
N ASP D 444 26.11 -30.44 -17.33
CA ASP D 444 26.97 -31.56 -17.66
C ASP D 444 27.33 -31.58 -19.15
N HIS D 445 26.43 -31.13 -20.02
CA HIS D 445 26.80 -31.15 -21.43
C HIS D 445 27.83 -30.08 -21.78
N HIS D 446 27.89 -28.97 -21.03
CA HIS D 446 28.95 -28.00 -21.28
C HIS D 446 30.28 -28.57 -20.78
N ALA D 447 30.22 -29.36 -19.71
CA ALA D 447 31.43 -30.03 -19.20
C ALA D 447 32.01 -30.89 -20.30
N HIS D 448 31.16 -31.64 -20.99
CA HIS D 448 31.63 -32.53 -22.05
C HIS D 448 32.11 -31.77 -23.28
N LEU D 449 31.44 -30.67 -23.63
CA LEU D 449 31.96 -29.79 -24.68
C LEU D 449 33.39 -29.40 -24.40
N PHE D 450 33.66 -28.95 -23.17
CA PHE D 450 35.02 -28.57 -22.81
C PHE D 450 35.97 -29.77 -22.89
N LEU D 451 35.52 -30.90 -22.35
CA LEU D 451 36.43 -32.04 -22.20
C LEU D 451 36.85 -32.56 -23.57
N ASN D 452 35.91 -32.57 -24.51
CA ASN D 452 36.24 -33.04 -25.84
C ASN D 452 37.20 -32.09 -26.56
N ILE D 453 37.02 -30.79 -26.37
CA ILE D 453 37.95 -29.80 -26.93
C ILE D 453 39.33 -29.94 -26.32
N PHE D 454 39.40 -30.08 -25.00
CA PHE D 454 40.71 -30.12 -24.36
C PHE D 454 41.43 -31.45 -24.67
N SER D 455 40.65 -32.52 -24.80
CA SER D 455 41.22 -33.81 -25.22
C SER D 455 41.96 -33.68 -26.54
N ASP D 456 41.35 -32.97 -27.50
CA ASP D 456 41.97 -32.73 -28.81
C ASP D 456 43.22 -31.88 -28.69
N ILE D 457 43.16 -30.88 -27.82
CA ILE D 457 44.33 -30.05 -27.58
C ILE D 457 45.51 -30.89 -27.05
N LEU D 458 45.25 -31.75 -26.06
CA LEU D 458 46.33 -32.53 -25.45
C LEU D 458 46.92 -33.55 -26.43
N ALA D 459 46.06 -34.13 -27.26
CA ALA D 459 46.53 -35.08 -28.29
C ALA D 459 47.52 -34.44 -29.25
N ASP D 460 47.35 -33.14 -29.53
CA ASP D 460 48.18 -32.45 -30.52
C ASP D 460 49.25 -31.54 -29.94
N PHE D 461 49.32 -31.45 -28.61
CA PHE D 461 50.26 -30.52 -27.96
C PHE D 461 51.71 -30.96 -28.13
O1T PSZ E . -42.82 8.91 3.45
C3A PSZ E . -43.09 10.14 3.34
O2T PSZ E . -44.21 10.59 3.07
C2T PSZ E . -41.99 11.15 3.51
S PSZ E . -42.55 12.64 4.26
C5T PSZ E . -41.08 13.00 4.99
C4T PSZ E . -40.31 11.91 5.09
C3T PSZ E . -40.82 10.68 4.37
N4A PSZ E . -39.16 11.86 5.79
C4A PSZ E . -38.58 10.58 6.16
C4 PSZ E . -38.38 10.35 7.65
C3 PSZ E . -38.34 11.37 8.57
O3 PSZ E . -38.51 12.67 8.21
C2 PSZ E . -38.13 11.08 9.92
C2A PSZ E . -38.09 12.17 10.96
N1 PSZ E . -37.96 9.81 10.33
C6 PSZ E . -38.00 8.79 9.45
C5 PSZ E . -38.20 9.04 8.11
C5A PSZ E . -38.23 7.86 7.17
O4P PSZ E . -37.15 7.90 6.24
P PSZ E . -37.33 7.25 4.79
O3P PSZ E . -37.84 5.83 4.98
O1P PSZ E . -35.97 7.26 4.13
O2P PSZ E . -38.32 8.08 4.01
FE1 FES F . -34.55 0.94 4.26
FE2 FES F . -35.53 -0.72 2.25
S1 FES F . -33.84 0.71 2.16
S2 FES F . -36.26 -0.47 4.28
C1 GOL G . -41.25 -12.18 -17.50
O1 GOL G . -42.33 -12.62 -18.30
C2 GOL G . -40.31 -11.26 -18.27
O2 GOL G . -40.93 -10.79 -19.45
C3 GOL G . -39.03 -12.00 -18.64
O3 GOL G . -39.27 -12.79 -19.78
O1T PSZ H . -30.03 -12.21 7.19
C3A PSZ H . -30.53 -11.50 6.28
O2T PSZ H . -31.21 -10.48 6.53
C2T PSZ H . -30.26 -11.86 4.85
S PSZ H . -30.24 -13.60 4.55
C5T PSZ H . -30.79 -13.53 2.98
C4T PSZ H . -31.38 -12.36 2.75
C3T PSZ H . -31.29 -11.32 3.85
N4A PSZ H . -32.02 -12.09 1.59
C4A PSZ H . -32.90 -10.94 1.47
C4 PSZ H . -34.35 -11.29 1.13
C3 PSZ H . -34.73 -12.48 0.52
O3 PSZ H . -33.81 -13.43 0.19
C2 PSZ H . -36.07 -12.71 0.23
C2A PSZ H . -36.53 -13.99 -0.42
N1 PSZ H . -37.01 -11.79 0.54
C6 PSZ H . -36.67 -10.64 1.13
C5 PSZ H . -35.34 -10.36 1.43
C5A PSZ H . -35.01 -9.04 2.09
O4P PSZ H . -34.15 -8.27 1.26
P PSZ H . -33.17 -7.18 1.98
O3P PSZ H . -32.60 -6.35 0.84
O1P PSZ H . -32.10 -7.92 2.73
O2P PSZ H . -34.01 -6.38 2.94
C1 GOL I . 43.63 35.15 -6.90
O1 GOL I . 44.63 34.35 -6.30
C2 GOL I . 42.74 34.34 -7.83
O2 GOL I . 42.88 32.94 -7.67
C3 GOL I . 41.30 34.76 -7.58
O3 GOL I . 40.40 33.99 -8.34
FE1 FES J . 34.63 -1.31 -2.53
FE2 FES J . 35.42 1.07 -3.61
S1 FES J . 36.42 -0.11 -2.02
S2 FES J . 33.64 -0.11 -4.12
O1T PSZ K . 32.02 7.60 5.27
C3A PSZ K . 31.42 8.63 5.64
O2T PSZ K . 31.11 8.86 6.84
C2T PSZ K . 31.02 9.61 4.59
S PSZ K . 30.95 11.28 5.16
C5T PSZ K . 31.19 11.98 3.68
C4T PSZ K . 31.78 11.12 2.84
C3T PSZ K . 31.93 9.70 3.36
N4A PSZ K . 32.23 11.43 1.62
C4A PSZ K . 33.02 10.48 0.86
C4 PSZ K . 34.42 10.97 0.50
C3 PSZ K . 34.78 12.32 0.47
O3 PSZ K . 33.87 13.30 0.77
C2 PSZ K . 36.09 12.68 0.10
C2A PSZ K . 36.54 14.12 0.05
N1 PSZ K . 37.00 11.73 -0.19
C6 PSZ K . 36.68 10.44 -0.16
C5 PSZ K . 35.40 10.03 0.18
C5A PSZ K . 35.13 8.54 0.19
O4P PSZ K . 34.17 8.20 -0.79
P PSZ K . 33.28 6.88 -0.51
O3P PSZ K . 32.34 7.18 0.65
O1P PSZ K . 34.17 5.75 -0.08
O2P PSZ K . 32.53 6.63 -1.80
O1T PSZ L . 43.79 -9.16 -9.32
C3A PSZ L . 42.69 -8.90 -8.77
O2T PSZ L . 42.44 -7.86 -8.11
C2T PSZ L . 41.55 -9.84 -8.94
S PSZ L . 42.09 -11.50 -9.02
C5T PSZ L . 40.73 -12.19 -8.33
C4T PSZ L . 40.07 -11.28 -7.62
C3T PSZ L . 40.59 -9.86 -7.75
N4A PSZ L . 39.03 -11.59 -6.83
C4A PSZ L . 38.48 -10.65 -5.85
C4 PSZ L . 38.50 -11.16 -4.43
C3 PSZ L . 38.58 -12.51 -4.06
O3 PSZ L . 38.65 -13.51 -4.98
C2 PSZ L . 38.58 -12.86 -2.72
C2A PSZ L . 38.65 -14.31 -2.32
N1 PSZ L . 38.51 -11.93 -1.76
C6 PSZ L . 38.45 -10.64 -2.09
C5 PSZ L . 38.43 -10.23 -3.41
C5A PSZ L . 38.37 -8.75 -3.70
O4P PSZ L . 37.15 -8.38 -4.33
P PSZ L . 37.16 -7.10 -5.29
O3P PSZ L . 38.00 -7.42 -6.51
O1P PSZ L . 37.79 -5.97 -4.50
O2P PSZ L . 35.73 -6.82 -5.67
#